data_3QMI
# 
_entry.id   3QMI 
# 
_audit_conform.dict_name       mmcif_pdbx.dic 
_audit_conform.dict_version    5.379 
_audit_conform.dict_location   http://mmcif.pdb.org/dictionaries/ascii/mmcif_pdbx.dic 
# 
loop_
_database_2.database_id 
_database_2.database_code 
_database_2.pdbx_database_accession 
_database_2.pdbx_DOI 
PDB   3QMI         pdb_00003qmi 10.2210/pdb3qmi/pdb 
NDB   NA0951       ?            ?                   
RCSB  RCSB063831   ?            ?                   
WWPDB D_1000063831 ?            ?                   
# 
loop_
_pdbx_database_related.db_name 
_pdbx_database_related.db_id 
_pdbx_database_related.details 
_pdbx_database_related.content_type 
PDB 3QMB 'The same protein complexed with a different unmethylated CpG DNA.' unspecified 
PDB 3QMC 'The same protein complexed with a different unmethylated CpG DNA.' unspecified 
PDB 3QMD 'The same protein complexed with a different unmethylated CpG DNA.' unspecified 
PDB 3QMG 'The same protein complexed with a different unmethylated CpG DNA.' unspecified 
PDB 3QMH 'The same protein complexed with a different unmethylated CpG DNA.' unspecified 
# 
_pdbx_database_status.status_code                     REL 
_pdbx_database_status.entry_id                        3QMI 
_pdbx_database_status.recvd_initial_deposition_date   2011-02-04 
_pdbx_database_status.deposit_site                    RCSB 
_pdbx_database_status.process_site                    RCSB 
_pdbx_database_status.status_code_sf                  REL 
_pdbx_database_status.status_code_mr                  ? 
_pdbx_database_status.SG_entry                        Y 
_pdbx_database_status.status_code_cs                  ? 
_pdbx_database_status.pdb_format_compatible           Y 
_pdbx_database_status.status_code_nmr_data            ? 
_pdbx_database_status.methods_development_category    ? 
# 
loop_
_audit_author.name 
_audit_author.pdbx_ordinal 
'Xu, C.'                               1 
'Bian, C.'                             2 
'MacKenzie, F.'                        3 
'Bountra, C.'                          4 
'Weigelt, J.'                          5 
'Arrowsmith, C.H.'                     6 
'Edwards, A.M.'                        7 
'Min, J.'                              8 
'Structural Genomics Consortium (SGC)' 9 
# 
_citation.id                        primary 
_citation.title                     
'The structural basis for selective binding of non-methylated CpG islands by the CFP1 CXXC domain.' 
_citation.journal_abbrev            'Nat Commun' 
_citation.journal_volume            2 
_citation.page_first                227 
_citation.page_last                 227 
_citation.year                      2011 
_citation.journal_id_ASTM           ? 
_citation.country                   UK 
_citation.journal_id_ISSN           2041-1723 
_citation.journal_id_CSD            ? 
_citation.book_publisher            ? 
_citation.pdbx_database_id_PubMed   21407193 
_citation.pdbx_database_id_DOI      10.1038/ncomms1237 
# 
loop_
_citation_author.citation_id 
_citation_author.name 
_citation_author.ordinal 
_citation_author.identifier_ORCID 
primary 'Xu, C.'   1 ? 
primary 'Bian, C.' 2 ? 
primary 'Lam, R.'  3 ? 
primary 'Dong, A.' 4 ? 
primary 'Min, J.'  5 ? 
# 
_cell.entry_id           3QMI 
_cell.length_a           30.624 
_cell.length_b           75.009 
_cell.length_c           125.905 
_cell.angle_alpha        90.00 
_cell.angle_beta         90.00 
_cell.angle_gamma        90.00 
_cell.Z_PDB              16 
_cell.pdbx_unique_axis   ? 
_cell.length_a_esd       ? 
_cell.length_b_esd       ? 
_cell.length_c_esd       ? 
_cell.angle_alpha_esd    ? 
_cell.angle_beta_esd     ? 
_cell.angle_gamma_esd    ? 
# 
_symmetry.entry_id                         3QMI 
_symmetry.space_group_name_H-M             'C 2 2 21' 
_symmetry.pdbx_full_space_group_name_H-M   ? 
_symmetry.cell_setting                     ? 
_symmetry.Int_Tables_number                20 
_symmetry.space_group_name_Hall            ? 
# 
loop_
_entity.id 
_entity.type 
_entity.src_method 
_entity.pdbx_description 
_entity.formula_weight 
_entity.pdbx_number_of_molecules 
_entity.pdbx_ec 
_entity.pdbx_mutation 
_entity.pdbx_fragment 
_entity.details 
1 polymer     man 'CpG-binding protein'                          9527.962 1  ? ? 'CXXC-type Zn finger, residues 161-222' ? 
2 polymer     syn "5'-D(*GP*CP*CP*AP*AP*CP*GP*TP*TP*GP*GP*C)-3'" 3663.392 2  ? ? 'DNA (nonmethylated CpG island)'        ? 
3 non-polymer syn 'ZINC ION'                                     65.409   2  ? ? ?                                       ? 
4 non-polymer syn 'DI(HYDROXYETHYL)ETHER'                        106.120  2  ? ? ?                                       ? 
5 non-polymer syn 'PHOSPHATE ION'                                94.971   1  ? ? ?                                       ? 
6 water       nat water                                          18.015   33 ? ? ?                                       ? 
# 
_entity_name_com.entity_id   1 
_entity_name_com.name        'CXXC-type zinc finger protein 1, PHD finger and CXXC domain-containing protein 1' 
# 
loop_
_entity_poly.entity_id 
_entity_poly.type 
_entity_poly.nstd_linkage 
_entity_poly.nstd_monomer 
_entity_poly.pdbx_seq_one_letter_code 
_entity_poly.pdbx_seq_one_letter_code_can 
_entity_poly.pdbx_strand_id 
_entity_poly.pdbx_target_identifier 
1 'polypeptide(L)'        no no MHHHHHHSSRENLYFQGQIKRSARMCGECEACRRTEDCGHCDFCRDMKKFGGPNKIRQKCRLRQCQLRARESYKYFPSS 
MHHHHHHSSRENLYFQGQIKRSARMCGECEACRRTEDCGHCDFCRDMKKFGGPNKIRQKCRLRQCQLRARESYKYFPSS A   ? 
2 polydeoxyribonucleotide no no '(DG)(DC)(DC)(DA)(DA)(DC)(DG)(DT)(DT)(DG)(DG)(DC)'                              GCCAACGTTGGC B,C ? 
# 
loop_
_entity_poly_seq.entity_id 
_entity_poly_seq.num 
_entity_poly_seq.mon_id 
_entity_poly_seq.hetero 
1 1  MET n 
1 2  HIS n 
1 3  HIS n 
1 4  HIS n 
1 5  HIS n 
1 6  HIS n 
1 7  HIS n 
1 8  SER n 
1 9  SER n 
1 10 ARG n 
1 11 GLU n 
1 12 ASN n 
1 13 LEU n 
1 14 TYR n 
1 15 PHE n 
1 16 GLN n 
1 17 GLY n 
1 18 GLN n 
1 19 ILE n 
1 20 LYS n 
1 21 ARG n 
1 22 SER n 
1 23 ALA n 
1 24 ARG n 
1 25 MET n 
1 26 CYS n 
1 27 GLY n 
1 28 GLU n 
1 29 CYS n 
1 30 GLU n 
1 31 ALA n 
1 32 CYS n 
1 33 ARG n 
1 34 ARG n 
1 35 THR n 
1 36 GLU n 
1 37 ASP n 
1 38 CYS n 
1 39 GLY n 
1 40 HIS n 
1 41 CYS n 
1 42 ASP n 
1 43 PHE n 
1 44 CYS n 
1 45 ARG n 
1 46 ASP n 
1 47 MET n 
1 48 LYS n 
1 49 LYS n 
1 50 PHE n 
1 51 GLY n 
1 52 GLY n 
1 53 PRO n 
1 54 ASN n 
1 55 LYS n 
1 56 ILE n 
1 57 ARG n 
1 58 GLN n 
1 59 LYS n 
1 60 CYS n 
1 61 ARG n 
1 62 LEU n 
1 63 ARG n 
1 64 GLN n 
1 65 CYS n 
1 66 GLN n 
1 67 LEU n 
1 68 ARG n 
1 69 ALA n 
1 70 ARG n 
1 71 GLU n 
1 72 SER n 
1 73 TYR n 
1 74 LYS n 
1 75 TYR n 
1 76 PHE n 
1 77 PRO n 
1 78 SER n 
1 79 SER n 
2 1  DG  n 
2 2  DC  n 
2 3  DC  n 
2 4  DA  n 
2 5  DA  n 
2 6  DC  n 
2 7  DG  n 
2 8  DT  n 
2 9  DT  n 
2 10 DG  n 
2 11 DG  n 
2 12 DC  n 
# 
_entity_src_gen.entity_id                          1 
_entity_src_gen.pdbx_src_id                        1 
_entity_src_gen.pdbx_alt_source_flag               sample 
_entity_src_gen.pdbx_seq_type                      ? 
_entity_src_gen.pdbx_beg_seq_num                   ? 
_entity_src_gen.pdbx_end_seq_num                   ? 
_entity_src_gen.gene_src_common_name               human 
_entity_src_gen.gene_src_genus                     ? 
_entity_src_gen.pdbx_gene_src_gene                 'CFP1, CGBP, CXXC1, PCCX1, PHF18' 
_entity_src_gen.gene_src_species                   ? 
_entity_src_gen.gene_src_strain                    ? 
_entity_src_gen.gene_src_tissue                    ? 
_entity_src_gen.gene_src_tissue_fraction           ? 
_entity_src_gen.gene_src_details                   ? 
_entity_src_gen.pdbx_gene_src_fragment             ? 
_entity_src_gen.pdbx_gene_src_scientific_name      'Homo sapiens' 
_entity_src_gen.pdbx_gene_src_ncbi_taxonomy_id     9606 
_entity_src_gen.pdbx_gene_src_variant              ? 
_entity_src_gen.pdbx_gene_src_cell_line            ? 
_entity_src_gen.pdbx_gene_src_atcc                 ? 
_entity_src_gen.pdbx_gene_src_organ                ? 
_entity_src_gen.pdbx_gene_src_organelle            ? 
_entity_src_gen.pdbx_gene_src_cell                 ? 
_entity_src_gen.pdbx_gene_src_cellular_location    ? 
_entity_src_gen.host_org_common_name               ? 
_entity_src_gen.pdbx_host_org_scientific_name      'Escherichia coli' 
_entity_src_gen.pdbx_host_org_ncbi_taxonomy_id     511693 
_entity_src_gen.host_org_genus                     ? 
_entity_src_gen.pdbx_host_org_gene                 ? 
_entity_src_gen.pdbx_host_org_organ                ? 
_entity_src_gen.host_org_species                   ? 
_entity_src_gen.pdbx_host_org_tissue               ? 
_entity_src_gen.pdbx_host_org_tissue_fraction      ? 
_entity_src_gen.pdbx_host_org_strain               BL21 
_entity_src_gen.pdbx_host_org_variant              ? 
_entity_src_gen.pdbx_host_org_cell_line            ? 
_entity_src_gen.pdbx_host_org_atcc                 ? 
_entity_src_gen.pdbx_host_org_culture_collection   ? 
_entity_src_gen.pdbx_host_org_cell                 ? 
_entity_src_gen.pdbx_host_org_organelle            ? 
_entity_src_gen.pdbx_host_org_cellular_location    ? 
_entity_src_gen.pdbx_host_org_vector_type          plasmid 
_entity_src_gen.pdbx_host_org_vector               ? 
_entity_src_gen.host_org_details                   ? 
_entity_src_gen.expression_system_id               ? 
_entity_src_gen.plasmid_name                       BL21-V2R-pRARE2 
_entity_src_gen.plasmid_details                    ? 
_entity_src_gen.pdbx_description                   ? 
# 
loop_
_struct_ref.id 
_struct_ref.db_name 
_struct_ref.db_code 
_struct_ref.pdbx_db_accession 
_struct_ref.entity_id 
_struct_ref.pdbx_seq_one_letter_code 
_struct_ref.pdbx_align_begin 
_struct_ref.pdbx_db_isoform 
1 UNP CXXC1_HUMAN Q9P0U4 1 QIKRSARMCGECEACRRTEDCGHCDFCRDMKKFGGPNKIRQKCRLRQCQLRARESYKYFPSS 161 ? 
2 PDB 3QMI        3QMI   2 GCCAACGTTGGC                                                   ?   ? 
# 
loop_
_struct_ref_seq.align_id 
_struct_ref_seq.ref_id 
_struct_ref_seq.pdbx_PDB_id_code 
_struct_ref_seq.pdbx_strand_id 
_struct_ref_seq.seq_align_beg 
_struct_ref_seq.pdbx_seq_align_beg_ins_code 
_struct_ref_seq.seq_align_end 
_struct_ref_seq.pdbx_seq_align_end_ins_code 
_struct_ref_seq.pdbx_db_accession 
_struct_ref_seq.db_align_beg 
_struct_ref_seq.pdbx_db_align_beg_ins_code 
_struct_ref_seq.db_align_end 
_struct_ref_seq.pdbx_db_align_end_ins_code 
_struct_ref_seq.pdbx_auth_seq_align_beg 
_struct_ref_seq.pdbx_auth_seq_align_end 
1 1 3QMI A 18 ? 79 ? Q9P0U4 161 ? 222 ? 161 222 
2 2 3QMI B 1  ? 12 ? 3QMI   1   ? 12  ? 1   12  
3 2 3QMI C 1  ? 12 ? 3QMI   1   ? 12  ? 1   12  
# 
loop_
_struct_ref_seq_dif.align_id 
_struct_ref_seq_dif.pdbx_pdb_id_code 
_struct_ref_seq_dif.mon_id 
_struct_ref_seq_dif.pdbx_pdb_strand_id 
_struct_ref_seq_dif.seq_num 
_struct_ref_seq_dif.pdbx_pdb_ins_code 
_struct_ref_seq_dif.pdbx_seq_db_name 
_struct_ref_seq_dif.pdbx_seq_db_accession_code 
_struct_ref_seq_dif.db_mon_id 
_struct_ref_seq_dif.pdbx_seq_db_seq_num 
_struct_ref_seq_dif.details 
_struct_ref_seq_dif.pdbx_auth_seq_num 
_struct_ref_seq_dif.pdbx_ordinal 
1 3QMI MET A 1  ? UNP Q9P0U4 ? ? 'expression tag' 144 1  
1 3QMI HIS A 2  ? UNP Q9P0U4 ? ? 'expression tag' 145 2  
1 3QMI HIS A 3  ? UNP Q9P0U4 ? ? 'expression tag' 146 3  
1 3QMI HIS A 4  ? UNP Q9P0U4 ? ? 'expression tag' 147 4  
1 3QMI HIS A 5  ? UNP Q9P0U4 ? ? 'expression tag' 148 5  
1 3QMI HIS A 6  ? UNP Q9P0U4 ? ? 'expression tag' 149 6  
1 3QMI HIS A 7  ? UNP Q9P0U4 ? ? 'expression tag' 150 7  
1 3QMI SER A 8  ? UNP Q9P0U4 ? ? 'expression tag' 151 8  
1 3QMI SER A 9  ? UNP Q9P0U4 ? ? 'expression tag' 152 9  
1 3QMI ARG A 10 ? UNP Q9P0U4 ? ? 'expression tag' 153 10 
1 3QMI GLU A 11 ? UNP Q9P0U4 ? ? 'expression tag' 154 11 
1 3QMI ASN A 12 ? UNP Q9P0U4 ? ? 'expression tag' 155 12 
1 3QMI LEU A 13 ? UNP Q9P0U4 ? ? 'expression tag' 156 13 
1 3QMI TYR A 14 ? UNP Q9P0U4 ? ? 'expression tag' 157 14 
1 3QMI PHE A 15 ? UNP Q9P0U4 ? ? 'expression tag' 158 15 
1 3QMI GLN A 16 ? UNP Q9P0U4 ? ? 'expression tag' 159 16 
1 3QMI GLY A 17 ? UNP Q9P0U4 ? ? 'expression tag' 160 17 
# 
loop_
_chem_comp.id 
_chem_comp.type 
_chem_comp.mon_nstd_flag 
_chem_comp.name 
_chem_comp.pdbx_synonyms 
_chem_comp.formula 
_chem_comp.formula_weight 
ALA 'L-peptide linking' y ALANINE                              ? 'C3 H7 N O2'      89.093  
ARG 'L-peptide linking' y ARGININE                             ? 'C6 H15 N4 O2 1'  175.209 
ASN 'L-peptide linking' y ASPARAGINE                           ? 'C4 H8 N2 O3'     132.118 
ASP 'L-peptide linking' y 'ASPARTIC ACID'                      ? 'C4 H7 N O4'      133.103 
CYS 'L-peptide linking' y CYSTEINE                             ? 'C3 H7 N O2 S'    121.158 
DA  'DNA linking'       y "2'-DEOXYADENOSINE-5'-MONOPHOSPHATE" ? 'C10 H14 N5 O6 P' 331.222 
DC  'DNA linking'       y "2'-DEOXYCYTIDINE-5'-MONOPHOSPHATE"  ? 'C9 H14 N3 O7 P'  307.197 
DG  'DNA linking'       y "2'-DEOXYGUANOSINE-5'-MONOPHOSPHATE" ? 'C10 H14 N5 O7 P' 347.221 
DT  'DNA linking'       y "THYMIDINE-5'-MONOPHOSPHATE"         ? 'C10 H15 N2 O8 P' 322.208 
GLN 'L-peptide linking' y GLUTAMINE                            ? 'C5 H10 N2 O3'    146.144 
GLU 'L-peptide linking' y 'GLUTAMIC ACID'                      ? 'C5 H9 N O4'      147.129 
GLY 'peptide linking'   y GLYCINE                              ? 'C2 H5 N O2'      75.067  
HIS 'L-peptide linking' y HISTIDINE                            ? 'C6 H10 N3 O2 1'  156.162 
HOH non-polymer         . WATER                                ? 'H2 O'            18.015  
ILE 'L-peptide linking' y ISOLEUCINE                           ? 'C6 H13 N O2'     131.173 
LEU 'L-peptide linking' y LEUCINE                              ? 'C6 H13 N O2'     131.173 
LYS 'L-peptide linking' y LYSINE                               ? 'C6 H15 N2 O2 1'  147.195 
MET 'L-peptide linking' y METHIONINE                           ? 'C5 H11 N O2 S'   149.211 
PEG non-polymer         . 'DI(HYDROXYETHYL)ETHER'              ? 'C4 H10 O3'       106.120 
PHE 'L-peptide linking' y PHENYLALANINE                        ? 'C9 H11 N O2'     165.189 
PO4 non-polymer         . 'PHOSPHATE ION'                      ? 'O4 P -3'         94.971  
PRO 'L-peptide linking' y PROLINE                              ? 'C5 H9 N O2'      115.130 
SER 'L-peptide linking' y SERINE                               ? 'C3 H7 N O3'      105.093 
THR 'L-peptide linking' y THREONINE                            ? 'C4 H9 N O3'      119.119 
TYR 'L-peptide linking' y TYROSINE                             ? 'C9 H11 N O3'     181.189 
ZN  non-polymer         . 'ZINC ION'                           ? 'Zn 2'            65.409  
# 
_exptl.entry_id          3QMI 
_exptl.method            'X-RAY DIFFRACTION' 
_exptl.crystals_number   1 
# 
_exptl_crystal.id                    1 
_exptl_crystal.density_meas          ? 
_exptl_crystal.density_Matthews      2.14 
_exptl_crystal.density_percent_sol   42.65 
_exptl_crystal.description           ? 
_exptl_crystal.F_000                 ? 
_exptl_crystal.preparation           ? 
# 
_diffrn.id                     1 
_diffrn.ambient_temp           100 
_diffrn.ambient_temp_details   ? 
_diffrn.crystal_id             1 
# 
_diffrn_detector.diffrn_id              1 
_diffrn_detector.detector               CCD 
_diffrn_detector.type                   'ADSC QUANTUM 315' 
_diffrn_detector.pdbx_collection_date   2010-12-08 
_diffrn_detector.details                ? 
# 
_diffrn_radiation.diffrn_id                        1 
_diffrn_radiation.wavelength_id                    1 
_diffrn_radiation.pdbx_monochromatic_or_laue_m_l   M 
_diffrn_radiation.monochromator                    ? 
_diffrn_radiation.pdbx_diffrn_protocol             'SINGLE WAVELENGTH' 
_diffrn_radiation.pdbx_scattering_type             x-ray 
# 
_diffrn_radiation_wavelength.id           1 
_diffrn_radiation_wavelength.wavelength   0.97924 
_diffrn_radiation_wavelength.wt           1.0 
# 
_diffrn_source.diffrn_id                   1 
_diffrn_source.source                      SYNCHROTRON 
_diffrn_source.type                        'APS BEAMLINE 19-ID' 
_diffrn_source.pdbx_synchrotron_site       APS 
_diffrn_source.pdbx_synchrotron_beamline   19-ID 
_diffrn_source.pdbx_wavelength             ? 
_diffrn_source.pdbx_wavelength_list        0.97924 
# 
_reflns.entry_id                     3QMI 
_reflns.observed_criterion_sigma_I   ? 
_reflns.observed_criterion_sigma_F   ? 
_reflns.d_resolution_low             100.000 
_reflns.d_resolution_high            2.100 
_reflns.number_obs                   8362 
_reflns.number_all                   ? 
_reflns.percent_possible_obs         ? 
_reflns.pdbx_Rmerge_I_obs            ? 
_reflns.pdbx_Rsym_value              ? 
_reflns.pdbx_netI_over_sigmaI        ? 
_reflns.B_iso_Wilson_estimate        ? 
_reflns.pdbx_redundancy              ? 
_reflns.R_free_details               ? 
_reflns.pdbx_chi_squared             ? 
_reflns.pdbx_scaling_rejects         ? 
_reflns.pdbx_diffrn_id               1 
_reflns.pdbx_ordinal                 1 
# 
_refine.pdbx_refine_id                           'X-RAY DIFFRACTION' 
_refine.entry_id                                 3QMI 
_refine.ls_number_reflns_obs                     8362 
_refine.ls_number_reflns_all                     ? 
_refine.pdbx_ls_sigma_I                          ? 
_refine.pdbx_ls_sigma_F                          ? 
_refine.pdbx_data_cutoff_high_absF               ? 
_refine.pdbx_data_cutoff_low_absF                ? 
_refine.pdbx_data_cutoff_high_rms_absF           ? 
_refine.ls_d_res_low                             37.50 
_refine.ls_d_res_high                            2.10 
_refine.ls_percent_reflns_obs                    99.2 
_refine.ls_R_factor_obs                          0.209 
_refine.ls_R_factor_all                          ? 
_refine.ls_R_factor_R_work                       0.207 
_refine.ls_R_factor_R_free                       0.258 
_refine.ls_R_factor_R_free_error                 ? 
_refine.ls_R_factor_R_free_error_details         ? 
_refine.ls_percent_reflns_R_free                 4.800 
_refine.ls_number_reflns_R_free                  420 
_refine.ls_number_parameters                     ? 
_refine.ls_number_restraints                     ? 
_refine.occupancy_min                            ? 
_refine.occupancy_max                            ? 
_refine.correlation_coeff_Fo_to_Fc               0.953 
_refine.correlation_coeff_Fo_to_Fc_free          0.939 
_refine.B_iso_mean                               19.21 
_refine.aniso_B[1][1]                            -0.17000 
_refine.aniso_B[2][2]                            0.13000 
_refine.aniso_B[3][3]                            0.04000 
_refine.aniso_B[1][2]                            0.00000 
_refine.aniso_B[1][3]                            0.00000 
_refine.aniso_B[2][3]                            0.00000 
_refine.solvent_model_details                    MASK 
_refine.solvent_model_param_ksol                 ? 
_refine.solvent_model_param_bsol                 ? 
_refine.pdbx_solvent_vdw_probe_radii             1.40 
_refine.pdbx_solvent_ion_probe_radii             0.80 
_refine.pdbx_solvent_shrinkage_radii             0.80 
_refine.pdbx_ls_cross_valid_method               THROUGHOUT 
_refine.details                                  'HYDROGENS HAVE BEEN ADDED IN THE RIDING POSITIONS' 
_refine.pdbx_starting_model                      3QMB 
_refine.pdbx_method_to_determine_struct          'MOLECULAR REPLACEMENT' 
_refine.pdbx_isotropic_thermal_model             ? 
_refine.pdbx_stereochemistry_target_values       'MAXIMUM LIKELIHOOD' 
_refine.pdbx_stereochem_target_val_spec_case     ? 
_refine.pdbx_R_Free_selection_details            RANDOM 
_refine.pdbx_overall_ESU_R_Free                  0.186 
_refine.overall_SU_ML                            0.124 
_refine.pdbx_overall_phase_error                 ? 
_refine.overall_SU_B                             10.463 
_refine.overall_SU_R_Cruickshank_DPI             ? 
_refine.pdbx_overall_SU_R_free_Cruickshank_DPI   ? 
_refine.pdbx_overall_SU_R_Blow_DPI               ? 
_refine.pdbx_overall_SU_R_free_Blow_DPI          ? 
_refine.ls_redundancy_reflns_obs                 ? 
_refine.pdbx_overall_ESU_R                       ? 
_refine.overall_SU_R_free                        ? 
_refine.ls_wR_factor_R_free                      ? 
_refine.ls_wR_factor_R_work                      ? 
_refine.overall_FOM_free_R_set                   ? 
_refine.overall_FOM_work_R_set                   ? 
_refine.pdbx_diffrn_id                           1 
_refine.pdbx_TLS_residual_ADP_flag               ? 
# 
_refine_hist.pdbx_refine_id                   'X-RAY DIFFRACTION' 
_refine_hist.cycle_id                         LAST 
_refine_hist.pdbx_number_atoms_protein        402 
_refine_hist.pdbx_number_atoms_nucleic_acid   486 
_refine_hist.pdbx_number_atoms_ligand         21 
_refine_hist.number_atoms_solvent             33 
_refine_hist.number_atoms_total               942 
_refine_hist.d_res_high                       2.10 
_refine_hist.d_res_low                        37.50 
# 
loop_
_refine_ls_restr.type 
_refine_ls_restr.dev_ideal 
_refine_ls_restr.dev_ideal_target 
_refine_ls_restr.weight 
_refine_ls_restr.number 
_refine_ls_restr.pdbx_refine_id 
_refine_ls_restr.pdbx_restraint_function 
r_bond_refined_d             0.005  0.021  ? 970  'X-RAY DIFFRACTION' ? 
r_bond_other_d               ?      ?      ? ?    'X-RAY DIFFRACTION' ? 
r_angle_refined_deg          1.361  2.596  ? 1394 'X-RAY DIFFRACTION' ? 
r_angle_other_deg            ?      ?      ? ?    'X-RAY DIFFRACTION' ? 
r_dihedral_angle_1_deg       8.157  5.000  ? 51   'X-RAY DIFFRACTION' ? 
r_dihedral_angle_2_deg       31.595 20.476 ? 21   'X-RAY DIFFRACTION' ? 
r_dihedral_angle_3_deg       14.193 15.000 ? 78   'X-RAY DIFFRACTION' ? 
r_dihedral_angle_4_deg       16.281 15.000 ? 8    'X-RAY DIFFRACTION' ? 
r_chiral_restr               0.078  0.200  ? 146  'X-RAY DIFFRACTION' ? 
r_gen_planes_refined         0.022  0.020  ? 564  'X-RAY DIFFRACTION' ? 
r_gen_planes_other           ?      ?      ? ?    'X-RAY DIFFRACTION' ? 
r_nbd_refined                ?      ?      ? ?    'X-RAY DIFFRACTION' ? 
r_nbd_other                  ?      ?      ? ?    'X-RAY DIFFRACTION' ? 
r_nbtor_refined              ?      ?      ? ?    'X-RAY DIFFRACTION' ? 
r_nbtor_other                ?      ?      ? ?    'X-RAY DIFFRACTION' ? 
r_xyhbond_nbd_refined        ?      ?      ? ?    'X-RAY DIFFRACTION' ? 
r_xyhbond_nbd_other          ?      ?      ? ?    'X-RAY DIFFRACTION' ? 
r_metal_ion_refined          ?      ?      ? ?    'X-RAY DIFFRACTION' ? 
r_metal_ion_other            ?      ?      ? ?    'X-RAY DIFFRACTION' ? 
r_symmetry_vdw_refined       ?      ?      ? ?    'X-RAY DIFFRACTION' ? 
r_symmetry_vdw_other         ?      ?      ? ?    'X-RAY DIFFRACTION' ? 
r_symmetry_hbond_refined     ?      ?      ? ?    'X-RAY DIFFRACTION' ? 
r_symmetry_hbond_other       ?      ?      ? ?    'X-RAY DIFFRACTION' ? 
r_symmetry_metal_ion_refined ?      ?      ? ?    'X-RAY DIFFRACTION' ? 
r_symmetry_metal_ion_other   ?      ?      ? ?    'X-RAY DIFFRACTION' ? 
r_mcbond_it                  1.564  1.500  ? 256  'X-RAY DIFFRACTION' ? 
r_mcbond_other               ?      ?      ? ?    'X-RAY DIFFRACTION' ? 
r_mcangle_it                 2.231  2.000  ? 399  'X-RAY DIFFRACTION' ? 
r_scbond_it                  3.559  3.000  ? 714  'X-RAY DIFFRACTION' ? 
r_scangle_it                 4.679  4.500  ? 995  'X-RAY DIFFRACTION' ? 
r_rigid_bond_restr           ?      ?      ? ?    'X-RAY DIFFRACTION' ? 
r_sphericity_free            ?      ?      ? ?    'X-RAY DIFFRACTION' ? 
r_sphericity_bonded          ?      ?      ? ?    'X-RAY DIFFRACTION' ? 
# 
_refine_ls_shell.pdbx_refine_id                   'X-RAY DIFFRACTION' 
_refine_ls_shell.pdbx_total_number_of_bins_used   20 
_refine_ls_shell.d_res_high                       2.10 
_refine_ls_shell.d_res_low                        2.15 
_refine_ls_shell.number_reflns_R_work             558 
_refine_ls_shell.R_factor_R_work                  0.2780 
_refine_ls_shell.percent_reflns_obs               91.67 
_refine_ls_shell.R_factor_R_free                  0.2170 
_refine_ls_shell.R_factor_R_free_error            ? 
_refine_ls_shell.percent_reflns_R_free            ? 
_refine_ls_shell.number_reflns_R_free             25 
_refine_ls_shell.number_reflns_all                ? 
_refine_ls_shell.R_factor_all                     ? 
_refine_ls_shell.redundancy_reflns_obs            ? 
_refine_ls_shell.number_reflns_obs                ? 
# 
_struct.entry_id                  3QMI 
_struct.title                     
'Structural Basis of Selective Binding of Non-Methylated CpG islands (DNA-ACGT) by the CXXC Domain of CFP1' 
_struct.pdbx_model_details        ? 
_struct.pdbx_CASP_flag            ? 
_struct.pdbx_model_type_details   ? 
# 
_struct_keywords.entry_id        3QMI 
_struct_keywords.pdbx_keywords   'DNA BINDING PROTEIN/DNA' 
_struct_keywords.text            'Structural Genomics Consortium, SGC, DNA BINDING, DNA BINDING PROTEIN-DNA complex' 
# 
loop_
_struct_asym.id 
_struct_asym.pdbx_blank_PDB_chainid_flag 
_struct_asym.pdbx_modified 
_struct_asym.entity_id 
_struct_asym.details 
A N N 1 ? 
B N N 2 ? 
C N N 2 ? 
D N N 3 ? 
E N N 3 ? 
F N N 4 ? 
G N N 4 ? 
H N N 5 ? 
I N N 6 ? 
J N N 6 ? 
K N N 6 ? 
# 
_struct_biol.id        1 
_struct_biol.details   ? 
# 
loop_
_struct_conf.conf_type_id 
_struct_conf.id 
_struct_conf.pdbx_PDB_helix_id 
_struct_conf.beg_label_comp_id 
_struct_conf.beg_label_asym_id 
_struct_conf.beg_label_seq_id 
_struct_conf.pdbx_beg_PDB_ins_code 
_struct_conf.end_label_comp_id 
_struct_conf.end_label_asym_id 
_struct_conf.end_label_seq_id 
_struct_conf.pdbx_end_PDB_ins_code 
_struct_conf.beg_auth_comp_id 
_struct_conf.beg_auth_asym_id 
_struct_conf.beg_auth_seq_id 
_struct_conf.end_auth_comp_id 
_struct_conf.end_auth_asym_id 
_struct_conf.end_auth_seq_id 
_struct_conf.pdbx_PDB_helix_class 
_struct_conf.details 
_struct_conf.pdbx_PDB_helix_length 
HELX_P HELX_P1 1 CYS A 29 ? ARG A 34 ? CYS A 172 ARG A 177 1 ? 6 
HELX_P HELX_P2 2 CYS A 41 ? MET A 47 ? CYS A 184 MET A 190 1 ? 7 
HELX_P HELX_P3 3 LYS A 48 ? GLY A 51 ? LYS A 191 GLY A 194 5 ? 4 
HELX_P HELX_P4 4 CYS A 60 ? GLN A 64 ? CYS A 203 GLN A 207 5 ? 5 
HELX_P HELX_P5 5 ARG A 70 ? LYS A 74 ? ARG A 213 LYS A 217 5 ? 5 
# 
_struct_conf_type.id          HELX_P 
_struct_conf_type.criteria    ? 
_struct_conf_type.reference   ? 
# 
loop_
_struct_conn.id 
_struct_conn.conn_type_id 
_struct_conn.pdbx_leaving_atom_flag 
_struct_conn.pdbx_PDB_id 
_struct_conn.ptnr1_label_asym_id 
_struct_conn.ptnr1_label_comp_id 
_struct_conn.ptnr1_label_seq_id 
_struct_conn.ptnr1_label_atom_id 
_struct_conn.pdbx_ptnr1_label_alt_id 
_struct_conn.pdbx_ptnr1_PDB_ins_code 
_struct_conn.pdbx_ptnr1_standard_comp_id 
_struct_conn.ptnr1_symmetry 
_struct_conn.ptnr2_label_asym_id 
_struct_conn.ptnr2_label_comp_id 
_struct_conn.ptnr2_label_seq_id 
_struct_conn.ptnr2_label_atom_id 
_struct_conn.pdbx_ptnr2_label_alt_id 
_struct_conn.pdbx_ptnr2_PDB_ins_code 
_struct_conn.ptnr1_auth_asym_id 
_struct_conn.ptnr1_auth_comp_id 
_struct_conn.ptnr1_auth_seq_id 
_struct_conn.ptnr2_auth_asym_id 
_struct_conn.ptnr2_auth_comp_id 
_struct_conn.ptnr2_auth_seq_id 
_struct_conn.ptnr2_symmetry 
_struct_conn.pdbx_ptnr3_label_atom_id 
_struct_conn.pdbx_ptnr3_label_seq_id 
_struct_conn.pdbx_ptnr3_label_comp_id 
_struct_conn.pdbx_ptnr3_label_asym_id 
_struct_conn.pdbx_ptnr3_label_alt_id 
_struct_conn.pdbx_ptnr3_PDB_ins_code 
_struct_conn.details 
_struct_conn.pdbx_dist_value 
_struct_conn.pdbx_value_order 
_struct_conn.pdbx_role 
metalc1  metalc ? ? A CYS 26 SG ? ? ? 1_555 D ZN .  ZN ? ? A CYS 169 A ZN 300 1_555 ? ? ? ? ? ? ?            2.397 ? ? 
metalc2  metalc ? ? A CYS 29 SG ? ? ? 1_555 D ZN .  ZN ? ? A CYS 172 A ZN 300 1_555 ? ? ? ? ? ? ?            2.351 ? ? 
metalc3  metalc ? ? A CYS 32 SG ? ? ? 1_555 D ZN .  ZN ? ? A CYS 175 A ZN 300 1_555 ? ? ? ? ? ? ?            2.345 ? ? 
metalc4  metalc ? ? A CYS 38 SG ? ? ? 1_555 E ZN .  ZN ? ? A CYS 181 A ZN 301 1_555 ? ? ? ? ? ? ?            2.312 ? ? 
metalc5  metalc ? ? A CYS 41 SG ? ? ? 1_555 E ZN .  ZN ? ? A CYS 184 A ZN 301 1_555 ? ? ? ? ? ? ?            2.339 ? ? 
metalc6  metalc ? ? A CYS 44 SG ? ? ? 1_555 E ZN .  ZN ? ? A CYS 187 A ZN 301 1_555 ? ? ? ? ? ? ?            2.429 ? ? 
metalc7  metalc ? ? A CYS 60 SG ? ? ? 1_555 E ZN .  ZN ? ? A CYS 203 A ZN 301 1_555 ? ? ? ? ? ? ?            2.301 ? ? 
metalc8  metalc ? ? A CYS 65 SG ? ? ? 1_555 D ZN .  ZN ? ? A CYS 208 A ZN 300 1_555 ? ? ? ? ? ? ?            2.335 ? ? 
hydrog1  hydrog ? ? B DG  1  N1 ? ? ? 1_555 C DC 12 N3 ? ? B DG  1   C DC 12  1_555 ? ? ? ? ? ? WATSON-CRICK ?     ? ? 
hydrog2  hydrog ? ? B DG  1  N2 ? ? ? 1_555 C DC 12 O2 ? ? B DG  1   C DC 12  1_555 ? ? ? ? ? ? WATSON-CRICK ?     ? ? 
hydrog3  hydrog ? ? B DG  1  O6 ? ? ? 1_555 C DC 12 N4 ? ? B DG  1   C DC 12  1_555 ? ? ? ? ? ? WATSON-CRICK ?     ? ? 
hydrog4  hydrog ? ? B DC  2  N3 ? ? ? 1_555 C DG 11 N1 ? ? B DC  2   C DG 11  1_555 ? ? ? ? ? ? WATSON-CRICK ?     ? ? 
hydrog5  hydrog ? ? B DC  2  N4 ? ? ? 1_555 C DG 11 O6 ? ? B DC  2   C DG 11  1_555 ? ? ? ? ? ? WATSON-CRICK ?     ? ? 
hydrog6  hydrog ? ? B DC  2  O2 ? ? ? 1_555 C DG 11 N2 ? ? B DC  2   C DG 11  1_555 ? ? ? ? ? ? WATSON-CRICK ?     ? ? 
hydrog7  hydrog ? ? B DC  3  N3 ? ? ? 1_555 C DG 10 N1 ? ? B DC  3   C DG 10  1_555 ? ? ? ? ? ? WATSON-CRICK ?     ? ? 
hydrog8  hydrog ? ? B DC  3  N4 ? ? ? 1_555 C DG 10 O6 ? ? B DC  3   C DG 10  1_555 ? ? ? ? ? ? WATSON-CRICK ?     ? ? 
hydrog9  hydrog ? ? B DC  3  O2 ? ? ? 1_555 C DG 10 N2 ? ? B DC  3   C DG 10  1_555 ? ? ? ? ? ? WATSON-CRICK ?     ? ? 
hydrog10 hydrog ? ? B DA  4  N1 ? ? ? 1_555 C DT 9  N3 ? ? B DA  4   C DT 9   1_555 ? ? ? ? ? ? WATSON-CRICK ?     ? ? 
hydrog11 hydrog ? ? B DA  4  N6 ? ? ? 1_555 C DT 9  O4 ? ? B DA  4   C DT 9   1_555 ? ? ? ? ? ? WATSON-CRICK ?     ? ? 
hydrog12 hydrog ? ? B DA  5  N1 ? ? ? 1_555 C DT 8  N3 ? ? B DA  5   C DT 8   1_555 ? ? ? ? ? ? WATSON-CRICK ?     ? ? 
hydrog13 hydrog ? ? B DA  5  N6 ? ? ? 1_555 C DT 8  O4 ? ? B DA  5   C DT 8   1_555 ? ? ? ? ? ? WATSON-CRICK ?     ? ? 
hydrog14 hydrog ? ? B DC  6  N3 ? ? ? 1_555 C DG 7  N1 ? ? B DC  6   C DG 7   1_555 ? ? ? ? ? ? WATSON-CRICK ?     ? ? 
hydrog15 hydrog ? ? B DC  6  N4 ? ? ? 1_555 C DG 7  O6 ? ? B DC  6   C DG 7   1_555 ? ? ? ? ? ? WATSON-CRICK ?     ? ? 
hydrog16 hydrog ? ? B DC  6  O2 ? ? ? 1_555 C DG 7  N2 ? ? B DC  6   C DG 7   1_555 ? ? ? ? ? ? WATSON-CRICK ?     ? ? 
hydrog17 hydrog ? ? B DG  7  N1 ? ? ? 1_555 C DC 6  N3 ? ? B DG  7   C DC 6   1_555 ? ? ? ? ? ? WATSON-CRICK ?     ? ? 
hydrog18 hydrog ? ? B DG  7  N2 ? ? ? 1_555 C DC 6  O2 ? ? B DG  7   C DC 6   1_555 ? ? ? ? ? ? WATSON-CRICK ?     ? ? 
hydrog19 hydrog ? ? B DG  7  O6 ? ? ? 1_555 C DC 6  N4 ? ? B DG  7   C DC 6   1_555 ? ? ? ? ? ? WATSON-CRICK ?     ? ? 
hydrog20 hydrog ? ? B DT  8  N3 ? ? ? 1_555 C DA 5  N1 ? ? B DT  8   C DA 5   1_555 ? ? ? ? ? ? WATSON-CRICK ?     ? ? 
hydrog21 hydrog ? ? B DT  8  O4 ? ? ? 1_555 C DA 5  N6 ? ? B DT  8   C DA 5   1_555 ? ? ? ? ? ? WATSON-CRICK ?     ? ? 
hydrog22 hydrog ? ? B DT  9  N3 ? ? ? 1_555 C DA 4  N1 ? ? B DT  9   C DA 4   1_555 ? ? ? ? ? ? WATSON-CRICK ?     ? ? 
hydrog23 hydrog ? ? B DT  9  O4 ? ? ? 1_555 C DA 4  N6 ? ? B DT  9   C DA 4   1_555 ? ? ? ? ? ? WATSON-CRICK ?     ? ? 
hydrog24 hydrog ? ? B DG  10 N1 ? ? ? 1_555 C DC 3  N3 ? ? B DG  10  C DC 3   1_555 ? ? ? ? ? ? WATSON-CRICK ?     ? ? 
hydrog25 hydrog ? ? B DG  10 N2 ? ? ? 1_555 C DC 3  O2 ? ? B DG  10  C DC 3   1_555 ? ? ? ? ? ? WATSON-CRICK ?     ? ? 
hydrog26 hydrog ? ? B DG  10 O6 ? ? ? 1_555 C DC 3  N4 ? ? B DG  10  C DC 3   1_555 ? ? ? ? ? ? WATSON-CRICK ?     ? ? 
hydrog27 hydrog ? ? B DG  11 N1 ? ? ? 1_555 C DC 2  N3 ? ? B DG  11  C DC 2   1_555 ? ? ? ? ? ? WATSON-CRICK ?     ? ? 
hydrog28 hydrog ? ? B DG  11 N2 ? ? ? 1_555 C DC 2  O2 ? ? B DG  11  C DC 2   1_555 ? ? ? ? ? ? WATSON-CRICK ?     ? ? 
hydrog29 hydrog ? ? B DG  11 O6 ? ? ? 1_555 C DC 2  N4 ? ? B DG  11  C DC 2   1_555 ? ? ? ? ? ? WATSON-CRICK ?     ? ? 
hydrog30 hydrog ? ? B DC  12 N3 ? ? ? 1_555 C DG 1  N1 ? ? B DC  12  C DG 1   1_555 ? ? ? ? ? ? WATSON-CRICK ?     ? ? 
hydrog31 hydrog ? ? B DC  12 N4 ? ? ? 1_555 C DG 1  O6 ? ? B DC  12  C DG 1   1_555 ? ? ? ? ? ? WATSON-CRICK ?     ? ? 
hydrog32 hydrog ? ? B DC  12 O2 ? ? ? 1_555 C DG 1  N2 ? ? B DC  12  C DG 1   1_555 ? ? ? ? ? ? WATSON-CRICK ?     ? ? 
# 
loop_
_struct_conn_type.id 
_struct_conn_type.criteria 
_struct_conn_type.reference 
metalc ? ? 
hydrog ? ? 
# 
loop_
_struct_site.id 
_struct_site.pdbx_evidence_code 
_struct_site.pdbx_auth_asym_id 
_struct_site.pdbx_auth_comp_id 
_struct_site.pdbx_auth_seq_id 
_struct_site.pdbx_auth_ins_code 
_struct_site.pdbx_num_residues 
_struct_site.details 
AC1 Software A ZN  300 ? 4 'BINDING SITE FOR RESIDUE ZN A 300' 
AC2 Software A ZN  301 ? 4 'BINDING SITE FOR RESIDUE ZN A 301' 
AC3 Software A PEG 1   ? 2 'BINDING SITE FOR RESIDUE PEG A 1'  
AC4 Software A PEG 2   ? 3 'BINDING SITE FOR RESIDUE PEG A 2'  
AC5 Software C PO4 13  ? 4 'BINDING SITE FOR RESIDUE PO4 C 13' 
# 
loop_
_struct_site_gen.id 
_struct_site_gen.site_id 
_struct_site_gen.pdbx_num_res 
_struct_site_gen.label_comp_id 
_struct_site_gen.label_asym_id 
_struct_site_gen.label_seq_id 
_struct_site_gen.pdbx_auth_ins_code 
_struct_site_gen.auth_comp_id 
_struct_site_gen.auth_asym_id 
_struct_site_gen.auth_seq_id 
_struct_site_gen.label_atom_id 
_struct_site_gen.label_alt_id 
_struct_site_gen.symmetry 
_struct_site_gen.details 
1  AC1 4 CYS A 26 ? CYS A 169 . ? 1_555 ? 
2  AC1 4 CYS A 29 ? CYS A 172 . ? 1_555 ? 
3  AC1 4 CYS A 32 ? CYS A 175 . ? 1_555 ? 
4  AC1 4 CYS A 65 ? CYS A 208 . ? 1_555 ? 
5  AC2 4 CYS A 38 ? CYS A 181 . ? 1_555 ? 
6  AC2 4 CYS A 41 ? CYS A 184 . ? 1_555 ? 
7  AC2 4 CYS A 44 ? CYS A 187 . ? 1_555 ? 
8  AC2 4 CYS A 60 ? CYS A 203 . ? 1_555 ? 
9  AC3 2 HIS A 40 ? HIS A 183 . ? 3_555 ? 
10 AC3 2 LYS A 74 ? LYS A 217 . ? 1_555 ? 
11 AC4 3 ALA A 23 ? ALA A 166 . ? 1_555 ? 
12 AC4 3 ARG A 24 ? ARG A 167 . ? 1_555 ? 
13 AC4 3 MET A 25 ? MET A 168 . ? 1_555 ? 
14 AC5 4 DG  C 10 ? DG  C 10  . ? 4_555 ? 
15 AC5 4 DG  C 11 ? DG  C 11  . ? 4_555 ? 
16 AC5 4 HOH K .  ? HOH C 21  . ? 1_555 ? 
17 AC5 4 HOH K .  ? HOH C 26  . ? 4_555 ? 
# 
_atom_sites.entry_id                    3QMI 
_atom_sites.fract_transf_matrix[1][1]   -0.00929631 
_atom_sites.fract_transf_matrix[1][2]   -0.01341224 
_atom_sites.fract_transf_matrix[1][3]   -0.02828381 
_atom_sites.fract_transf_matrix[2][1]   -0.00086887 
_atom_sites.fract_transf_matrix[2][2]   0.01212891 
_atom_sites.fract_transf_matrix[2][3]   -0.00546597 
_atom_sites.fract_transf_matrix[3][1]   0.00759574 
_atom_sites.fract_transf_matrix[3][2]   -0.00047867 
_atom_sites.fract_transf_matrix[3][3]   -0.00226958 
_atom_sites.fract_transf_vector[1]      -0.121331 
_atom_sites.fract_transf_vector[2]      -0.147552 
_atom_sites.fract_transf_vector[3]      0.175615 
# 
loop_
_atom_type.symbol 
C  
N  
O  
P  
S  
ZN 
# 
loop_
_atom_site.group_PDB 
_atom_site.id 
_atom_site.type_symbol 
_atom_site.label_atom_id 
_atom_site.label_alt_id 
_atom_site.label_comp_id 
_atom_site.label_asym_id 
_atom_site.label_entity_id 
_atom_site.label_seq_id 
_atom_site.pdbx_PDB_ins_code 
_atom_site.Cartn_x 
_atom_site.Cartn_y 
_atom_site.Cartn_z 
_atom_site.occupancy 
_atom_site.B_iso_or_equiv 
_atom_site.pdbx_formal_charge 
_atom_site.auth_seq_id 
_atom_site.auth_comp_id 
_atom_site.auth_asym_id 
_atom_site.auth_atom_id 
_atom_site.pdbx_PDB_model_num 
ATOM   1   N  N     . ALA A 1 23 ? -1.873  11.424  8.763   1.00 17.00  ? 166 ALA A N     1 
ATOM   2   C  CA    . ALA A 1 23 ? -2.833  10.693  9.663   1.00 20.23  ? 166 ALA A CA    1 
ATOM   3   C  C     . ALA A 1 23 ? -2.533  9.191   9.693   1.00 19.03  ? 166 ALA A C     1 
ATOM   4   O  O     . ALA A 1 23 ? -2.168  8.637   10.733  1.00 17.32  ? 166 ALA A O     1 
ATOM   5   C  CB    . ALA A 1 23 ? -4.256  10.928  9.224   1.00 16.64  ? 166 ALA A CB    1 
ATOM   6   N  N     . ARG A 1 24 ? -2.651  8.548   8.532   1.00 18.69  ? 167 ARG A N     1 
ATOM   7   C  CA    . ARG A 1 24 ? -1.861  7.356   8.247   1.00 15.19  ? 167 ARG A CA    1 
ATOM   8   C  C     . ARG A 1 24 ? -0.687  7.645   7.316   1.00 14.61  ? 167 ARG A C     1 
ATOM   9   O  O     . ARG A 1 24 ? -0.061  6.711   6.808   1.00 13.82  ? 167 ARG A O     1 
ATOM   10  C  CB    . ARG A 1 24 ? -2.753  6.243   7.690   1.00 14.30  ? 167 ARG A CB    1 
ATOM   11  C  CG    . ARG A 1 24 ? -3.769  5.712   8.703   1.00 16.94  ? 167 ARG A CG    1 
ATOM   12  C  CD    . ARG A 1 24 ? -3.091  5.030   9.893   1.00 13.36  ? 167 ARG A CD    1 
ATOM   13  N  NE    . ARG A 1 24 ? -4.066  4.539   10.868  1.00 19.12  ? 167 ARG A NE    1 
ATOM   14  C  CZ    . ARG A 1 24 ? -3.755  3.846   11.962  1.00 24.87  ? 167 ARG A CZ    1 
ATOM   15  N  NH1   . ARG A 1 24 ? -2.487  3.545   12.233  1.00 18.15  ? 167 ARG A NH1   1 
ATOM   16  N  NH2   . ARG A 1 24 ? -4.703  3.514   12.825  1.00 23.50  ? 167 ARG A NH2   1 
ATOM   17  N  N     . MET A 1 25 ? -0.390  8.927   7.087   1.00 14.17  ? 168 MET A N     1 
ATOM   18  C  CA    . MET A 1 25 ? 0.746   9.317   6.234   1.00 12.53  ? 168 MET A CA    1 
ATOM   19  C  C     . MET A 1 25 ? 1.612   10.414  6.842   1.00 13.82  ? 168 MET A C     1 
ATOM   20  O  O     . MET A 1 25 ? 1.133   11.530  7.052   1.00 12.31  ? 168 MET A O     1 
ATOM   21  C  CB    . MET A 1 25 ? 0.264   9.766   4.851   1.00 14.46  ? 168 MET A CB    1 
ATOM   22  C  CG    . MET A 1 25 ? -0.386  8.651   4.051   1.00 14.06  ? 168 MET A CG    1 
ATOM   23  S  SD    . MET A 1 25 ? -0.803  9.128   2.348   1.00 25.10  ? 168 MET A SD    1 
ATOM   24  C  CE    . MET A 1 25 ? 0.783   9.719   1.730   1.00 19.16  ? 168 MET A CE    1 
ATOM   25  N  N     . CYS A 1 26 ? 2.911   10.155  6.988   1.00 10.23  ? 169 CYS A N     1 
ATOM   26  C  CA    . CYS A 1 26 ? 3.792   11.178  7.550   1.00 13.13  ? 169 CYS A CA    1 
ATOM   27  C  C     . CYS A 1 26 ? 4.173   12.116  6.413   1.00 12.56  ? 169 CYS A C     1 
ATOM   28  O  O     . CYS A 1 26 ? 4.560   13.259  6.634   1.00 10.37  ? 169 CYS A O     1 
ATOM   29  C  CB    . CYS A 1 26 ? 5.045   10.554  8.177   1.00 13.03  ? 169 CYS A CB    1 
ATOM   30  S  SG    . CYS A 1 26 ? 6.264   9.959   6.953   1.00 14.25  ? 169 CYS A SG    1 
ATOM   31  N  N     . GLY A 1 27 ? 4.062   11.604  5.192   1.00 13.36  ? 170 GLY A N     1 
ATOM   32  C  CA    . GLY A 1 27 ? 4.279   12.392  3.987   1.00 13.31  ? 170 GLY A CA    1 
ATOM   33  C  C     . GLY A 1 27 ? 5.738   12.630  3.648   1.00 13.25  ? 170 GLY A C     1 
ATOM   34  O  O     . GLY A 1 27 ? 6.036   13.388  2.738   1.00 14.11  ? 170 GLY A O     1 
ATOM   35  N  N     . GLU A 1 28 ? 6.660   12.047  4.409   1.00 12.96  ? 171 GLU A N     1 
ATOM   36  C  CA    . GLU A 1 28 ? 8.072   12.219  4.078   1.00 14.11  ? 171 GLU A CA    1 
ATOM   37  C  C     . GLU A 1 28 ? 8.969   11.002  4.258   1.00 14.17  ? 171 GLU A C     1 
ATOM   38  O  O     . GLU A 1 28 ? 10.189  11.142  4.325   1.00 16.28  ? 171 GLU A O     1 
ATOM   39  C  CB    . GLU A 1 28 ? 8.662   13.420  4.818   1.00 13.55  ? 171 GLU A CB    1 
ATOM   40  C  CG    . GLU A 1 28 ? 8.016   13.683  6.158   1.00 14.52  ? 171 GLU A CG    1 
ATOM   41  C  CD    . GLU A 1 28 ? 8.622   14.868  6.896   1.00 24.28  ? 171 GLU A CD    1 
ATOM   42  O  OE1   . GLU A 1 28 ? 9.576   15.494  6.381   1.00 25.33  ? 171 GLU A OE1   1 
ATOM   43  O  OE2   . GLU A 1 28 ? 8.184   15.130  8.032   1.00 22.73  ? 171 GLU A OE2   1 
ATOM   44  N  N     . CYS A 1 29 ? 8.392   9.819   4.411   1.00 12.86  ? 172 CYS A N     1 
ATOM   45  C  CA    . CYS A 1 29 ? 9.223   8.617   4.370   1.00 13.26  ? 172 CYS A CA    1 
ATOM   46  C  C     . CYS A 1 29 ? 9.229   8.081   2.940   1.00 15.02  ? 172 CYS A C     1 
ATOM   47  O  O     . CYS A 1 29 ? 8.523   8.603   2.067   1.00 13.35  ? 172 CYS A O     1 
ATOM   48  C  CB    . CYS A 1 29 ? 8.702   7.557   5.343   1.00 11.88  ? 172 CYS A CB    1 
ATOM   49  S  SG    . CYS A 1 29 ? 7.123   6.834   4.831   1.00 13.58  ? 172 CYS A SG    1 
ATOM   50  N  N     . GLU A 1 30 ? 10.057  7.066   2.701   1.00 16.15  ? 173 GLU A N     1 
ATOM   51  C  CA    . GLU A 1 30 ? 10.164  6.439   1.385   1.00 16.32  ? 173 GLU A CA    1 
ATOM   52  C  C     . GLU A 1 30 ? 8.799   5.942   0.883   1.00 17.24  ? 173 GLU A C     1 
ATOM   53  O  O     . GLU A 1 30 ? 8.408   6.209   -0.263  1.00 14.61  ? 173 GLU A O     1 
ATOM   54  C  CB    . GLU A 1 30 ? 11.188  5.298   1.429   1.00 17.31  ? 173 GLU A CB    1 
ATOM   55  N  N     . ALA A 1 31 ? 8.035   5.322   1.781   1.00 17.21  ? 174 ALA A N     1 
ATOM   56  C  CA    . ALA A 1 31 ? 6.721   4.755   1.449   1.00 14.33  ? 174 ALA A CA    1 
ATOM   57  C  C     . ALA A 1 31 ? 5.720   5.828   1.051   1.00 14.60  ? 174 ALA A C     1 
ATOM   58  O  O     . ALA A 1 31 ? 5.081   5.724   0.002   1.00 11.39  ? 174 ALA A O     1 
ATOM   59  C  CB    . ALA A 1 31 ? 6.187   3.918   2.605   1.00 14.02  ? 174 ALA A CB    1 
ATOM   60  N  N     . CYS A 1 32 ? 5.706   6.935   1.791   1.00 14.44  ? 175 CYS A N     1 
ATOM   61  C  CA    . CYS A 1 32 ? 4.868   8.079   1.422   1.00 14.74  ? 175 CYS A CA    1 
ATOM   62  C  C     . CYS A 1 32 ? 5.248   8.740   0.092   1.00 13.93  ? 175 CYS A C     1 
ATOM   63  O  O     . CYS A 1 32 ? 4.381   9.225   -0.629  1.00 13.27  ? 175 CYS A O     1 
ATOM   64  C  CB    . CYS A 1 32 ? 4.804   9.122   2.542   1.00 14.25  ? 175 CYS A CB    1 
ATOM   65  S  SG    . CYS A 1 32 ? 3.886   8.589   3.994   1.00 14.85  ? 175 CYS A SG    1 
ATOM   66  N  N     . ARG A 1 33 ? 6.527   8.747   -0.262  1.00 14.12  ? 176 ARG A N     1 
ATOM   67  C  CA    . ARG A 1 33 ? 6.922   9.417   -1.499  1.00 15.16  ? 176 ARG A CA    1 
ATOM   68  C  C     . ARG A 1 33 ? 6.721   8.570   -2.755  1.00 15.58  ? 176 ARG A C     1 
ATOM   69  O  O     . ARG A 1 33 ? 6.661   9.108   -3.854  1.00 15.54  ? 176 ARG A O     1 
ATOM   70  C  CB    . ARG A 1 33 ? 8.354   9.925   -1.417  1.00 14.42  ? 176 ARG A CB    1 
ATOM   71  C  CG    . ARG A 1 33 ? 8.515   11.081  -0.442  1.00 20.95  ? 176 ARG A CG    1 
ATOM   72  C  CD    . ARG A 1 33 ? 9.906   11.672  -0.545  1.00 23.73  ? 176 ARG A CD    1 
ATOM   73  N  NE    . ARG A 1 33 ? 10.921  10.637  -0.378  1.00 27.68  ? 176 ARG A NE    1 
ATOM   74  C  CZ    . ARG A 1 33 ? 11.511  10.360  0.783   1.00 30.14  ? 176 ARG A CZ    1 
ATOM   75  N  NH1   . ARG A 1 33 ? 11.200  11.063  1.866   1.00 24.73  ? 176 ARG A NH1   1 
ATOM   76  N  NH2   . ARG A 1 33 ? 12.436  9.413   0.852   1.00 29.71  ? 176 ARG A NH2   1 
ATOM   77  N  N     . ARG A 1 34 ? 6.490   7.273   -2.572  1.00 15.23  ? 177 ARG A N     1 
ATOM   78  C  CA    . ARG A 1 34 ? 6.326   6.341   -3.681  1.00 17.19  ? 177 ARG A CA    1 
ATOM   79  C  C     . ARG A 1 34 ? 5.080   6.696   -4.471  1.00 17.71  ? 177 ARG A C     1 
ATOM   80  O  O     . ARG A 1 34 ? 4.022   6.909   -3.883  1.00 17.13  ? 177 ARG A O     1 
ATOM   81  C  CB    . ARG A 1 34 ? 6.143   4.927   -3.142  1.00 17.48  ? 177 ARG A CB    1 
ATOM   82  C  CG    . ARG A 1 34 ? 7.435   4.272   -2.747  1.00 25.61  ? 177 ARG A CG    1 
ATOM   83  C  CD    . ARG A 1 34 ? 7.256   2.777   -2.586  1.00 33.86  ? 177 ARG A CD    1 
ATOM   84  N  NE    . ARG A 1 34 ? 8.482   2.227   -2.028  1.00 35.85  ? 177 ARG A NE    1 
ATOM   85  C  CZ    . ARG A 1 34 ? 9.572   1.991   -2.747  1.00 33.60  ? 177 ARG A CZ    1 
ATOM   86  N  NH1   . ARG A 1 34 ? 9.518   2.058   -4.079  1.00 34.93  ? 177 ARG A NH1   1 
ATOM   87  N  NH2   . ARG A 1 34 ? 10.676  1.591   -2.138  1.00 28.36  ? 177 ARG A NH2   1 
ATOM   88  N  N     . THR A 1 35 ? 5.173   6.627   -5.794  1.00 14.86  ? 178 THR A N     1 
ATOM   89  C  CA    . THR A 1 35 ? 3.996   6.836   -6.637  1.00 16.37  ? 178 THR A CA    1 
ATOM   90  C  C     . THR A 1 35 ? 3.507   5.581   -7.360  1.00 16.93  ? 178 THR A C     1 
ATOM   91  O  O     . THR A 1 35 ? 2.385   5.559   -7.878  1.00 16.71  ? 178 THR A O     1 
ATOM   92  C  CB    . THR A 1 35 ? 4.190   7.976   -7.645  1.00 15.87  ? 178 THR A CB    1 
ATOM   93  O  OG1   . THR A 1 35 ? 5.208   7.619   -8.592  1.00 20.31  ? 178 THR A OG1   1 
ATOM   94  C  CG2   . THR A 1 35 ? 4.588   9.275   -6.923  1.00 17.34  ? 178 THR A CG2   1 
ATOM   95  N  N     . GLU A 1 36 ? 4.308   4.520   -7.348  1.00 13.50  ? 179 GLU A N     1 
ATOM   96  C  CA    . GLU A 1 36 ? 4.006   3.363   -8.194  1.00 14.84  ? 179 GLU A CA    1 
ATOM   97  C  C     . GLU A 1 36 ? 3.726   2.148   -7.331  1.00 15.84  ? 179 GLU A C     1 
ATOM   98  O  O     . GLU A 1 36 ? 4.480   1.866   -6.386  1.00 17.99  ? 179 GLU A O     1 
ATOM   99  C  CB    . GLU A 1 36 ? 5.156   3.088   -9.162  1.00 13.38  ? 179 GLU A CB    1 
ATOM   100 C  CG    . GLU A 1 36 ? 5.356   4.209   -10.185 1.00 16.96  ? 179 GLU A CG    1 
ATOM   101 C  CD    . GLU A 1 36 ? 6.722   4.173   -10.849 1.00 17.28  ? 179 GLU A CD    1 
ATOM   102 O  OE1   . GLU A 1 36 ? 7.545   3.312   -10.477 1.00 15.59  ? 179 GLU A OE1   1 
ATOM   103 O  OE2   . GLU A 1 36 ? 6.996   5.048   -11.701 1.00 19.36  ? 179 GLU A OE2   1 
ATOM   104 N  N     . ASP A 1 37 ? 2.554   1.552   -7.523  1.00 14.38  ? 180 ASP A N     1 
ATOM   105 C  CA    . ASP A 1 37 ? 2.223   0.301   -6.837  1.00 15.84  ? 180 ASP A CA    1 
ATOM   106 C  C     . ASP A 1 37 ? 3.157   -0.797  -7.338  1.00 14.58  ? 180 ASP A C     1 
ATOM   107 O  O     . ASP A 1 37 ? 3.436   -0.864  -8.530  1.00 13.85  ? 180 ASP A O     1 
ATOM   108 C  CB    . ASP A 1 37 ? 0.780   -0.110  -7.132  1.00 17.16  ? 180 ASP A CB    1 
ATOM   109 C  CG    . ASP A 1 37 ? -0.234  0.911   -6.654  1.00 16.94  ? 180 ASP A CG    1 
ATOM   110 O  OD1   . ASP A 1 37 ? -0.056  1.504   -5.568  1.00 14.85  ? 180 ASP A OD1   1 
ATOM   111 O  OD2   . ASP A 1 37 ? -1.246  1.087   -7.359  1.00 21.72  ? 180 ASP A OD2   1 
ATOM   112 N  N     . CYS A 1 38 ? 3.565   -1.703  -6.454  1.00 15.16  ? 181 CYS A N     1 
ATOM   113 C  CA    . CYS A 1 38 ? 4.570   -2.710  -6.801  1.00 14.45  ? 181 CYS A CA    1 
ATOM   114 C  C     . CYS A 1 38 ? 3.984   -3.772  -7.710  1.00 15.29  ? 181 CYS A C     1 
ATOM   115 O  O     . CYS A 1 38 ? 4.688   -4.367  -8.529  1.00 13.09  ? 181 CYS A O     1 
ATOM   116 C  CB    . CYS A 1 38 ? 5.176   -3.351  -5.544  1.00 13.20  ? 181 CYS A CB    1 
ATOM   117 S  SG    . CYS A 1 38 ? 4.159   -4.624  -4.744  1.00 12.24  ? 181 CYS A SG    1 
ATOM   118 N  N     . GLY A 1 39 ? 2.680   -3.996  -7.587  1.00 14.46  ? 182 GLY A N     1 
ATOM   119 C  CA    . GLY A 1 39 ? 2.008   -4.884  -8.511  1.00 13.83  ? 182 GLY A CA    1 
ATOM   120 C  C     . GLY A 1 39 ? 2.060   -6.338  -8.101  1.00 14.48  ? 182 GLY A C     1 
ATOM   121 O  O     . GLY A 1 39 ? 1.399   -7.166  -8.715  1.00 12.58  ? 182 GLY A O     1 
ATOM   122 N  N     . HIS A 1 40 ? 2.723   -6.636  -6.986  1.00 15.45  ? 183 HIS A N     1 
ATOM   123 C  CA    . HIS A 1 40 ? 3.039   -8.025  -6.651  1.00 17.27  ? 183 HIS A CA    1 
ATOM   124 C  C     . HIS A 1 40 ? 2.705   -8.456  -5.229  1.00 18.75  ? 183 HIS A C     1 
ATOM   125 O  O     . HIS A 1 40 ? 2.748   -9.651  -4.940  1.00 19.35  ? 183 HIS A O     1 
ATOM   126 C  CB    . HIS A 1 40 ? 4.513   -8.336  -6.922  1.00 20.23  ? 183 HIS A CB    1 
ATOM   127 C  CG    . HIS A 1 40 ? 4.900   -8.227  -8.364  1.00 24.18  ? 183 HIS A CG    1 
ATOM   128 N  ND1   . HIS A 1 40 ? 5.165   -7.018  -8.973  1.00 28.06  ? 183 HIS A ND1   1 
ATOM   129 C  CD2   . HIS A 1 40 ? 5.102   -9.177  -9.309  1.00 29.98  ? 183 HIS A CD2   1 
ATOM   130 C  CE1   . HIS A 1 40 ? 5.531   -7.229  -10.226 1.00 28.94  ? 183 HIS A CE1   1 
ATOM   131 N  NE2   . HIS A 1 40 ? 5.510   -8.531  -10.451 1.00 29.23  ? 183 HIS A NE2   1 
ATOM   132 N  N     . CYS A 1 41 ? 2.497   -7.501  -4.321  1.00 15.32  ? 184 CYS A N     1 
ATOM   133 C  CA    . CYS A 1 41 ? 2.199   -7.820  -2.927  1.00 13.07  ? 184 CYS A CA    1 
ATOM   134 C  C     . CYS A 1 41 ? 0.738   -8.225  -2.837  1.00 13.83  ? 184 CYS A C     1 
ATOM   135 O  O     . CYS A 1 41 ? -0.016  -8.036  -3.792  1.00 15.01  ? 184 CYS A O     1 
ATOM   136 C  CB    . CYS A 1 41 ? 2.463   -6.606  -2.016  1.00 13.86  ? 184 CYS A CB    1 
ATOM   137 S  SG    . CYS A 1 41 ? 1.340   -5.186  -2.310  1.00 13.20  ? 184 CYS A SG    1 
ATOM   138 N  N     . ASP A 1 42 ? 0.335   -8.774  -1.697  1.00 11.80  ? 185 ASP A N     1 
ATOM   139 C  CA    . ASP A 1 42 ? -1.048  -9.185  -1.516  1.00 12.54  ? 185 ASP A CA    1 
ATOM   140 C  C     . ASP A 1 42 ? -2.040  -8.032  -1.739  1.00 14.19  ? 185 ASP A C     1 
ATOM   141 O  O     . ASP A 1 42 ? -3.088  -8.220  -2.364  1.00 14.99  ? 185 ASP A O     1 
ATOM   142 C  CB    . ASP A 1 42 ? -1.251  -9.846  -0.143  1.00 16.61  ? 185 ASP A CB    1 
ATOM   143 C  CG    . ASP A 1 42 ? -0.887  -8.927  1.031   1.00 15.90  ? 185 ASP A CG    1 
ATOM   144 O  OD1   . ASP A 1 42 ? -1.381  -9.183  2.143   1.00 20.53  ? 185 ASP A OD1   1 
ATOM   145 O  OD2   . ASP A 1 42 ? -0.011  -8.045  0.890   1.00 19.84  ? 185 ASP A OD2   1 
ATOM   146 N  N     . PHE A 1 43 ? -1.709  -6.839  -1.255  1.00 12.49  ? 186 PHE A N     1 
ATOM   147 C  CA    . PHE A 1 43 ? -2.616  -5.696  -1.391  1.00 11.08  ? 186 PHE A CA    1 
ATOM   148 C  C     . PHE A 1 43 ? -2.764  -5.257  -2.850  1.00 11.25  ? 186 PHE A C     1 
ATOM   149 O  O     . PHE A 1 43 ? -3.859  -4.928  -3.287  1.00 10.83  ? 186 PHE A O     1 
ATOM   150 C  CB    . PHE A 1 43 ? -2.147  -4.524  -0.524  1.00 10.21  ? 186 PHE A CB    1 
ATOM   151 C  CG    . PHE A 1 43 ? -2.234  -4.786  0.964   1.00 17.48  ? 186 PHE A CG    1 
ATOM   152 C  CD1   . PHE A 1 43 ? -3.195  -5.646  1.476   1.00 18.61  ? 186 PHE A CD1   1 
ATOM   153 C  CD2   . PHE A 1 43 ? -1.433  -4.082  1.857   1.00 13.76  ? 186 PHE A CD2   1 
ATOM   154 C  CE1   . PHE A 1 43 ? -3.271  -5.889  2.844   1.00 12.85  ? 186 PHE A CE1   1 
ATOM   155 C  CE2   . PHE A 1 43 ? -1.517  -4.303  3.225   1.00 14.61  ? 186 PHE A CE2   1 
ATOM   156 C  CZ    . PHE A 1 43 ? -2.444  -5.196  3.722   1.00 16.56  ? 186 PHE A CZ    1 
ATOM   157 N  N     . CYS A 1 44 ? -1.677  -5.290  -3.619  1.00 11.93  ? 187 CYS A N     1 
ATOM   158 C  CA    . CYS A 1 44 ? -1.756  -4.984  -5.044  1.00 10.97  ? 187 CYS A CA    1 
ATOM   159 C  C     . CYS A 1 44 ? -2.564  -6.031  -5.795  1.00 13.33  ? 187 CYS A C     1 
ATOM   160 O  O     . CYS A 1 44 ? -3.438  -5.695  -6.601  1.00 11.32  ? 187 CYS A O     1 
ATOM   161 C  CB    . CYS A 1 44 ? -0.353  -4.871  -5.661  1.00 10.98  ? 187 CYS A CB    1 
ATOM   162 S  SG    . CYS A 1 44 ? 0.378   -3.253  -5.371  1.00 12.17  ? 187 CYS A SG    1 
ATOM   163 N  N     . ARG A 1 45 ? -2.260  -7.300  -5.539  1.00 13.02  ? 188 ARG A N     1 
ATOM   164 C  CA    . ARG A 1 45 ? -2.943  -8.383  -6.242  1.00 14.17  ? 188 ARG A CA    1 
ATOM   165 C  C     . ARG A 1 45 ? -4.451  -8.346  -6.004  1.00 11.63  ? 188 ARG A C     1 
ATOM   166 O  O     . ARG A 1 45 ? -5.212  -8.796  -6.850  1.00 12.41  ? 188 ARG A O     1 
ATOM   167 C  CB    . ARG A 1 45 ? -2.359  -9.749  -5.867  1.00 15.50  ? 188 ARG A CB    1 
ATOM   168 C  CG    . ARG A 1 45 ? -0.969  -10.011 -6.452  1.00 18.51  ? 188 ARG A CG    1 
ATOM   169 C  CD    . ARG A 1 45 ? -0.539  -11.458 -6.217  1.00 22.71  ? 188 ARG A CD    1 
ATOM   170 N  N     . ASP A 1 46 ? -4.879  -7.714  -4.913  1.00 12.07  ? 189 ASP A N     1 
ATOM   171 C  CA    . ASP A 1 46 ? -6.306  -7.483  -4.664  1.00 13.27  ? 189 ASP A CA    1 
ATOM   172 C  C     . ASP A 1 46 ? -6.940  -6.435  -5.589  1.00 13.06  ? 189 ASP A C     1 
ATOM   173 O  O     . ASP A 1 46 ? -8.149  -6.450  -5.824  1.00 15.30  ? 189 ASP A O     1 
ATOM   174 C  CB    . ASP A 1 46 ? -6.565  -7.089  -3.208  1.00 10.97  ? 189 ASP A CB    1 
ATOM   175 C  CG    . ASP A 1 46 ? -8.045  -7.013  -2.886  1.00 14.61  ? 189 ASP A CG    1 
ATOM   176 O  OD1   . ASP A 1 46 ? -8.723  -8.051  -3.018  1.00 16.35  ? 189 ASP A OD1   1 
ATOM   177 O  OD2   . ASP A 1 46 ? -8.550  -5.906  -2.577  1.00 16.47  ? 189 ASP A OD2   1 
ATOM   178 N  N     . MET A 1 47 ? -6.149  -5.465  -6.033  1.00 11.92  ? 190 MET A N     1 
ATOM   179 C  CA    . MET A 1 47 ? -6.715  -4.322  -6.725  1.00 12.04  ? 190 MET A CA    1 
ATOM   180 C  C     . MET A 1 47 ? -7.306  -4.759  -8.051  1.00 12.71  ? 190 MET A C     1 
ATOM   181 O  O     . MET A 1 47 ? -6.739  -5.620  -8.728  1.00 14.12  ? 190 MET A O     1 
ATOM   182 C  CB    . MET A 1 47 ? -5.638  -3.272  -6.956  1.00 12.74  ? 190 MET A CB    1 
ATOM   183 C  CG    . MET A 1 47 ? -5.000  -2.783  -5.645  1.00 9.80   ? 190 MET A CG    1 
ATOM   184 S  SD    . MET A 1 47 ? -3.622  -1.708  -6.044  1.00 13.65  ? 190 MET A SD    1 
ATOM   185 C  CE    . MET A 1 47 ? -3.155  -1.214  -4.375  1.00 12.03  ? 190 MET A CE    1 
ATOM   186 N  N     . LYS A 1 48 ? -8.372  -4.088  -8.478  1.00 13.04  ? 191 LYS A N     1 
ATOM   187 C  CA    . LYS A 1 48 ? -8.932  -4.346  -9.805  1.00 14.34  ? 191 LYS A CA    1 
ATOM   188 C  C     . LYS A 1 48 ? -7.937  -4.067  -10.923 1.00 14.47  ? 191 LYS A C     1 
ATOM   189 O  O     . LYS A 1 48 ? -7.951  -4.755  -11.952 1.00 15.42  ? 191 LYS A O     1 
ATOM   190 C  CB    . LYS A 1 48 ? -10.237 -3.568  -10.027 1.00 15.44  ? 191 LYS A CB    1 
ATOM   191 N  N     . LYS A 1 49 ? -7.027  -3.118  -10.702 1.00 13.57  ? 192 LYS A N     1 
ATOM   192 C  CA    . LYS A 1 49 ? -6.071  -2.737  -11.746 1.00 15.22  ? 192 LYS A CA    1 
ATOM   193 C  C     . LYS A 1 49 ? -5.084  -3.864  -12.021 1.00 14.63  ? 192 LYS A C     1 
ATOM   194 O  O     . LYS A 1 49 ? -4.417  -3.872  -13.052 1.00 15.96  ? 192 LYS A O     1 
ATOM   195 C  CB    . LYS A 1 49 ? -5.320  -1.455  -11.377 1.00 16.67  ? 192 LYS A CB    1 
ATOM   196 C  CG    . LYS A 1 49 ? -4.522  -1.545  -10.075 1.00 19.40  ? 192 LYS A CG    1 
ATOM   197 C  CD    . LYS A 1 49 ? -3.976  -0.185  -9.636  1.00 27.34  ? 192 LYS A CD    1 
ATOM   198 C  CE    . LYS A 1 49 ? -2.663  0.130   -10.326 1.00 30.55  ? 192 LYS A CE    1 
ATOM   199 N  NZ    . LYS A 1 49 ? -2.117  1.440   -9.882  1.00 35.75  ? 192 LYS A NZ    1 
ATOM   200 N  N     . PHE A 1 50 ? -4.942  -4.776  -11.063 1.00 13.62  ? 193 PHE A N     1 
ATOM   201 C  CA    . PHE A 1 50 ? -4.087  -5.944  -11.248 1.00 12.80  ? 193 PHE A CA    1 
ATOM   202 C  C     . PHE A 1 50 ? -4.880  -7.243  -11.317 1.00 13.62  ? 193 PHE A C     1 
ATOM   203 O  O     . PHE A 1 50 ? -4.323  -8.326  -11.131 1.00 12.11  ? 193 PHE A O     1 
ATOM   204 C  CB    . PHE A 1 50 ? -3.055  -6.030  -10.133 1.00 12.43  ? 193 PHE A CB    1 
ATOM   205 C  CG    . PHE A 1 50 ? -2.091  -4.878  -10.115 1.00 14.56  ? 193 PHE A CG    1 
ATOM   206 C  CD1   . PHE A 1 50 ? -1.183  -4.704  -11.151 1.00 10.83  ? 193 PHE A CD1   1 
ATOM   207 C  CD2   . PHE A 1 50 ? -2.104  -3.963  -9.072  1.00 12.06  ? 193 PHE A CD2   1 
ATOM   208 C  CE1   . PHE A 1 50 ? -0.319  -3.622  -11.154 1.00 18.88  ? 193 PHE A CE1   1 
ATOM   209 C  CE2   . PHE A 1 50 ? -1.236  -2.889  -9.061  1.00 13.26  ? 193 PHE A CE2   1 
ATOM   210 C  CZ    . PHE A 1 50 ? -0.353  -2.705  -10.110 1.00 16.67  ? 193 PHE A CZ    1 
ATOM   211 N  N     . GLY A 1 51 ? -6.186  -7.130  -11.532 1.00 10.09  ? 194 GLY A N     1 
ATOM   212 C  CA    . GLY A 1 51 ? -6.994  -8.297  -11.848 1.00 11.74  ? 194 GLY A CA    1 
ATOM   213 C  C     . GLY A 1 51 ? -7.653  -8.941  -10.642 1.00 13.74  ? 194 GLY A C     1 
ATOM   214 O  O     . GLY A 1 51 ? -8.266  -10.003 -10.762 1.00 12.65  ? 194 GLY A O     1 
ATOM   215 N  N     . GLY A 1 52 ? -7.574  -8.279  -9.485  1.00 15.08  ? 195 GLY A N     1 
ATOM   216 C  CA    . GLY A 1 52 ? -8.027  -8.862  -8.224  1.00 12.61  ? 195 GLY A CA    1 
ATOM   217 C  C     . GLY A 1 52 ? -9.480  -8.542  -7.911  1.00 14.96  ? 195 GLY A C     1 
ATOM   218 O  O     . GLY A 1 52 ? -10.103 -7.730  -8.603  1.00 11.53  ? 195 GLY A O     1 
ATOM   219 N  N     . PRO A 1 53 ? -10.002 -9.110  -6.809  1.00 14.01  ? 196 PRO A N     1 
ATOM   220 C  CA    . PRO A 1 53 ? -11.422 -8.993  -6.487  1.00 15.51  ? 196 PRO A CA    1 
ATOM   221 C  C     . PRO A 1 53 ? -11.786 -7.749  -5.678  1.00 16.24  ? 196 PRO A C     1 
ATOM   222 O  O     . PRO A 1 53 ? -12.961 -7.525  -5.421  1.00 16.74  ? 196 PRO A O     1 
ATOM   223 C  CB    . PRO A 1 53 ? -11.696 -10.256 -5.672  1.00 15.45  ? 196 PRO A CB    1 
ATOM   224 C  CG    . PRO A 1 53 ? -10.401 -10.533 -4.984  1.00 15.35  ? 196 PRO A CG    1 
ATOM   225 C  CD    . PRO A 1 53 ? -9.314  -10.076 -5.932  1.00 15.35  ? 196 PRO A CD    1 
ATOM   226 N  N     . ASN A 1 54 ? -10.810 -6.930  -5.297  1.00 14.41  ? 197 ASN A N     1 
ATOM   227 C  CA    . ASN A 1 54 ? -11.127 -5.758  -4.478  1.00 16.88  ? 197 ASN A CA    1 
ATOM   228 C  C     . ASN A 1 54 ? -11.875 -6.160  -3.201  1.00 16.34  ? 197 ASN A C     1 
ATOM   229 O  O     . ASN A 1 54 ? -12.851 -5.523  -2.794  1.00 13.86  ? 197 ASN A O     1 
ATOM   230 C  CB    . ASN A 1 54 ? -11.958 -4.760  -5.295  1.00 17.06  ? 197 ASN A CB    1 
ATOM   231 C  CG    . ASN A 1 54 ? -12.108 -3.423  -4.605  1.00 19.89  ? 197 ASN A CG    1 
ATOM   232 O  OD1   . ASN A 1 54 ? -11.123 -2.818  -4.192  1.00 21.12  ? 197 ASN A OD1   1 
ATOM   233 N  ND2   . ASN A 1 54 ? -13.334 -2.907  -4.566  1.00 16.21  ? 197 ASN A ND2   1 
ATOM   234 N  N     . LYS A 1 55 ? -11.360 -7.185  -2.530  1.00 15.88  ? 198 LYS A N     1 
ATOM   235 C  CA    . LYS A 1 55 ? -11.949 -7.647  -1.291  1.00 17.59  ? 198 LYS A CA    1 
ATOM   236 C  C     . LYS A 1 55 ? -11.141 -7.157  -0.088  1.00 16.83  ? 198 LYS A C     1 
ATOM   237 O  O     . LYS A 1 55 ? -11.607 -7.206  1.043   1.00 20.13  ? 198 LYS A O     1 
ATOM   238 C  CB    . LYS A 1 55 ? -12.094 -9.179  -1.304  1.00 17.12  ? 198 LYS A CB    1 
ATOM   239 N  N     . ILE A 1 56 ? -9.966  -6.594  -0.343  1.00 18.00  ? 199 ILE A N     1 
ATOM   240 C  CA    . ILE A 1 56 ? -9.032  -6.251  0.728   1.00 14.79  ? 199 ILE A CA    1 
ATOM   241 C  C     . ILE A 1 56 ? -8.940  -4.741  0.869   1.00 15.25  ? 199 ILE A C     1 
ATOM   242 O  O     . ILE A 1 56 ? -9.157  -4.199  1.958   1.00 14.61  ? 199 ILE A O     1 
ATOM   243 C  CB    . ILE A 1 56 ? -7.624  -6.841  0.479   1.00 16.14  ? 199 ILE A CB    1 
ATOM   244 C  CG1   . ILE A 1 56 ? -7.700  -8.363  0.294   1.00 21.48  ? 199 ILE A CG1   1 
ATOM   245 C  CG2   . ILE A 1 56 ? -6.686  -6.512  1.632   1.00 17.53  ? 199 ILE A CG2   1 
ATOM   246 C  CD1   . ILE A 1 56 ? -8.128  -9.118  1.552   1.00 26.39  ? 199 ILE A CD1   1 
ATOM   247 N  N     . ARG A 1 57 ? -8.627  -4.068  -0.240  1.00 16.25  ? 200 ARG A N     1 
ATOM   248 C  CA    . ARG A 1 57 ? -8.788  -2.621  -0.363  1.00 13.98  ? 200 ARG A CA    1 
ATOM   249 C  C     . ARG A 1 57 ? -7.852  -1.850  0.549   1.00 16.44  ? 200 ARG A C     1 
ATOM   250 O  O     . ARG A 1 57 ? -8.293  -0.912  1.219   1.00 14.92  ? 200 ARG A O     1 
ATOM   251 C  CB    . ARG A 1 57 ? -10.215 -2.207  -0.024  1.00 14.80  ? 200 ARG A CB    1 
ATOM   252 C  CG    . ARG A 1 57 ? -11.294 -3.032  -0.701  1.00 15.07  ? 200 ARG A CG    1 
ATOM   253 C  CD    . ARG A 1 57 ? -12.654 -2.416  -0.425  1.00 14.48  ? 200 ARG A CD    1 
ATOM   254 N  NE    . ARG A 1 57 ? -13.701 -3.154  -1.118  1.00 18.64  ? 200 ARG A NE    1 
ATOM   255 C  CZ    . ARG A 1 57 ? -14.990 -2.850  -1.048  1.00 16.49  ? 200 ARG A CZ    1 
ATOM   256 N  NH1   . ARG A 1 57 ? -15.382 -1.772  -0.380  1.00 17.37  ? 200 ARG A NH1   1 
ATOM   257 N  NH2   . ARG A 1 57 ? -15.869 -3.566  -1.730  1.00 18.53  ? 200 ARG A NH2   1 
ATOM   258 N  N     . GLN A 1 58 ? -6.584  -2.254  0.601   1.00 12.73  ? 201 GLN A N     1 
ATOM   259 C  CA    . GLN A 1 58 ? -5.553  -1.403  1.200   1.00 13.98  ? 201 GLN A CA    1 
ATOM   260 C  C     . GLN A 1 58 ? -4.495  -0.993  0.172   1.00 14.23  ? 201 GLN A C     1 
ATOM   261 O  O     . GLN A 1 58 ? -4.423  -1.580  -0.921  1.00 12.97  ? 201 GLN A O     1 
ATOM   262 C  CB    . GLN A 1 58 ? -4.897  -2.107  2.390   1.00 11.45  ? 201 GLN A CB    1 
ATOM   263 C  CG    . GLN A 1 58 ? -5.899  -2.719  3.356   1.00 11.69  ? 201 GLN A CG    1 
ATOM   264 C  CD    . GLN A 1 58 ? -6.688  -1.677  4.155   1.00 13.57  ? 201 GLN A CD    1 
ATOM   265 O  OE1   . GLN A 1 58 ? -6.292  -0.509  4.274   1.00 9.35   ? 201 GLN A OE1   1 
ATOM   266 N  NE2   . GLN A 1 58 ? -7.819  -2.101  4.702   1.00 10.98  ? 201 GLN A NE2   1 
ATOM   267 N  N     . LYS A 1 59 ? -3.748  0.065   0.493   1.00 13.61  ? 202 LYS A N     1 
ATOM   268 C  CA    . LYS A 1 59 ? -2.590  0.511   -0.305  1.00 16.04  ? 202 LYS A CA    1 
ATOM   269 C  C     . LYS A 1 59 ? -1.543  -0.594  -0.472  1.00 12.64  ? 202 LYS A C     1 
ATOM   270 O  O     . LYS A 1 59 ? -1.204  -1.279  0.498   1.00 10.95  ? 202 LYS A O     1 
ATOM   271 C  CB    . LYS A 1 59 ? -1.895  1.691   0.391   1.00 13.86  ? 202 LYS A CB    1 
ATOM   272 C  CG    . LYS A 1 59 ? -2.622  2.995   0.261   1.00 22.86  ? 202 LYS A CG    1 
ATOM   273 C  CD    . LYS A 1 59 ? -1.680  4.163   0.502   1.00 19.17  ? 202 LYS A CD    1 
ATOM   274 C  CE    . LYS A 1 59 ? -1.163  4.187   1.925   1.00 13.83  ? 202 LYS A CE    1 
ATOM   275 N  NZ    . LYS A 1 59 ? -0.905  5.579   2.378   1.00 15.42  ? 202 LYS A NZ    1 
ATOM   276 N  N     . CYS A 1 60 ? -0.852  -0.567  -1.613  1.00 12.85  ? 203 CYS A N     1 
ATOM   277 C  CA    . CYS A 1 60 ? 0.411   -1.293  -1.781  1.00 10.52  ? 203 CYS A CA    1 
ATOM   278 C  C     . CYS A 1 60 ? 1.227   -1.356  -0.499  1.00 10.28  ? 203 CYS A C     1 
ATOM   279 O  O     . CYS A 1 60 ? 1.529   -0.325  0.102   1.00 11.12  ? 203 CYS A O     1 
ATOM   280 C  CB    . CYS A 1 60 ? 1.265   -0.665  -2.880  1.00 10.58  ? 203 CYS A CB    1 
ATOM   281 S  SG    . CYS A 1 60 ? 2.795   -1.552  -3.214  1.00 9.73   ? 203 CYS A SG    1 
ATOM   282 N  N     . ARG A 1 61 ? 1.754   -2.543  -0.220  1.00 10.36  ? 204 ARG A N     1 
ATOM   283 C  CA    . ARG A 1 61 ? 2.632   -2.759  0.918   1.00 12.35  ? 204 ARG A CA    1 
ATOM   284 C  C     . ARG A 1 61 ? 3.803   -1.792  0.939   1.00 12.26  ? 204 ARG A C     1 
ATOM   285 O  O     . ARG A 1 61 ? 4.149   -1.293  2.002   1.00 11.49  ? 204 ARG A O     1 
ATOM   286 C  CB    . ARG A 1 61 ? 3.160   -4.197  0.925   1.00 13.80  ? 204 ARG A CB    1 
ATOM   287 C  CG    . ARG A 1 61 ? 2.098   -5.221  1.260   1.00 17.95  ? 204 ARG A CG    1 
ATOM   288 C  CD    . ARG A 1 61 ? 2.149   -5.606  2.727   1.00 22.14  ? 204 ARG A CD    1 
ATOM   289 N  NE    . ARG A 1 61 ? 1.129   -6.608  3.030   1.00 24.86  ? 204 ARG A NE    1 
ATOM   290 C  CZ    . ARG A 1 61 ? 0.733   -6.929  4.257   1.00 20.90  ? 204 ARG A CZ    1 
ATOM   291 N  NH1   . ARG A 1 61 ? 1.331   -6.390  5.311   1.00 16.31  ? 204 ARG A NH1   1 
ATOM   292 N  NH2   . ARG A 1 61 ? -0.220  -7.833  4.431   1.00 15.07  ? 204 ARG A NH2   1 
ATOM   293 N  N     . LEU A 1 62 ? 4.327   -1.433  -0.233  1.00 10.76  ? 205 LEU A N     1 
ATOM   294 C  CA    . LEU A 1 62 ? 5.507   -0.564  -0.296  1.00 11.33  ? 205 LEU A CA    1 
ATOM   295 C  C     . LEU A 1 62 ? 5.138   0.907   -0.141  1.00 12.48  ? 205 LEU A C     1 
ATOM   296 O  O     . LEU A 1 62 ? 6.016   1.756   0.006   1.00 12.93  ? 205 LEU A O     1 
ATOM   297 C  CB    . LEU A 1 62 ? 6.276   -0.756  -1.605  1.00 8.50   ? 205 LEU A CB    1 
ATOM   298 C  CG    . LEU A 1 62 ? 6.698   -2.176  -1.970  1.00 12.89  ? 205 LEU A CG    1 
ATOM   299 C  CD1   . LEU A 1 62 ? 7.682   -2.162  -3.149  1.00 10.74  ? 205 LEU A CD1   1 
ATOM   300 C  CD2   . LEU A 1 62 ? 7.334   -2.848  -0.753  1.00 9.84   ? 205 LEU A CD2   1 
ATOM   301 N  N     . ARG A 1 63 ? 3.840   1.200   -0.145  1.00 11.87  ? 206 ARG A N     1 
ATOM   302 C  CA    . ARG A 1 63 ? 3.382   2.562   0.059   1.00 12.33  ? 206 ARG A CA    1 
ATOM   303 C  C     . ARG A 1 63 ? 2.704   2.777   1.412   1.00 13.82  ? 206 ARG A C     1 
ATOM   304 O  O     . ARG A 1 63 ? 2.173   3.864   1.676   1.00 13.58  ? 206 ARG A O     1 
ATOM   305 C  CB    . ARG A 1 63 ? 2.436   2.959   -1.064  1.00 11.39  ? 206 ARG A CB    1 
ATOM   306 C  CG    . ARG A 1 63 ? 3.083   2.786   -2.424  1.00 11.16  ? 206 ARG A CG    1 
ATOM   307 C  CD    . ARG A 1 63 ? 2.029   2.992   -3.492  1.00 18.58  ? 206 ARG A CD    1 
ATOM   308 N  NE    . ARG A 1 63 ? 1.866   4.405   -3.779  1.00 22.21  ? 206 ARG A NE    1 
ATOM   309 C  CZ    . ARG A 1 63 ? 0.742   5.101   -3.644  1.00 35.14  ? 206 ARG A CZ    1 
ATOM   310 N  NH1   . ARG A 1 63 ? -0.307  4.613   -2.983  1.00 35.34  ? 206 ARG A NH1   1 
ATOM   311 N  NH2   . ARG A 1 63 ? 0.712   6.344   -4.104  1.00 38.76  ? 206 ARG A NH2   1 
ATOM   312 N  N     . GLN A 1 64 ? 2.859   1.807   2.312   1.00 11.81  ? 207 GLN A N     1 
ATOM   313 C  CA    . GLN A 1 64 ? 2.305   1.925   3.656   1.00 13.39  ? 207 GLN A CA    1 
ATOM   314 C  C     . GLN A 1 64 ? 3.254   2.746   4.526   1.00 12.83  ? 207 GLN A C     1 
ATOM   315 O  O     . GLN A 1 64 ? 4.398   2.354   4.741   1.00 12.87  ? 207 GLN A O     1 
ATOM   316 C  CB    . GLN A 1 64 ? 2.111   0.527   4.253   1.00 13.05  ? 207 GLN A CB    1 
ATOM   317 C  CG    . GLN A 1 64 ? 1.019   -0.278  3.551   1.00 15.00  ? 207 GLN A CG    1 
ATOM   318 C  CD    . GLN A 1 64 ? -0.384  0.220   3.882   1.00 16.32  ? 207 GLN A CD    1 
ATOM   319 O  OE1   . GLN A 1 64 ? -0.561  1.107   4.723   1.00 16.65  ? 207 GLN A OE1   1 
ATOM   320 N  NE2   . GLN A 1 64 ? -1.384  -0.301  3.167   1.00 17.29  ? 207 GLN A NE2   1 
ATOM   321 N  N     . CYS A 1 65 ? 2.807   3.910   4.985   1.00 13.03  ? 208 CYS A N     1 
ATOM   322 C  CA    . CYS A 1 65 ? 3.696   4.799   5.726   1.00 10.70  ? 208 CYS A CA    1 
ATOM   323 C  C     . CYS A 1 65 ? 4.474   4.042   6.804   1.00 12.24  ? 208 CYS A C     1 
ATOM   324 O  O     . CYS A 1 65 ? 3.879   3.395   7.667   1.00 10.96  ? 208 CYS A O     1 
ATOM   325 C  CB    . CYS A 1 65 ? 2.920   5.957   6.353   1.00 11.36  ? 208 CYS A CB    1 
ATOM   326 S  SG    . CYS A 1 65 ? 3.967   7.088   7.327   1.00 12.13  ? 208 CYS A SG    1 
ATOM   327 N  N     . GLN A 1 66 ? 5.799   4.185   6.791   1.00 12.15  ? 209 GLN A N     1 
ATOM   328 C  CA    . GLN A 1 66 ? 6.658   3.483   7.733   1.00 14.40  ? 209 GLN A CA    1 
ATOM   329 C  C     . GLN A 1 66 ? 6.462   3.924   9.182   1.00 15.42  ? 209 GLN A C     1 
ATOM   330 O  O     . GLN A 1 66 ? 6.793   3.171   10.102  1.00 14.34  ? 209 GLN A O     1 
ATOM   331 C  CB    . GLN A 1 66 ? 8.131   3.655   7.356   1.00 16.80  ? 209 GLN A CB    1 
ATOM   332 C  CG    . GLN A 1 66 ? 8.534   2.851   6.132   1.00 25.57  ? 209 GLN A CG    1 
ATOM   333 C  CD    . GLN A 1 66 ? 9.756   3.426   5.460   1.00 32.58  ? 209 GLN A CD    1 
ATOM   334 O  OE1   . GLN A 1 66 ? 10.496  4.197   6.066   1.00 32.40  ? 209 GLN A OE1   1 
ATOM   335 N  NE2   . GLN A 1 66 ? 9.967   3.069   4.197   1.00 32.62  ? 209 GLN A NE2   1 
ATOM   336 N  N     . LEU A 1 67 ? 6.029   5.170   9.383   1.00 15.74  ? 210 LEU A N     1 
ATOM   337 C  CA    . LEU A 1 67 ? 5.743   5.672   10.730  1.00 14.21  ? 210 LEU A CA    1 
ATOM   338 C  C     . LEU A 1 67 ? 4.294   5.400   11.166  1.00 15.37  ? 210 LEU A C     1 
ATOM   339 O  O     . LEU A 1 67 ? 4.055   4.890   12.267  1.00 15.02  ? 210 LEU A O     1 
ATOM   340 C  CB    . LEU A 1 67 ? 6.057   7.164   10.821  1.00 12.96  ? 210 LEU A CB    1 
ATOM   341 C  CG    . LEU A 1 67 ? 7.534   7.509   11.042  1.00 17.42  ? 210 LEU A CG    1 
ATOM   342 C  CD1   . LEU A 1 67 ? 8.342   7.203   9.795   1.00 20.06  ? 210 LEU A CD1   1 
ATOM   343 C  CD2   . LEU A 1 67 ? 7.684   8.970   11.447  1.00 19.27  ? 210 LEU A CD2   1 
ATOM   344 N  N     . ARG A 1 68 ? 3.335   5.783   10.325  1.00 11.48  ? 211 ARG A N     1 
ATOM   345 C  CA    . ARG A 1 68 ? 1.953   5.944   10.773  1.00 13.58  ? 211 ARG A CA    1 
ATOM   346 C  C     . ARG A 1 68 ? 1.019   4.782   10.457  1.00 14.82  ? 211 ARG A C     1 
ATOM   347 O  O     . ARG A 1 68 ? -0.083  4.723   10.995  1.00 14.88  ? 211 ARG A O     1 
ATOM   348 C  CB    . ARG A 1 68 ? 1.349   7.257   10.269  1.00 11.16  ? 211 ARG A CB    1 
ATOM   349 C  CG    . ARG A 1 68 ? 1.988   8.485   10.906  1.00 16.57  ? 211 ARG A CG    1 
ATOM   350 C  CD    . ARG A 1 68 ? 1.397   9.765   10.361  1.00 18.19  ? 211 ARG A CD    1 
ATOM   351 N  NE    . ARG A 1 68 ? 2.064   10.933  10.928  1.00 25.44  ? 211 ARG A NE    1 
ATOM   352 C  CZ    . ARG A 1 68 ? 1.483   12.119  11.087  1.00 31.72  ? 211 ARG A CZ    1 
ATOM   353 N  NH1   . ARG A 1 68 ? 0.234   12.310  10.690  1.00 32.12  ? 211 ARG A NH1   1 
ATOM   354 N  NH2   . ARG A 1 68 ? 2.145   13.117  11.656  1.00 32.27  ? 211 ARG A NH2   1 
ATOM   355 N  N     . ALA A 1 69 ? 1.422   3.892   9.551   1.00 15.43  ? 212 ALA A N     1 
ATOM   356 C  CA    . ALA A 1 69 ? 0.511   2.848   9.060   1.00 15.84  ? 212 ALA A CA    1 
ATOM   357 C  C     . ALA A 1 69 ? 0.312   1.756   10.108  1.00 16.83  ? 212 ALA A C     1 
ATOM   358 O  O     . ALA A 1 69 ? 1.165   1.570   10.969  1.00 15.89  ? 212 ALA A O     1 
ATOM   359 C  CB    . ALA A 1 69 ? 1.026   2.251   7.763   1.00 13.59  ? 212 ALA A CB    1 
ATOM   360 N  N     . ARG A 1 70 ? -0.844  1.098   10.083  1.00 16.85  ? 213 ARG A N     1 
ATOM   361 C  CA    . ARG A 1 70 ? -1.080  -0.043  10.964  1.00 18.94  ? 213 ARG A CA    1 
ATOM   362 C  C     . ARG A 1 70 ? 0.083   -1.012  10.789  1.00 18.83  ? 213 ARG A C     1 
ATOM   363 O  O     . ARG A 1 70 ? 0.564   -1.227  9.665   1.00 16.00  ? 213 ARG A O     1 
ATOM   364 C  CB    . ARG A 1 70 ? -2.406  -0.734  10.598  1.00 20.45  ? 213 ARG A CB    1 
ATOM   365 C  CG    . ARG A 1 70 ? -3.637  -0.064  11.183  1.00 21.62  ? 213 ARG A CG    1 
ATOM   366 C  CD    . ARG A 1 70 ? -4.949  -0.653  10.659  1.00 21.13  ? 213 ARG A CD    1 
ATOM   367 N  NE    . ARG A 1 70 ? -6.008  0.362   10.654  1.00 19.60  ? 213 ARG A NE    1 
ATOM   368 C  CZ    . ARG A 1 70 ? -6.790  0.668   11.690  1.00 24.33  ? 213 ARG A CZ    1 
ATOM   369 N  NH1   . ARG A 1 70 ? -6.725  -0.024  12.823  1.00 14.99  ? 213 ARG A NH1   1 
ATOM   370 N  NH2   . ARG A 1 70 ? -7.656  1.672   11.593  1.00 24.48  ? 213 ARG A NH2   1 
ATOM   371 N  N     . GLU A 1 71 ? 0.574   -1.554  11.901  1.00 18.47  ? 214 GLU A N     1 
ATOM   372 C  CA    . GLU A 1 71 ? 1.818   -2.326  11.874  1.00 18.00  ? 214 GLU A CA    1 
ATOM   373 C  C     . GLU A 1 71 ? 1.665   -3.521  10.938  1.00 17.46  ? 214 GLU A C     1 
ATOM   374 O  O     . GLU A 1 71 ? 2.575   -3.850  10.174  1.00 17.06  ? 214 GLU A O     1 
ATOM   375 C  CB    . GLU A 1 71 ? 2.190   -2.803  13.286  1.00 17.95  ? 214 GLU A CB    1 
ATOM   376 N  N     . SER A 1 72 ? 0.460   -4.085  10.910  1.00 18.26  ? 215 SER A N     1 
ATOM   377 C  CA    . SER A 1 72 ? 0.188   -5.262  10.087  1.00 18.21  ? 215 SER A CA    1 
ATOM   378 C  C     . SER A 1 72 ? 0.111   -4.975  8.584   1.00 18.31  ? 215 SER A C     1 
ATOM   379 O  O     . SER A 1 72 ? 0.093   -5.904  7.773   1.00 17.08  ? 215 SER A O     1 
ATOM   380 C  CB    . SER A 1 72 ? -1.080  -5.971  10.562  1.00 16.27  ? 215 SER A CB    1 
ATOM   381 O  OG    . SER A 1 72 ? -2.224  -5.172  10.318  1.00 20.43  ? 215 SER A OG    1 
ATOM   382 N  N     . TYR A 1 73 ? 0.054   -3.701  8.209   1.00 19.29  ? 216 TYR A N     1 
ATOM   383 C  CA    . TYR A 1 73 ? -0.001  -3.339  6.788   1.00 21.45  ? 216 TYR A CA    1 
ATOM   384 C  C     . TYR A 1 73 ? 1.380   -3.211  6.161   1.00 23.96  ? 216 TYR A C     1 
ATOM   385 O  O     . TYR A 1 73 ? 1.514   -3.236  4.938   1.00 24.33  ? 216 TYR A O     1 
ATOM   386 C  CB    . TYR A 1 73 ? -0.784  -2.040  6.562   1.00 18.73  ? 216 TYR A CB    1 
ATOM   387 C  CG    . TYR A 1 73 ? -2.279  -2.167  6.753   1.00 19.56  ? 216 TYR A CG    1 
ATOM   388 C  CD1   . TYR A 1 73 ? -2.871  -3.405  6.986   1.00 19.45  ? 216 TYR A CD1   1 
ATOM   389 C  CD2   . TYR A 1 73 ? -3.094  -1.038  6.753   1.00 17.62  ? 216 TYR A CD2   1 
ATOM   390 C  CE1   . TYR A 1 73 ? -4.235  -3.509  7.238   1.00 23.42  ? 216 TYR A CE1   1 
ATOM   391 C  CE2   . TYR A 1 73 ? -4.450  -1.136  7.008   1.00 22.93  ? 216 TYR A CE2   1 
ATOM   392 C  CZ    . TYR A 1 73 ? -5.017  -2.377  7.216   1.00 21.85  ? 216 TYR A CZ    1 
ATOM   393 O  OH    . TYR A 1 73 ? -6.370  -2.473  7.423   1.00 28.91  ? 216 TYR A OH    1 
ATOM   394 N  N     . LYS A 1 74 ? 2.399   -2.996  6.987   1.00 26.84  ? 217 LYS A N     1 
ATOM   395 C  CA    . LYS A 1 74 ? 3.772   -3.111  6.508   1.00 29.86  ? 217 LYS A CA    1 
ATOM   396 C  C     . LYS A 1 74 ? 4.266   -4.554  6.595   1.00 31.25  ? 217 LYS A C     1 
ATOM   397 O  O     . LYS A 1 74 ? 4.019   -5.358  5.693   1.00 30.75  ? 217 LYS A O     1 
ATOM   398 C  CB    . LYS A 1 74 ? 4.709   -2.189  7.288   1.00 30.97  ? 217 LYS A CB    1 
ATOM   399 C  CG    . LYS A 1 74 ? 3.996   -1.115  8.092   1.00 28.80  ? 217 LYS A CG    1 
ATOM   400 C  CD    . LYS A 1 74 ? 4.876   -0.658  9.246   1.00 26.86  ? 217 LYS A CD    1 
ATOM   401 C  CE    . LYS A 1 74 ? 4.480   0.732   9.716   1.00 23.58  ? 217 LYS A CE    1 
ATOM   402 N  NZ    . LYS A 1 74 ? 5.152   1.065   10.996  1.00 26.45  ? 217 LYS A NZ    1 
ATOM   403 O  "O5'" . DG  B 2 1  ? -24.351 9.995   -12.432 1.00 19.08  ? 1   DG  B "O5'" 1 
ATOM   404 C  "C5'" . DG  B 2 1  ? -24.307 8.863   -11.593 1.00 13.74  ? 1   DG  B "C5'" 1 
ATOM   405 C  "C4'" . DG  B 2 1  ? -22.928 8.258   -11.760 1.00 17.20  ? 1   DG  B "C4'" 1 
ATOM   406 O  "O4'" . DG  B 2 1  ? -21.906 9.252   -11.502 1.00 17.99  ? 1   DG  B "O4'" 1 
ATOM   407 C  "C3'" . DG  B 2 1  ? -22.603 7.072   -10.873 1.00 14.97  ? 1   DG  B "C3'" 1 
ATOM   408 O  "O3'" . DG  B 2 1  ? -21.848 6.191   -11.687 1.00 16.29  ? 1   DG  B "O3'" 1 
ATOM   409 C  "C2'" . DG  B 2 1  ? -21.790 7.695   -9.739  1.00 15.00  ? 1   DG  B "C2'" 1 
ATOM   410 C  "C1'" . DG  B 2 1  ? -21.066 8.850   -10.436 1.00 16.27  ? 1   DG  B "C1'" 1 
ATOM   411 N  N9    . DG  B 2 1  ? -20.819 10.015  -9.581  1.00 10.06  ? 1   DG  B N9    1 
ATOM   412 C  C8    . DG  B 2 1  ? -21.733 10.674  -8.789  1.00 12.73  ? 1   DG  B C8    1 
ATOM   413 N  N7    . DG  B 2 1  ? -21.243 11.684  -8.119  1.00 6.82   ? 1   DG  B N7    1 
ATOM   414 C  C5    . DG  B 2 1  ? -19.903 11.687  -8.495  1.00 10.82  ? 1   DG  B C5    1 
ATOM   415 C  C6    . DG  B 2 1  ? -18.857 12.542  -8.084  1.00 7.11   ? 1   DG  B C6    1 
ATOM   416 O  O6    . DG  B 2 1  ? -18.956 13.533  -7.352  1.00 8.64   ? 1   DG  B O6    1 
ATOM   417 N  N1    . DG  B 2 1  ? -17.639 12.232  -8.687  1.00 6.52   ? 1   DG  B N1    1 
ATOM   418 C  C2    . DG  B 2 1  ? -17.462 11.199  -9.570  1.00 6.19   ? 1   DG  B C2    1 
ATOM   419 N  N2    . DG  B 2 1  ? -16.226 11.046  -10.046 1.00 2.00   ? 1   DG  B N2    1 
ATOM   420 N  N3    . DG  B 2 1  ? -18.426 10.371  -9.958  1.00 11.04  ? 1   DG  B N3    1 
ATOM   421 C  C4    . DG  B 2 1  ? -19.623 10.679  -9.393  1.00 10.44  ? 1   DG  B C4    1 
ATOM   422 P  P     . DC  B 2 2  ? -21.128 4.897   -11.087 1.00 21.56  ? 2   DC  B P     1 
ATOM   423 O  OP1   . DC  B 2 2  ? -21.155 3.849   -12.125 1.00 19.25  ? 2   DC  B OP1   1 
ATOM   424 O  OP2   . DC  B 2 2  ? -21.658 4.637   -9.735  1.00 28.23  ? 2   DC  B OP2   1 
ATOM   425 O  "O5'" . DC  B 2 2  ? -19.623 5.400   -10.923 1.00 19.65  ? 2   DC  B "O5'" 1 
ATOM   426 C  "C5'" . DC  B 2 2  ? -18.857 5.682   -12.094 1.00 17.61  ? 2   DC  B "C5'" 1 
ATOM   427 C  "C4'" . DC  B 2 2  ? -17.401 5.866   -11.703 1.00 14.77  ? 2   DC  B "C4'" 1 
ATOM   428 O  "O4'" . DC  B 2 2  ? -17.262 6.987   -10.789 1.00 13.21  ? 2   DC  B "O4'" 1 
ATOM   429 C  "C3'" . DC  B 2 2  ? -16.772 4.674   -10.995 1.00 16.51  ? 2   DC  B "C3'" 1 
ATOM   430 O  "O3'" . DC  B 2 2  ? -15.433 4.589   -11.461 1.00 19.27  ? 2   DC  B "O3'" 1 
ATOM   431 C  "C2'" . DC  B 2 2  ? -16.843 5.071   -9.523  1.00 10.77  ? 2   DC  B "C2'" 1 
ATOM   432 C  "C1'" . DC  B 2 2  ? -16.633 6.580   -9.584  1.00 11.39  ? 2   DC  B "C1'" 1 
ATOM   433 N  N1    . DC  B 2 2  ? -17.263 7.396   -8.474  1.00 12.10  ? 2   DC  B N1    1 
ATOM   434 C  C2    . DC  B 2 2  ? -16.495 8.387   -7.848  1.00 12.15  ? 2   DC  B C2    1 
ATOM   435 O  O2    . DC  B 2 2  ? -15.282 8.435   -8.105  1.00 10.11  ? 2   DC  B O2    1 
ATOM   436 N  N3    . DC  B 2 2  ? -17.075 9.166   -6.887  1.00 7.48   ? 2   DC  B N3    1 
ATOM   437 C  C4    . DC  B 2 2  ? -18.372 9.036   -6.605  1.00 5.13   ? 2   DC  B C4    1 
ATOM   438 N  N4    . DC  B 2 2  ? -18.910 9.922   -5.756  1.00 10.19  ? 2   DC  B N4    1 
ATOM   439 C  C5    . DC  B 2 2  ? -19.199 8.103   -7.296  1.00 7.22   ? 2   DC  B C5    1 
ATOM   440 C  C6    . DC  B 2 2  ? -18.603 7.311   -8.202  1.00 14.74  ? 2   DC  B C6    1 
ATOM   441 P  P     . DC  B 2 3  ? -14.518 3.327   -11.111 1.00 26.80  ? 3   DC  B P     1 
ATOM   442 O  OP1   . DC  B 2 3  ? -13.609 3.146   -12.266 1.00 22.62  ? 3   DC  B OP1   1 
ATOM   443 O  OP2   . DC  B 2 3  ? -15.410 2.240   -10.647 1.00 23.94  ? 3   DC  B OP2   1 
ATOM   444 O  "O5'" . DC  B 2 3  ? -13.648 3.831   -9.859  1.00 18.35  ? 3   DC  B "O5'" 1 
ATOM   445 C  "C5'" . DC  B 2 3  ? -12.815 4.978   -10.016 1.00 12.41  ? 3   DC  B "C5'" 1 
ATOM   446 C  "C4'" . DC  B 2 3  ? -12.105 5.255   -8.707  1.00 12.51  ? 3   DC  B "C4'" 1 
ATOM   447 O  "O4'" . DC  B 2 3  ? -12.990 5.954   -7.788  1.00 11.72  ? 3   DC  B "O4'" 1 
ATOM   448 C  "C3'" . DC  B 2 3  ? -11.691 3.983   -7.973  1.00 16.36  ? 3   DC  B "C3'" 1 
ATOM   449 O  "O3'" . DC  B 2 3  ? -10.423 4.269   -7.421  1.00 23.14  ? 3   DC  B "O3'" 1 
ATOM   450 C  "C2'" . DC  B 2 3  ? -12.780 3.814   -6.903  1.00 12.62  ? 3   DC  B "C2'" 1 
ATOM   451 C  "C1'" . DC  B 2 3  ? -13.006 5.281   -6.541  1.00 7.51   ? 3   DC  B "C1'" 1 
ATOM   452 N  N1    . DC  B 2 3  ? -14.267 5.637   -5.832  1.00 8.15   ? 3   DC  B N1    1 
ATOM   453 C  C2    . DC  B 2 3  ? -14.248 6.759   -4.995  1.00 11.50  ? 3   DC  B C2    1 
ATOM   454 O  O2    . DC  B 2 3  ? -13.165 7.299   -4.746  1.00 6.17   ? 3   DC  B O2    1 
ATOM   455 N  N3    . DC  B 2 3  ? -15.410 7.242   -4.489  1.00 7.94   ? 3   DC  B N3    1 
ATOM   456 C  C4    . DC  B 2 3  ? -16.555 6.623   -4.755  1.00 12.08  ? 3   DC  B C4    1 
ATOM   457 N  N4    . DC  B 2 3  ? -17.663 7.137   -4.216  1.00 8.63   ? 3   DC  B N4    1 
ATOM   458 C  C5    . DC  B 2 3  ? -16.612 5.534   -5.679  1.00 16.36  ? 3   DC  B C5    1 
ATOM   459 C  C6    . DC  B 2 3  ? -15.457 5.088   -6.201  1.00 11.14  ? 3   DC  B C6    1 
ATOM   460 P  P     . DA  B 2 4  ? -9.202  3.230   -7.495  1.00 22.14  ? 4   DA  B P     1 
ATOM   461 O  OP1   . DA  B 2 4  ? -8.630  3.281   -8.861  1.00 19.08  ? 4   DA  B OP1   1 
ATOM   462 O  OP2   . DA  B 2 4  ? -9.702  1.960   -6.927  1.00 26.39  ? 4   DA  B OP2   1 
ATOM   463 O  "O5'" . DA  B 2 4  ? -8.192  3.884   -6.443  1.00 21.73  ? 4   DA  B "O5'" 1 
ATOM   464 C  "C5'" . DA  B 2 4  ? -7.939  5.280   -6.458  1.00 18.20  ? 4   DA  B "C5'" 1 
ATOM   465 C  "C4'" . DA  B 2 4  ? -7.537  5.716   -5.067  1.00 18.74  ? 4   DA  B "C4'" 1 
ATOM   466 O  "O4'" . DA  B 2 4  ? -8.717  5.882   -4.240  1.00 18.17  ? 4   DA  B "O4'" 1 
ATOM   467 C  "C3'" . DA  B 2 4  ? -6.639  4.740   -4.317  1.00 20.51  ? 4   DA  B "C3'" 1 
ATOM   468 O  "O3'" . DA  B 2 4  ? -5.719  5.519   -3.589  1.00 24.96  ? 4   DA  B "O3'" 1 
ATOM   469 C  "C2'" . DA  B 2 4  ? -7.575  3.984   -3.372  1.00 14.91  ? 4   DA  B "C2'" 1 
ATOM   470 C  "C1'" . DA  B 2 4  ? -8.736  4.959   -3.166  1.00 14.55  ? 4   DA  B "C1'" 1 
ATOM   471 N  N9    . DA  B 2 4  ? -10.080 4.377   -3.198  1.00 11.15  ? 4   DA  B N9    1 
ATOM   472 C  C8    . DA  B 2 4  ? -10.547 3.306   -3.917  1.00 6.32   ? 4   DA  B C8    1 
ATOM   473 N  N7    . DA  B 2 4  ? -11.863 3.142   -3.820  1.00 6.76   ? 4   DA  B N7    1 
ATOM   474 C  C5    . DA  B 2 4  ? -12.267 4.163   -2.968  1.00 8.78   ? 4   DA  B C5    1 
ATOM   475 C  C6    . DA  B 2 4  ? -13.529 4.577   -2.482  1.00 5.35   ? 4   DA  B C6    1 
ATOM   476 N  N6    . DA  B 2 4  ? -14.672 3.948   -2.765  1.00 2.42   ? 4   DA  B N6    1 
ATOM   477 N  N1    . DA  B 2 4  ? -13.572 5.641   -1.652  1.00 8.63   ? 4   DA  B N1    1 
ATOM   478 C  C2    . DA  B 2 4  ? -12.428 6.280   -1.353  1.00 4.11   ? 4   DA  B C2    1 
ATOM   479 N  N3    . DA  B 2 4  ? -11.207 6.042   -1.826  1.00 9.49   ? 4   DA  B N3    1 
ATOM   480 C  C4    . DA  B 2 4  ? -11.187 4.954   -2.616  1.00 4.76   ? 4   DA  B C4    1 
ATOM   481 P  P     . DA  B 2 5  ? -4.544  4.857   -2.717  1.00 27.13  ? 5   DA  B P     1 
ATOM   482 O  OP1   . DA  B 2 5  ? -3.593  5.969   -2.469  1.00 20.82  ? 5   DA  B OP1   1 
ATOM   483 O  OP2   . DA  B 2 5  ? -4.154  3.523   -3.278  1.00 8.82   ? 5   DA  B OP2   1 
ATOM   484 O  "O5'" . DA  B 2 5  ? -5.259  4.596   -1.312  1.00 18.65  ? 5   DA  B "O5'" 1 
ATOM   485 C  "C5'" . DA  B 2 5  ? -5.561  5.714   -0.503  1.00 14.90  ? 5   DA  B "C5'" 1 
ATOM   486 C  "C4'" . DA  B 2 5  ? -6.424  5.218   0.634   1.00 9.18   ? 5   DA  B "C4'" 1 
ATOM   487 O  "O4'" . DA  B 2 5  ? -7.689  4.731   0.116   1.00 5.47   ? 5   DA  B "O4'" 1 
ATOM   488 C  "C3'" . DA  B 2 5  ? -5.839  4.038   1.392   1.00 9.72   ? 5   DA  B "C3'" 1 
ATOM   489 O  "O3'" . DA  B 2 5  ? -6.008  4.340   2.755   1.00 13.12  ? 5   DA  B "O3'" 1 
ATOM   490 C  "C2'" . DA  B 2 5  ? -6.728  2.848   1.021   1.00 5.87   ? 5   DA  B "C2'" 1 
ATOM   491 C  "C1'" . DA  B 2 5  ? -8.042  3.589   0.856   1.00 2.00   ? 5   DA  B "C1'" 1 
ATOM   492 N  N9    . DA  B 2 5  ? -9.097  2.841   0.185   1.00 9.77   ? 5   DA  B N9    1 
ATOM   493 C  C8    . DA  B 2 5  ? -8.973  1.862   -0.770  1.00 6.40   ? 5   DA  B C8    1 
ATOM   494 N  N7    . DA  B 2 5  ? -10.138 1.367   -1.138  1.00 8.37   ? 5   DA  B N7    1 
ATOM   495 C  C5    . DA  B 2 5  ? -11.078 2.070   -0.387  1.00 7.08   ? 5   DA  B C5    1 
ATOM   496 C  C6    . DA  B 2 5  ? -12.495 2.053   -0.322  1.00 7.97   ? 5   DA  B C6    1 
ATOM   497 N  N6    . DA  B 2 5  ? -13.275 1.222   -1.016  1.00 7.72   ? 5   DA  B N6    1 
ATOM   498 N  N1    . DA  B 2 5  ? -13.101 2.878   0.553   1.00 6.37   ? 5   DA  B N1    1 
ATOM   499 C  C2    . DA  B 2 5  ? -12.357 3.742   1.255   1.00 5.59   ? 5   DA  B C2    1 
ATOM   500 N  N3    . DA  B 2 5  ? -11.033 3.877   1.251   1.00 8.16   ? 5   DA  B N3    1 
ATOM   501 C  C4    . DA  B 2 5  ? -10.449 3.007   0.408   1.00 5.18   ? 5   DA  B C4    1 
ATOM   502 P  P     . DC  B 2 6  ? -4.740  4.685   3.668   1.00 8.67   ? 6   DC  B P     1 
ATOM   503 O  OP1   . DC  B 2 6  ? -4.040  5.809   3.020   1.00 11.02  ? 6   DC  B OP1   1 
ATOM   504 O  OP2   . DC  B 2 6  ? -4.020  3.426   3.975   1.00 6.99   ? 6   DC  B OP2   1 
ATOM   505 O  "O5'" . DC  B 2 6  ? -5.479  5.035   5.062   1.00 12.10  ? 6   DC  B "O5'" 1 
ATOM   506 C  "C5'" . DC  B 2 6  ? -6.288  6.187   5.252   1.00 12.18  ? 6   DC  B "C5'" 1 
ATOM   507 C  "C4'" . DC  B 2 6  ? -7.693  5.857   5.734   1.00 6.75   ? 6   DC  B "C4'" 1 
ATOM   508 O  "O4'" . DC  B 2 6  ? -8.493  5.199   4.721   1.00 7.52   ? 6   DC  B "O4'" 1 
ATOM   509 C  "C3'" . DC  B 2 6  ? -7.854  5.029   7.007   1.00 10.27  ? 6   DC  B "C3'" 1 
ATOM   510 O  "O3'" . DC  B 2 6  ? -7.864  5.912   8.121   1.00 10.59  ? 6   DC  B "O3'" 1 
ATOM   511 C  "C2'" . DC  B 2 6  ? -9.253  4.446   6.860   1.00 7.50   ? 6   DC  B "C2'" 1 
ATOM   512 C  "C1'" . DC  B 2 6  ? -9.582  4.570   5.377   1.00 8.92   ? 6   DC  B "C1'" 1 
ATOM   513 N  N1    . DC  B 2 6  ? -9.822  3.267   4.700   1.00 10.48  ? 6   DC  B N1    1 
ATOM   514 C  C2    . DC  B 2 6  ? -11.143 2.865   4.527   1.00 7.04   ? 6   DC  B C2    1 
ATOM   515 O  O2    . DC  B 2 6  ? -12.045 3.529   5.043   1.00 9.62   ? 6   DC  B O2    1 
ATOM   516 N  N3    . DC  B 2 6  ? -11.410 1.742   3.819   1.00 9.93   ? 6   DC  B N3    1 
ATOM   517 C  C4    . DC  B 2 6  ? -10.433 1.051   3.245   1.00 11.83  ? 6   DC  B C4    1 
ATOM   518 N  N4    . DC  B 2 6  ? -10.811 -0.004  2.505   1.00 6.40   ? 6   DC  B N4    1 
ATOM   519 C  C5    . DC  B 2 6  ? -9.065  1.446   3.395   1.00 8.79   ? 6   DC  B C5    1 
ATOM   520 C  C6    . DC  B 2 6  ? -8.808  2.545   4.130   1.00 8.58   ? 6   DC  B C6    1 
ATOM   521 P  P     . DG  B 2 7  ? -7.734  5.383   9.625   1.00 11.29  ? 7   DG  B P     1 
ATOM   522 O  OP1   . DG  B 2 7  ? -7.275  6.587   10.351  1.00 14.42  ? 7   DG  B OP1   1 
ATOM   523 O  OP2   . DG  B 2 7  ? -6.939  4.130   9.666   1.00 10.25  ? 7   DG  B OP2   1 
ATOM   524 O  "O5'" . DG  B 2 7  ? -9.227  4.955   10.041  1.00 15.80  ? 7   DG  B "O5'" 1 
ATOM   525 C  "C5'" . DG  B 2 7  ? -10.351 5.853   9.995   1.00 10.23  ? 7   DG  B "C5'" 1 
ATOM   526 C  "C4'" . DG  B 2 7  ? -11.599 5.098   10.442  1.00 8.85   ? 7   DG  B "C4'" 1 
ATOM   527 O  "O4'" . DG  B 2 7  ? -11.875 4.104   9.424   1.00 9.67   ? 7   DG  B "O4'" 1 
ATOM   528 C  "C3'" . DG  B 2 7  ? -11.479 4.313   11.753  1.00 10.34  ? 7   DG  B "C3'" 1 
ATOM   529 O  "O3'" . DG  B 2 7  ? -12.735 4.387   12.443  1.00 13.62  ? 7   DG  B "O3'" 1 
ATOM   530 C  "C2'" . DG  B 2 7  ? -11.182 2.878   11.308  1.00 8.35   ? 7   DG  B "C2'" 1 
ATOM   531 C  "C1'" . DG  B 2 7  ? -11.918 2.796   9.966   1.00 6.78   ? 7   DG  B "C1'" 1 
ATOM   532 N  N9    . DG  B 2 7  ? -11.274 1.903   8.993   1.00 6.78   ? 7   DG  B N9    1 
ATOM   533 C  C8    . DG  B 2 7  ? -9.939  1.892   8.646   1.00 11.85  ? 7   DG  B C8    1 
ATOM   534 N  N7    . DG  B 2 7  ? -9.642  1.047   7.694   1.00 11.80  ? 7   DG  B N7    1 
ATOM   535 C  C5    . DG  B 2 7  ? -10.868 0.490   7.359   1.00 5.93   ? 7   DG  B C5    1 
ATOM   536 C  C6    . DG  B 2 7  ? -11.160 -0.510  6.411   1.00 5.71   ? 7   DG  B C6    1 
ATOM   537 O  O6    . DG  B 2 7  ? -10.362 -1.075  5.636   1.00 5.13   ? 7   DG  B O6    1 
ATOM   538 N  N1    . DG  B 2 7  ? -12.522 -0.818  6.416   1.00 3.01   ? 7   DG  B N1    1 
ATOM   539 C  C2    . DG  B 2 7  ? -13.482 -0.190  7.175   1.00 7.84   ? 7   DG  B C2    1 
ATOM   540 N  N2    . DG  B 2 7  ? -14.753 -0.598  7.015   1.00 6.05   ? 7   DG  B N2    1 
ATOM   541 N  N3    . DG  B 2 7  ? -13.216 0.778   8.038   1.00 7.74   ? 7   DG  B N3    1 
ATOM   542 C  C4    . DG  B 2 7  ? -11.880 0.990   8.153   1.00 8.96   ? 7   DG  B C4    1 
ATOM   543 P  P     . DT  B 2 8  ? -13.097 3.608   13.802  1.00 18.02  ? 8   DT  B P     1 
ATOM   544 O  OP1   . DT  B 2 8  ? -13.909 4.575   14.581  1.00 25.15  ? 8   DT  B OP1   1 
ATOM   545 O  OP2   . DT  B 2 8  ? -11.916 2.984   14.447  1.00 12.32  ? 8   DT  B OP2   1 
ATOM   546 O  "O5'" . DT  B 2 8  ? -14.043 2.421   13.295  1.00 21.47  ? 8   DT  B "O5'" 1 
ATOM   547 C  "C5'" . DT  B 2 8  ? -15.113 2.691   12.384  1.00 19.43  ? 8   DT  B "C5'" 1 
ATOM   548 C  "C4'" . DT  B 2 8  ? -15.816 1.389   12.040  1.00 15.35  ? 8   DT  B "C4'" 1 
ATOM   549 O  "O4'" . DT  B 2 8  ? -14.952 0.620   11.177  1.00 15.28  ? 8   DT  B "O4'" 1 
ATOM   550 C  "C3'" . DT  B 2 8  ? -16.114 0.469   13.219  1.00 19.69  ? 8   DT  B "C3'" 1 
ATOM   551 O  "O3'" . DT  B 2 8  ? -17.453 0.018   13.094  1.00 24.28  ? 8   DT  B "O3'" 1 
ATOM   552 C  "C2'" . DT  B 2 8  ? -15.137 -0.698  13.081  1.00 14.99  ? 8   DT  B "C2'" 1 
ATOM   553 C  "C1'" . DT  B 2 8  ? -14.983 -0.738  11.569  1.00 12.79  ? 8   DT  B "C1'" 1 
ATOM   554 N  N1    . DT  B 2 8  ? -13.706 -1.312  11.058  1.00 11.37  ? 8   DT  B N1    1 
ATOM   555 C  C2    . DT  B 2 8  ? -13.796 -2.202  10.013  1.00 11.50  ? 8   DT  B C2    1 
ATOM   556 O  O2    . DT  B 2 8  ? -14.868 -2.669  9.670   1.00 13.57  ? 8   DT  B O2    1 
ATOM   557 N  N3    . DT  B 2 8  ? -12.588 -2.599  9.478   1.00 11.95  ? 8   DT  B N3    1 
ATOM   558 C  C4    . DT  B 2 8  ? -11.337 -2.126  9.848   1.00 11.27  ? 8   DT  B C4    1 
ATOM   559 O  O4    . DT  B 2 8  ? -10.292 -2.490  9.322   1.00 9.98   ? 8   DT  B O4    1 
ATOM   560 C  C5    . DT  B 2 8  ? -11.316 -1.160  10.914  1.00 15.53  ? 8   DT  B C5    1 
ATOM   561 C  C7    . DT  B 2 8  ? -9.983  -0.653  11.391  1.00 12.60  ? 8   DT  B C7    1 
ATOM   562 C  C6    . DT  B 2 8  ? -12.492 -0.775  11.445  1.00 11.46  ? 8   DT  B C6    1 
ATOM   563 P  P     . DT  B 2 9  ? -18.134 -0.802  14.289  1.00 28.26  ? 9   DT  B P     1 
ATOM   564 O  OP1   . DT  B 2 9  ? -19.524 -0.300  14.388  1.00 28.58  ? 9   DT  B OP1   1 
ATOM   565 O  OP2   . DT  B 2 9  ? -17.226 -0.755  15.458  1.00 21.79  ? 9   DT  B OP2   1 
ATOM   566 O  "O5'" . DT  B 2 9  ? -18.124 -2.308  13.740  1.00 27.19  ? 9   DT  B "O5'" 1 
ATOM   567 C  "C5'" . DT  B 2 9  ? -18.745 -2.633  12.498  1.00 27.46  ? 9   DT  B "C5'" 1 
ATOM   568 C  "C4'" . DT  B 2 9  ? -18.478 -4.082  12.133  1.00 23.72  ? 9   DT  B "C4'" 1 
ATOM   569 O  "O4'" . DT  B 2 9  ? -17.117 -4.229  11.654  1.00 23.54  ? 9   DT  B "O4'" 1 
ATOM   570 C  "C3'" . DT  B 2 9  ? -18.614 -5.069  13.290  1.00 25.71  ? 9   DT  B "C3'" 1 
ATOM   571 O  "O3'" . DT  B 2 9  ? -19.266 -6.234  12.817  1.00 30.62  ? 9   DT  B "O3'" 1 
ATOM   572 C  "C2'" . DT  B 2 9  ? -17.167 -5.398  13.640  1.00 26.55  ? 9   DT  B "C2'" 1 
ATOM   573 C  "C1'" . DT  B 2 9  ? -16.590 -5.403  12.230  1.00 21.92  ? 9   DT  B "C1'" 1 
ATOM   574 N  N1    . DT  B 2 9  ? -15.117 -5.329  12.145  1.00 18.51  ? 9   DT  B N1    1 
ATOM   575 C  C2    . DT  B 2 9  ? -14.486 -6.002  11.119  1.00 17.82  ? 9   DT  B C2    1 
ATOM   576 O  O2    . DT  B 2 9  ? -15.074 -6.701  10.311  1.00 18.23  ? 9   DT  B O2    1 
ATOM   577 N  N3    . DT  B 2 9  ? -13.126 -5.834  11.086  1.00 13.14  ? 9   DT  B N3    1 
ATOM   578 C  C4    . DT  B 2 9  ? -12.375 -5.010  11.905  1.00 11.39  ? 9   DT  B C4    1 
ATOM   579 O  O4    . DT  B 2 9  ? -11.163 -4.923  11.747  1.00 15.91  ? 9   DT  B O4    1 
ATOM   580 C  C5    . DT  B 2 9  ? -13.099 -4.317  12.947  1.00 14.30  ? 9   DT  B C5    1 
ATOM   581 C  C7    . DT  B 2 9  ? -12.392 -3.464  13.969  1.00 16.86  ? 9   DT  B C7    1 
ATOM   582 C  C6    . DT  B 2 9  ? -14.419 -4.532  13.032  1.00 18.04  ? 9   DT  B C6    1 
ATOM   583 P  P     . DG  B 2 10 ? -20.430 -6.940  13.655  1.00 28.56  ? 10  DG  B P     1 
ATOM   584 O  OP1   . DG  B 2 10 ? -21.607 -6.071  13.474  1.00 28.56  ? 10  DG  B OP1   1 
ATOM   585 O  OP2   . DG  B 2 10 ? -19.939 -7.295  15.010  1.00 27.64  ? 10  DG  B OP2   1 
ATOM   586 O  "O5'" . DG  B 2 10 ? -20.610 -8.318  12.857  1.00 26.16  ? 10  DG  B "O5'" 1 
ATOM   587 C  "C5'" . DG  B 2 10 ? -20.277 -8.415  11.481  1.00 25.48  ? 10  DG  B "C5'" 1 
ATOM   588 C  "C4'" . DG  B 2 10 ? -19.567 -9.730  11.220  1.00 30.23  ? 10  DG  B "C4'" 1 
ATOM   589 O  "O4'" . DG  B 2 10 ? -18.128 -9.604  11.383  1.00 27.71  ? 10  DG  B "O4'" 1 
ATOM   590 C  "C3'" . DG  B 2 10 ? -19.952 -10.869 12.149  1.00 31.99  ? 10  DG  B "C3'" 1 
ATOM   591 O  "O3'" . DG  B 2 10 ? -19.824 -12.070 11.405  1.00 36.40  ? 10  DG  B "O3'" 1 
ATOM   592 C  "C2'" . DG  B 2 10 ? -18.888 -10.796 13.240  1.00 28.87  ? 10  DG  B "C2'" 1 
ATOM   593 C  "C1'" . DG  B 2 10 ? -17.658 -10.471 12.395  1.00 24.29  ? 10  DG  B "C1'" 1 
ATOM   594 N  N9    . DG  B 2 10 ? -16.611 -9.726  13.089  1.00 20.01  ? 10  DG  B N9    1 
ATOM   595 C  C8    . DG  B 2 10 ? -16.778 -8.842  14.130  1.00 19.60  ? 10  DG  B C8    1 
ATOM   596 N  N7    . DG  B 2 10 ? -15.675 -8.227  14.462  1.00 20.01  ? 10  DG  B N7    1 
ATOM   597 C  C5    . DG  B 2 10 ? -14.723 -8.717  13.575  1.00 17.81  ? 10  DG  B C5    1 
ATOM   598 C  C6    . DG  B 2 10 ? -13.336 -8.435  13.480  1.00 19.98  ? 10  DG  B C6    1 
ATOM   599 O  O6    . DG  B 2 10 ? -12.681 -7.618  14.143  1.00 21.04  ? 10  DG  B O6    1 
ATOM   600 N  N1    . DG  B 2 10 ? -12.707 -9.214  12.510  1.00 12.88  ? 10  DG  B N1    1 
ATOM   601 C  C2    . DG  B 2 10 ? -13.360 -10.113 11.700  1.00 15.12  ? 10  DG  B C2    1 
ATOM   602 N  N2    . DG  B 2 10 ? -12.596 -10.741 10.794  1.00 11.04  ? 10  DG  B N2    1 
ATOM   603 N  N3    . DG  B 2 10 ? -14.667 -10.368 11.756  1.00 16.13  ? 10  DG  B N3    1 
ATOM   604 C  C4    . DG  B 2 10 ? -15.281 -9.652  12.732  1.00 16.72  ? 10  DG  B C4    1 
ATOM   605 P  P     . DG  B 2 11 ? -20.519 -13.405 11.938  1.00 35.12  ? 11  DG  B P     1 
ATOM   606 O  OP1   . DG  B 2 11 ? -21.568 -13.767 10.955  1.00 32.76  ? 11  DG  B OP1   1 
ATOM   607 O  OP2   . DG  B 2 11 ? -20.828 -13.202 13.376  1.00 32.23  ? 11  DG  B OP2   1 
ATOM   608 O  "O5'" . DG  B 2 11 ? -19.345 -14.490 11.849  1.00 28.26  ? 11  DG  B "O5'" 1 
ATOM   609 C  "C5'" . DG  B 2 11 ? -18.527 -14.564 10.691  1.00 23.16  ? 11  DG  B "C5'" 1 
ATOM   610 C  "C4'" . DG  B 2 11 ? -17.196 -15.158 11.106  1.00 18.99  ? 11  DG  B "C4'" 1 
ATOM   611 O  "O4'" . DG  B 2 11 ? -16.357 -14.152 11.732  1.00 12.68  ? 11  DG  B "O4'" 1 
ATOM   612 C  "C3'" . DG  B 2 11 ? -17.359 -16.273 12.126  1.00 18.12  ? 11  DG  B "C3'" 1 
ATOM   613 O  "O3'" . DG  B 2 11 ? -16.701 -17.407 11.586  1.00 20.73  ? 11  DG  B "O3'" 1 
ATOM   614 C  "C2'" . DG  B 2 11 ? -16.716 -15.729 13.403  1.00 14.28  ? 11  DG  B "C2'" 1 
ATOM   615 C  "C1'" . DG  B 2 11 ? -15.709 -14.733 12.842  1.00 13.29  ? 11  DG  B "C1'" 1 
ATOM   616 N  N9    . DG  B 2 11 ? -15.313 -13.665 13.757  1.00 12.61  ? 11  DG  B N9    1 
ATOM   617 C  C8    . DG  B 2 11 ? -16.124 -12.952 14.603  1.00 14.26  ? 11  DG  B C8    1 
ATOM   618 N  N7    . DG  B 2 11 ? -15.489 -12.023 15.265  1.00 11.08  ? 11  DG  B N7    1 
ATOM   619 C  C5    . DG  B 2 11 ? -14.178 -12.107 14.819  1.00 8.90   ? 11  DG  B C5    1 
ATOM   620 C  C6    . DG  B 2 11 ? -13.029 -11.358 15.191  1.00 9.33   ? 11  DG  B C6    1 
ATOM   621 O  O6    . DG  B 2 11 ? -12.951 -10.431 16.016  1.00 10.99  ? 11  DG  B O6    1 
ATOM   622 N  N1    . DG  B 2 11 ? -11.902 -11.743 14.464  1.00 3.29   ? 11  DG  B N1    1 
ATOM   623 C  C2    . DG  B 2 11 ? -11.878 -12.768 13.549  1.00 7.34   ? 11  DG  B C2    1 
ATOM   624 N  N2    . DG  B 2 11 ? -10.702 -13.006 12.947  1.00 10.68  ? 11  DG  B N2    1 
ATOM   625 N  N3    . DG  B 2 11 ? -12.956 -13.439 13.156  1.00 9.09   ? 11  DG  B N3    1 
ATOM   626 C  C4    . DG  B 2 11 ? -14.063 -13.091 13.863  1.00 11.80  ? 11  DG  B C4    1 
ATOM   627 P  P     . DC  B 2 12 ? -16.682 -18.773 12.391  1.00 20.62  ? 12  DC  B P     1 
ATOM   628 O  OP1   . DC  B 2 12 ? -16.785 -19.883 11.419  1.00 24.77  ? 12  DC  B OP1   1 
ATOM   629 O  OP2   . DC  B 2 12 ? -17.668 -18.663 13.486  1.00 25.52  ? 12  DC  B OP2   1 
ATOM   630 O  "O5'" . DC  B 2 12 ? -15.215 -18.769 13.027  1.00 17.16  ? 12  DC  B "O5'" 1 
ATOM   631 C  "C5'" . DC  B 2 12 ? -14.096 -18.551 12.180  1.00 14.94  ? 12  DC  B "C5'" 1 
ATOM   632 C  "C4'" . DC  B 2 12 ? -12.847 -18.262 12.991  1.00 13.95  ? 12  DC  B "C4'" 1 
ATOM   633 O  "O4'" . DC  B 2 12 ? -12.920 -16.911 13.503  1.00 8.99   ? 12  DC  B "O4'" 1 
ATOM   634 C  "C3'" . DC  B 2 12 ? -12.647 -19.095 14.250  1.00 13.46  ? 12  DC  B "C3'" 1 
ATOM   635 O  "O3'" . DC  B 2 12 ? -11.997 -20.317 13.941  1.00 15.48  ? 12  DC  B "O3'" 1 
ATOM   636 C  "C2'" . DC  B 2 12 ? -11.730 -18.216 15.100  1.00 9.99   ? 12  DC  B "C2'" 1 
ATOM   637 C  "C1'" . DC  B 2 12 ? -11.997 -16.813 14.566  1.00 9.70   ? 12  DC  B "C1'" 1 
ATOM   638 N  N1    . DC  B 2 12 ? -12.522 -15.868 15.588  1.00 10.46  ? 12  DC  B N1    1 
ATOM   639 C  C2    . DC  B 2 12 ? -11.611 -14.960 16.132  1.00 9.08   ? 12  DC  B C2    1 
ATOM   640 O  O2    . DC  B 2 12 ? -10.437 -14.987 15.725  1.00 10.07  ? 12  DC  B O2    1 
ATOM   641 N  N3    . DC  B 2 12 ? -12.059 -14.071 17.049  1.00 2.00   ? 12  DC  B N3    1 
ATOM   642 C  C4    . DC  B 2 12 ? -13.335 -14.087 17.437  1.00 6.02   ? 12  DC  B C4    1 
ATOM   643 N  N4    . DC  B 2 12 ? -13.692 -13.194 18.365  1.00 4.49   ? 12  DC  B N4    1 
ATOM   644 C  C5    . DC  B 2 12 ? -14.283 -15.015 16.902  1.00 5.34   ? 12  DC  B C5    1 
ATOM   645 C  C6    . DC  B 2 12 ? -13.823 -15.902 16.006  1.00 5.96   ? 12  DC  B C6    1 
ATOM   646 O  "O5'" . DG  C 2 1  ? -4.992  -9.223  23.138  1.00 35.83  ? 1   DG  C "O5'" 1 
ATOM   647 C  "C5'" . DG  C 2 1  ? -4.999  -8.322  22.032  1.00 27.58  ? 1   DG  C "C5'" 1 
ATOM   648 C  "C4'" . DG  C 2 1  ? -4.374  -8.979  20.813  1.00 28.18  ? 1   DG  C "C4'" 1 
ATOM   649 O  "O4'" . DG  C 2 1  ? -5.268  -9.993  20.292  1.00 28.35  ? 1   DG  C "O4'" 1 
ATOM   650 C  "C3'" . DG  C 2 1  ? -4.153  -8.068  19.615  1.00 31.88  ? 1   DG  C "C3'" 1 
ATOM   651 O  "O3'" . DG  C 2 1  ? -3.225  -8.699  18.741  1.00 37.60  ? 1   DG  C "O3'" 1 
ATOM   652 C  "C2'" . DG  C 2 1  ? -5.542  -8.043  18.983  1.00 28.53  ? 1   DG  C "C2'" 1 
ATOM   653 C  "C1'" . DG  C 2 1  ? -5.937  -9.509  19.138  1.00 27.09  ? 1   DG  C "C1'" 1 
ATOM   654 N  N9    . DG  C 2 1  ? -7.374  -9.690  19.334  1.00 25.08  ? 1   DG  C N9    1 
ATOM   655 C  C8    . DG  C 2 1  ? -8.205  -8.917  20.112  1.00 26.46  ? 1   DG  C C8    1 
ATOM   656 N  N7    . DG  C 2 1  ? -9.438  -9.350  20.148  1.00 24.90  ? 1   DG  C N7    1 
ATOM   657 C  C5    . DG  C 2 1  ? -9.427  -10.460 19.305  1.00 21.57  ? 1   DG  C C5    1 
ATOM   658 C  C6    . DG  C 2 1  ? -10.480 -11.324 18.920  1.00 14.88  ? 1   DG  C C6    1 
ATOM   659 O  O6    . DG  C 2 1  ? -11.668 -11.276 19.250  1.00 14.70  ? 1   DG  C O6    1 
ATOM   660 N  N1    . DG  C 2 1  ? -10.040 -12.347 18.086  1.00 11.66  ? 1   DG  C N1    1 
ATOM   661 C  C2    . DG  C 2 1  ? -8.749  -12.499 17.647  1.00 16.78  ? 1   DG  C C2    1 
ATOM   662 N  N2    . DG  C 2 1  ? -8.532  -13.547 16.844  1.00 10.32  ? 1   DG  C N2    1 
ATOM   663 N  N3    . DG  C 2 1  ? -7.753  -11.683 17.974  1.00 19.08  ? 1   DG  C N3    1 
ATOM   664 C  C4    . DG  C 2 1  ? -8.158  -10.704 18.823  1.00 22.06  ? 1   DG  C C4    1 
ATOM   665 P  P     . DC  C 2 2  ? -2.811  -8.038  17.337  1.00 39.68  ? 2   DC  C P     1 
ATOM   666 O  OP1   . DC  C 2 2  ? -1.331  -8.095  17.305  1.00 35.89  ? 2   DC  C OP1   1 
ATOM   667 O  OP2   . DC  C 2 2  ? -3.544  -6.761  17.147  1.00 37.29  ? 2   DC  C OP2   1 
ATOM   668 O  "O5'" . DC  C 2 2  ? -3.410  -9.053  16.256  1.00 37.11  ? 2   DC  C "O5'" 1 
ATOM   669 C  "C5'" . DC  C 2 2  ? -3.029  -10.418 16.294  1.00 34.53  ? 2   DC  C "C5'" 1 
ATOM   670 C  "C4'" . DC  C 2 2  ? -3.674  -11.132 15.128  1.00 32.07  ? 2   DC  C "C4'" 1 
ATOM   671 O  "O4'" . DC  C 2 2  ? -5.086  -11.318 15.409  1.00 33.34  ? 2   DC  C "O4'" 1 
ATOM   672 C  "C3'" . DC  C 2 2  ? -3.571  -10.376 13.808  1.00 32.10  ? 2   DC  C "C3'" 1 
ATOM   673 O  "O3'" . DC  C 2 2  ? -3.198  -11.310 12.802  1.00 35.08  ? 2   DC  C "O3'" 1 
ATOM   674 C  "C2'" . DC  C 2 2  ? -4.969  -9.798  13.606  1.00 31.12  ? 2   DC  C "C2'" 1 
ATOM   675 C  "C1'" . DC  C 2 2  ? -5.852  -10.817 14.330  1.00 29.96  ? 2   DC  C "C1'" 1 
ATOM   676 N  N1    . DC  C 2 2  ? -7.112  -10.254 14.900  1.00 27.27  ? 2   DC  C N1    1 
ATOM   677 C  C2    . DC  C 2 2  ? -8.350  -10.836 14.573  1.00 24.84  ? 2   DC  C C2    1 
ATOM   678 O  O2    . DC  C 2 2  ? -8.405  -11.771 13.762  1.00 25.94  ? 2   DC  C O2    1 
ATOM   679 N  N3    . DC  C 2 2  ? -9.477  -10.325 15.122  1.00 18.16  ? 2   DC  C N3    1 
ATOM   680 C  C4    . DC  C 2 2  ? -9.409  -9.295  15.969  1.00 19.47  ? 2   DC  C C4    1 
ATOM   681 N  N4    . DC  C 2 2  ? -10.562 -8.836  16.478  1.00 17.09  ? 2   DC  C N4    1 
ATOM   682 C  C5    . DC  C 2 2  ? -8.162  -8.687  16.310  1.00 22.74  ? 2   DC  C C5    1 
ATOM   683 C  C6    . DC  C 2 2  ? -7.048  -9.193  15.761  1.00 23.73  ? 2   DC  C C6    1 
ATOM   684 P  P     . DC  C 2 3  ? -2.650  -10.865 11.363  1.00 40.74  ? 3   DC  C P     1 
ATOM   685 O  OP1   . DC  C 2 3  ? -1.770  -11.946 10.871  1.00 35.77  ? 3   DC  C OP1   1 
ATOM   686 O  OP2   . DC  C 2 3  ? -2.180  -9.459  11.422  1.00 34.26  ? 3   DC  C OP2   1 
ATOM   687 O  "O5'" . DC  C 2 3  ? -3.997  -10.910 10.503  1.00 38.67  ? 3   DC  C "O5'" 1 
ATOM   688 C  "C5'" . DC  C 2 3  ? -4.637  -12.155 10.235  1.00 34.87  ? 3   DC  C "C5'" 1 
ATOM   689 C  "C4'" . DC  C 2 3  ? -5.903  -11.859 9.461   1.00 32.63  ? 3   DC  C "C4'" 1 
ATOM   690 O  "O4'" . DC  C 2 3  ? -6.913  -11.346 10.367  1.00 29.24  ? 3   DC  C "O4'" 1 
ATOM   691 C  "C3'" . DC  C 2 3  ? -5.707  -10.757 8.427   1.00 31.99  ? 3   DC  C "C3'" 1 
ATOM   692 O  "O3'" . DC  C 2 3  ? -6.587  -11.013 7.356   1.00 38.27  ? 3   DC  C "O3'" 1 
ATOM   693 C  "C2'" . DC  C 2 3  ? -6.151  -9.506  9.170   1.00 28.60  ? 3   DC  C "C2'" 1 
ATOM   694 C  "C1'" . DC  C 2 3  ? -7.371  -10.119 9.840   1.00 27.84  ? 3   DC  C "C1'" 1 
ATOM   695 N  N1    . DC  C 2 3  ? -7.973  -9.278  10.899  1.00 26.59  ? 3   DC  C N1    1 
ATOM   696 C  C2    . DC  C 2 3  ? -9.334  -9.427  11.149  1.00 24.46  ? 3   DC  C C2    1 
ATOM   697 O  O2    . DC  C 2 3  ? -9.951  -10.283 10.502  1.00 26.63  ? 3   DC  C O2    1 
ATOM   698 N  N3    . DC  C 2 3  ? -9.911  -8.639  12.090  1.00 23.49  ? 3   DC  C N3    1 
ATOM   699 C  C4    . DC  C 2 3  ? -9.163  -7.750  12.754  1.00 23.43  ? 3   DC  C C4    1 
ATOM   700 N  N4    . DC  C 2 3  ? -9.765  -6.992  13.678  1.00 24.07  ? 3   DC  C N4    1 
ATOM   701 C  C5    . DC  C 2 3  ? -7.763  -7.599  12.523  1.00 24.60  ? 3   DC  C C5    1 
ATOM   702 C  C6    . DC  C 2 3  ? -7.218  -8.365  11.576  1.00 26.11  ? 3   DC  C C6    1 
ATOM   703 P  P     . DA  C 2 4  ? -5.988  -11.684 6.038   1.00 38.10  ? 4   DA  C P     1 
ATOM   704 O  OP1   . DA  C 2 4  ? -5.256  -12.887 6.494   1.00 35.38  ? 4   DA  C OP1   1 
ATOM   705 O  OP2   . DA  C 2 4  ? -5.315  -10.576 5.313   1.00 34.74  ? 4   DA  C OP2   1 
ATOM   706 O  "O5'" . DA  C 2 4  ? -7.287  -12.147 5.220   1.00 34.08  ? 4   DA  C "O5'" 1 
ATOM   707 C  "C5'" . DA  C 2 4  ? -8.119  -13.191 5.713   1.00 29.39  ? 4   DA  C "C5'" 1 
ATOM   708 C  "C4'" . DA  C 2 4  ? -9.584  -12.910 5.414   1.00 30.21  ? 4   DA  C "C4'" 1 
ATOM   709 O  "O4'" . DA  C 2 4  ? -10.126 -11.955 6.361   1.00 25.86  ? 4   DA  C "O4'" 1 
ATOM   710 C  "C3'" . DA  C 2 4  ? -9.904  -12.365 4.026   1.00 28.98  ? 4   DA  C "C3'" 1 
ATOM   711 O  "O3'" . DA  C 2 4  ? -11.089 -13.000 3.566   1.00 31.71  ? 4   DA  C "O3'" 1 
ATOM   712 C  "C2'" . DA  C 2 4  ? -10.119 -10.872 4.264   1.00 24.81  ? 4   DA  C "C2'" 1 
ATOM   713 C  "C1'" . DA  C 2 4  ? -10.663 -10.825 5.694   1.00 26.21  ? 4   DA  C "C1'" 1 
ATOM   714 N  N9    . DA  C 2 4  ? -10.223 -9.650  6.444   1.00 20.81  ? 4   DA  C N9    1 
ATOM   715 C  C8    . DA  C 2 4  ? -8.971  -9.092  6.400   1.00 21.37  ? 4   DA  C C8    1 
ATOM   716 N  N7    . DA  C 2 4  ? -8.788  -8.103  7.243   1.00 11.94  ? 4   DA  C N7    1 
ATOM   717 C  C5    . DA  C 2 4  ? -9.991  -8.042  7.927   1.00 17.80  ? 4   DA  C C5    1 
ATOM   718 C  C6    . DA  C 2 4  ? -10.465 -7.151  8.905   1.00 12.79  ? 4   DA  C C6    1 
ATOM   719 N  N6    . DA  C 2 4  ? -9.690  -6.211  9.446   1.00 15.25  ? 4   DA  C N6    1 
ATOM   720 N  N1    . DA  C 2 4  ? -11.735 -7.294  9.335   1.00 16.97  ? 4   DA  C N1    1 
ATOM   721 C  C2    . DA  C 2 4  ? -12.486 -8.259  8.795   1.00 15.10  ? 4   DA  C C2    1 
ATOM   722 N  N3    . DA  C 2 4  ? -12.151 -9.162  7.869   1.00 19.79  ? 4   DA  C N3    1 
ATOM   723 C  C4    . DA  C 2 4  ? -10.886 -8.989  7.456   1.00 20.13  ? 4   DA  C C4    1 
ATOM   724 P  P     . DA  C 2 5  ? -11.706 -12.670 2.126   1.00 33.96  ? 5   DA  C P     1 
ATOM   725 O  OP1   . DA  C 2 5  ? -12.531 -13.840 1.749   1.00 36.12  ? 5   DA  C OP1   1 
ATOM   726 O  OP2   . DA  C 2 5  ? -10.611 -12.195 1.244   1.00 37.20  ? 5   DA  C OP2   1 
ATOM   727 O  "O5'" . DA  C 2 5  ? -12.704 -11.451 2.387   1.00 29.95  ? 5   DA  C "O5'" 1 
ATOM   728 C  "C5'" . DA  C 2 5  ? -13.780 -11.691 3.287   1.00 26.07  ? 5   DA  C "C5'" 1 
ATOM   729 C  "C4'" . DA  C 2 5  ? -14.472 -10.394 3.643   1.00 20.45  ? 5   DA  C "C4'" 1 
ATOM   730 O  "O4'" . DA  C 2 5  ? -13.573 -9.562  4.410   1.00 19.57  ? 5   DA  C "O4'" 1 
ATOM   731 C  "C3'" . DA  C 2 5  ? -14.893 -9.549  2.452   1.00 19.21  ? 5   DA  C "C3'" 1 
ATOM   732 O  "O3'" . DA  C 2 5  ? -16.306 -9.656  2.377   1.00 22.29  ? 5   DA  C "O3'" 1 
ATOM   733 C  "C2'" . DA  C 2 5  ? -14.427 -8.125  2.779   1.00 13.90  ? 5   DA  C "C2'" 1 
ATOM   734 C  "C1'" . DA  C 2 5  ? -14.011 -8.234  4.241   1.00 17.13  ? 5   DA  C "C1'" 1 
ATOM   735 N  N9    . DA  C 2 5  ? -12.929 -7.353  4.676   1.00 16.57  ? 5   DA  C N9    1 
ATOM   736 C  C8    . DA  C 2 5  ? -11.624 -7.361  4.251   1.00 13.38  ? 5   DA  C C8    1 
ATOM   737 N  N7    . DA  C 2 5  ? -10.900 -6.438  4.843   1.00 19.48  ? 5   DA  C N7    1 
ATOM   738 C  C5    . DA  C 2 5  ? -11.744 -5.880  5.798   1.00 14.34  ? 5   DA  C C5    1 
ATOM   739 C  C6    . DA  C 2 5  ? -11.583 -4.846  6.746   1.00 17.06  ? 5   DA  C C6    1 
ATOM   740 N  N6    . DA  C 2 5  ? -10.420 -4.221  6.959   1.00 19.03  ? 5   DA  C N6    1 
ATOM   741 N  N1    . DA  C 2 5  ? -12.648 -4.496  7.505   1.00 17.48  ? 5   DA  C N1    1 
ATOM   742 C  C2    . DA  C 2 5  ? -13.813 -5.126  7.299   1.00 13.03  ? 5   DA  C C2    1 
ATOM   743 N  N3    . DA  C 2 5  ? -14.081 -6.108  6.437   1.00 12.87  ? 5   DA  C N3    1 
ATOM   744 C  C4    . DA  C 2 5  ? -13.007 -6.425  5.693   1.00 14.57  ? 5   DA  C C4    1 
ATOM   745 P  P     . DC  C 2 6  ? -17.135 -8.953  1.213   1.00 26.35  ? 6   DC  C P     1 
ATOM   746 O  OP1   . DC  C 2 6  ? -18.430 -9.673  1.112   1.00 32.17  ? 6   DC  C OP1   1 
ATOM   747 O  OP2   . DC  C 2 6  ? -16.267 -8.852  0.015   1.00 28.71  ? 6   DC  C OP2   1 
ATOM   748 O  "O5'" . DC  C 2 6  ? -17.370 -7.487  1.805   1.00 20.21  ? 6   DC  C "O5'" 1 
ATOM   749 C  "C5'" . DC  C 2 6  ? -18.099 -7.291  3.009   1.00 18.62  ? 6   DC  C "C5'" 1 
ATOM   750 C  "C4'" . DC  C 2 6  ? -18.175 -5.803  3.303   1.00 15.06  ? 6   DC  C "C4'" 1 
ATOM   751 O  "O4'" . DC  C 2 6  ? -16.893 -5.372  3.840   1.00 18.09  ? 6   DC  C "O4'" 1 
ATOM   752 C  "C3'" . DC  C 2 6  ? -18.438 -4.896  2.097   1.00 16.31  ? 6   DC  C "C3'" 1 
ATOM   753 O  "O3'" . DC  C 2 6  ? -19.232 -3.803  2.552   1.00 25.84  ? 6   DC  C "O3'" 1 
ATOM   754 C  "C2'" . DC  C 2 6  ? -17.039 -4.376  1.754   1.00 15.61  ? 6   DC  C "C2'" 1 
ATOM   755 C  "C1'" . DC  C 2 6  ? -16.527 -4.180  3.179   1.00 15.39  ? 6   DC  C "C1'" 1 
ATOM   756 N  N1    . DC  C 2 6  ? -15.067 -3.948  3.321   1.00 16.61  ? 6   DC  C N1    1 
ATOM   757 C  C2    . DC  C 2 6  ? -14.643 -3.025  4.285   1.00 14.23  ? 6   DC  C C2    1 
ATOM   758 O  O2    . DC  C 2 6  ? -15.465 -2.467  5.020   1.00 18.56  ? 6   DC  C O2    1 
ATOM   759 N  N3    . DC  C 2 6  ? -13.328 -2.772  4.410   1.00 13.07  ? 6   DC  C N3    1 
ATOM   760 C  C4    . DC  C 2 6  ? -12.453 -3.370  3.598   1.00 13.81  ? 6   DC  C C4    1 
ATOM   761 N  N4    . DC  C 2 6  ? -11.163 -3.061  3.785   1.00 10.48  ? 6   DC  C N4    1 
ATOM   762 C  C5    . DC  C 2 6  ? -12.866 -4.300  2.589   1.00 17.25  ? 6   DC  C C5    1 
ATOM   763 C  C6    . DC  C 2 6  ? -14.179 -4.527  2.456   1.00 12.50  ? 6   DC  C C6    1 
ATOM   764 P  P     . DG  C 2 7  ? -20.699 -3.507  1.975   1.00 28.04  ? 7   DG  C P     1 
ATOM   765 O  OP1   . DG  C 2 7  ? -21.490 -4.722  2.276   1.00 29.08  ? 7   DG  C OP1   1 
ATOM   766 O  OP2   . DG  C 2 7  ? -20.561 -2.995  0.594   1.00 25.26  ? 7   DG  C OP2   1 
ATOM   767 O  "O5'" . DG  C 2 7  ? -21.204 -2.281  2.874   1.00 25.16  ? 7   DG  C "O5'" 1 
ATOM   768 C  "C5'" . DG  C 2 7  ? -21.222 -2.426  4.301   1.00 23.98  ? 7   DG  C "C5'" 1 
ATOM   769 C  "C4'" . DG  C 2 7  ? -20.945 -1.111  5.014   1.00 16.46  ? 7   DG  C "C4'" 1 
ATOM   770 O  "O4'" . DG  C 2 7  ? -19.523 -0.820  4.993   1.00 17.35  ? 7   DG  C "O4'" 1 
ATOM   771 C  "C3'" . DG  C 2 7  ? -21.629 0.120   4.433   1.00 18.70  ? 7   DG  C "C3'" 1 
ATOM   772 O  "O3'" . DG  C 2 7  ? -21.936 1.007   5.507   1.00 20.73  ? 7   DG  C "O3'" 1 
ATOM   773 C  "C2'" . DG  C 2 7  ? -20.546 0.726   3.536   1.00 16.82  ? 7   DG  C "C2'" 1 
ATOM   774 C  "C1'" . DG  C 2 7  ? -19.270 0.391   4.306   1.00 10.69  ? 7   DG  C "C1'" 1 
ATOM   775 N  N9    . DG  C 2 7  ? -18.097 0.141   3.463   1.00 15.38  ? 7   DG  C N9    1 
ATOM   776 C  C8    . DG  C 2 7  ? -18.013 -0.703  2.380   1.00 15.63  ? 7   DG  C C8    1 
ATOM   777 N  N7    . DG  C 2 7  ? -16.801 -0.818  1.903   1.00 16.39  ? 7   DG  C N7    1 
ATOM   778 C  C5    . DG  C 2 7  ? -16.035 0.006   2.722   1.00 12.12  ? 7   DG  C C5    1 
ATOM   779 C  C6    . DG  C 2 7  ? -14.652 0.294   2.712   1.00 7.22   ? 7   DG  C C6    1 
ATOM   780 O  O6    . DG  C 2 7  ? -13.794 -0.141  1.928   1.00 11.08  ? 7   DG  C O6    1 
ATOM   781 N  N1    . DG  C 2 7  ? -14.267 1.134   3.763   1.00 9.71   ? 7   DG  C N1    1 
ATOM   782 C  C2    . DG  C 2 7  ? -15.127 1.662   4.687   1.00 14.67  ? 7   DG  C C2    1 
ATOM   783 N  N2    . DG  C 2 7  ? -14.608 2.531   5.571   1.00 17.32  ? 7   DG  C N2    1 
ATOM   784 N  N3    . DG  C 2 7  ? -16.425 1.402   4.702   1.00 13.71  ? 7   DG  C N3    1 
ATOM   785 C  C4    . DG  C 2 7  ? -16.807 0.554   3.718   1.00 12.81  ? 7   DG  C C4    1 
ATOM   786 P  P     . DT  C 2 8  ? -22.599 2.429   5.208   1.00 20.38  ? 8   DT  C P     1 
ATOM   787 O  OP1   . DT  C 2 8  ? -23.236 2.908   6.454   1.00 17.56  ? 8   DT  C OP1   1 
ATOM   788 O  OP2   . DT  C 2 8  ? -23.396 2.278   3.971   1.00 19.15  ? 8   DT  C OP2   1 
ATOM   789 O  "O5'" . DT  C 2 8  ? -21.358 3.385   4.889   1.00 19.88  ? 8   DT  C "O5'" 1 
ATOM   790 C  "C5'" . DT  C 2 8  ? -20.445 3.686   5.936   1.00 20.98  ? 8   DT  C "C5'" 1 
ATOM   791 C  "C4'" . DT  C 2 8  ? -19.288 4.529   5.427   1.00 15.80  ? 8   DT  C "C4'" 1 
ATOM   792 O  "O4'" . DT  C 2 8  ? -18.609 3.800   4.397   1.00 18.56  ? 8   DT  C "O4'" 1 
ATOM   793 C  "C3'" . DT  C 2 8  ? -19.661 5.839   4.743   1.00 19.85  ? 8   DT  C "C3'" 1 
ATOM   794 O  "O3'" . DT  C 2 8  ? -19.428 6.903   5.660   1.00 23.43  ? 8   DT  C "O3'" 1 
ATOM   795 C  "C2'" . DT  C 2 8  ? -18.761 5.941   3.504   1.00 17.91  ? 8   DT  C "C2'" 1 
ATOM   796 C  "C1'" . DT  C 2 8  ? -17.845 4.733   3.663   1.00 16.93  ? 8   DT  C "C1'" 1 
ATOM   797 N  N1    . DT  C 2 8  ? -17.427 4.008   2.430   1.00 16.33  ? 8   DT  C N1    1 
ATOM   798 C  C2    . DT  C 2 8  ? -16.085 3.933   2.156   1.00 11.82  ? 8   DT  C C2    1 
ATOM   799 O  O2    . DT  C 2 8  ? -15.277 4.600   2.772   1.00 17.82  ? 8   DT  C O2    1 
ATOM   800 N  N3    . DT  C 2 8  ? -15.753 3.149   1.080   1.00 10.77  ? 8   DT  C N3    1 
ATOM   801 C  C4    . DT  C 2 8  ? -16.641 2.386   0.331   1.00 14.46  ? 8   DT  C C4    1 
ATOM   802 O  O4    . DT  C 2 8  ? -16.264 1.609   -0.540  1.00 15.48  ? 8   DT  C O4    1 
ATOM   803 C  C5    . DT  C 2 8  ? -18.023 2.442   0.734   1.00 14.68  ? 8   DT  C C5    1 
ATOM   804 C  C7    . DT  C 2 8  ? -19.076 1.649   0.008   1.00 18.19  ? 8   DT  C C7    1 
ATOM   805 C  C6    . DT  C 2 8  ? -18.338 3.207   1.785   1.00 13.44  ? 8   DT  C C6    1 
ATOM   806 P  P     . DT  C 2 9  ? -20.106 8.330   5.409   1.00 22.01  ? 9   DT  C P     1 
ATOM   807 O  OP1   . DT  C 2 9  ? -20.189 9.044   6.700   1.00 21.89  ? 9   DT  C OP1   1 
ATOM   808 O  OP2   . DT  C 2 9  ? -21.329 8.143   4.587   1.00 19.32  ? 9   DT  C OP2   1 
ATOM   809 O  "O5'" . DT  C 2 9  ? -19.042 9.092   4.497   1.00 21.07  ? 9   DT  C "O5'" 1 
ATOM   810 C  "C5'" . DT  C 2 9  ? -17.768 9.466   5.031   1.00 23.07  ? 9   DT  C "C5'" 1 
ATOM   811 C  "C4'" . DT  C 2 9  ? -16.911 9.995   3.891   1.00 19.50  ? 9   DT  C "C4'" 1 
ATOM   812 O  "O4'" . DT  C 2 9  ? -16.655 8.903   2.977   1.00 16.85  ? 9   DT  C "O4'" 1 
ATOM   813 C  "C3'" . DT  C 2 9  ? -17.596 11.056  3.028   1.00 23.07  ? 9   DT  C "C3'" 1 
ATOM   814 O  "O3'" . DT  C 2 9  ? -16.652 12.062  2.709   1.00 25.80  ? 9   DT  C "O3'" 1 
ATOM   815 C  "C2'" . DT  C 2 9  ? -18.024 10.329  1.751   1.00 22.42  ? 9   DT  C "C2'" 1 
ATOM   816 C  "C1'" . DT  C 2 9  ? -16.835 9.389   1.664   1.00 15.79  ? 9   DT  C "C1'" 1 
ATOM   817 N  N1    . DT  C 2 9  ? -16.985 8.231   0.767   1.00 20.30  ? 9   DT  C N1    1 
ATOM   818 C  C2    . DT  C 2 9  ? -15.808 7.759   0.219   1.00 21.07  ? 9   DT  C C2    1 
ATOM   819 O  O2    . DT  C 2 9  ? -14.720 8.283   0.440   1.00 19.47  ? 9   DT  C O2    1 
ATOM   820 N  N3    . DT  C 2 9  ? -15.958 6.654   -0.579  1.00 12.09  ? 9   DT  C N3    1 
ATOM   821 C  C4    . DT  C 2 9  ? -17.156 6.044   -0.900  1.00 17.51  ? 9   DT  C C4    1 
ATOM   822 O  O4    . DT  C 2 9  ? -17.185 5.062   -1.632  1.00 18.24  ? 9   DT  C O4    1 
ATOM   823 C  C5    . DT  C 2 9  ? -18.352 6.570   -0.271  1.00 16.55  ? 9   DT  C C5    1 
ATOM   824 C  C7    . DT  C 2 9  ? -19.685 5.950   -0.588  1.00 14.28  ? 9   DT  C C7    1 
ATOM   825 C  C6    . DT  C 2 9  ? -18.223 7.660   0.506   1.00 15.02  ? 9   DT  C C6    1 
ATOM   826 P  P     . DG  C 2 10 ? -16.725 13.425  3.536   1.00 24.36  ? 10  DG  C P     1 
ATOM   827 O  OP1   . DG  C 2 10 ? -16.732 13.022  4.959   1.00 22.05  ? 10  DG  C OP1   1 
ATOM   828 O  OP2   . DG  C 2 10 ? -17.803 14.279  2.991   1.00 22.92  ? 10  DG  C OP2   1 
ATOM   829 O  "O5'" . DG  C 2 10 ? -15.332 14.105  3.140   1.00 27.34  ? 10  DG  C "O5'" 1 
ATOM   830 C  "C5'" . DG  C 2 10 ? -14.125 13.520  3.630   1.00 26.55  ? 10  DG  C "C5'" 1 
ATOM   831 C  "C4'" . DG  C 2 10 ? -13.039 13.586  2.575   1.00 22.92  ? 10  DG  C "C4'" 1 
ATOM   832 O  "O4'" . DG  C 2 10 ? -13.330 12.655  1.503   1.00 25.67  ? 10  DG  C "O4'" 1 
ATOM   833 C  "C3'" . DG  C 2 10 ? -12.875 14.940  1.899   1.00 26.22  ? 10  DG  C "C3'" 1 
ATOM   834 O  "O3'" . DG  C 2 10 ? -11.483 15.144  1.745   1.00 26.23  ? 10  DG  C "O3'" 1 
ATOM   835 C  "C2'" . DG  C 2 10 ? -13.615 14.791  0.568   1.00 20.68  ? 10  DG  C "C2'" 1 
ATOM   836 C  "C1'" . DG  C 2 10 ? -13.436 13.308  0.252   1.00 22.43  ? 10  DG  C "C1'" 1 
ATOM   837 N  N9    . DG  C 2 10 ? -14.562 12.666  -0.428  1.00 22.28  ? 10  DG  C N9    1 
ATOM   838 C  C8    . DG  C 2 10 ? -15.901 12.933  -0.256  1.00 22.71  ? 10  DG  C C8    1 
ATOM   839 N  N7    . DG  C 2 10 ? -16.692 12.078  -0.853  1.00 22.58  ? 10  DG  C N7    1 
ATOM   840 C  C5    . DG  C 2 10 ? -15.821 11.172  -1.448  1.00 19.54  ? 10  DG  C C5    1 
ATOM   841 C  C6    . DG  C 2 10 ? -16.102 10.055  -2.275  1.00 19.91  ? 10  DG  C C6    1 
ATOM   842 O  O6    . DG  C 2 10 ? -17.210 9.605   -2.611  1.00 18.23  ? 10  DG  C O6    1 
ATOM   843 N  N1    . DG  C 2 10 ? -14.934 9.447   -2.731  1.00 16.55  ? 10  DG  C N1    1 
ATOM   844 C  C2    . DG  C 2 10 ? -13.667 9.854   -2.376  1.00 13.41  ? 10  DG  C C2    1 
ATOM   845 N  N2    . DG  C 2 10 ? -12.661 9.159   -2.910  1.00 15.24  ? 10  DG  C N2    1 
ATOM   846 N  N3    . DG  C 2 10 ? -13.389 10.880  -1.577  1.00 16.64  ? 10  DG  C N3    1 
ATOM   847 C  C4    . DG  C 2 10 ? -14.514 11.524  -1.194  1.00 17.19  ? 10  DG  C C4    1 
ATOM   848 P  P     . DG  C 2 11 ? -10.865 16.409  0.996   1.00 33.99  ? 11  DG  C P     1 
ATOM   849 O  OP1   . DG  C 2 11 ? -9.507  16.579  1.573   1.00 34.18  ? 11  DG  C OP1   1 
ATOM   850 O  OP2   . DG  C 2 11 ? -11.831 17.536  0.967   1.00 29.94  ? 11  DG  C OP2   1 
ATOM   851 O  "O5'" . DG  C 2 11 ? -10.748 15.891  -0.511  1.00 33.27  ? 11  DG  C "O5'" 1 
ATOM   852 C  "C5'" . DG  C 2 11 ? -9.900  14.803  -0.820  1.00 30.24  ? 11  DG  C "C5'" 1 
ATOM   853 C  "C4'" . DG  C 2 11 ? -10.080 14.503  -2.291  1.00 25.69  ? 11  DG  C "C4'" 1 
ATOM   854 O  "O4'" . DG  C 2 11 ? -11.365 13.875  -2.464  1.00 26.80  ? 11  DG  C "O4'" 1 
ATOM   855 C  "C3'" . DG  C 2 11 ? -10.093 15.727  -3.197  1.00 25.75  ? 11  DG  C "C3'" 1 
ATOM   856 O  "O3'" . DG  C 2 11 ? -8.923  15.627  -4.005  1.00 26.28  ? 11  DG  C "O3'" 1 
ATOM   857 C  "C2'" . DG  C 2 11 ? -11.383 15.588  -4.005  1.00 26.20  ? 11  DG  C "C2'" 1 
ATOM   858 C  "C1'" . DG  C 2 11 ? -11.750 14.128  -3.785  1.00 22.21  ? 11  DG  C "C1'" 1 
ATOM   859 N  N9    . DG  C 2 11 ? -13.175 13.847  -3.862  1.00 20.71  ? 11  DG  C N9    1 
ATOM   860 C  C8    . DG  C 2 11 ? -14.214 14.526  -3.264  1.00 16.89  ? 11  DG  C C8    1 
ATOM   861 N  N7    . DG  C 2 11 ? -15.378 14.003  -3.527  1.00 21.18  ? 11  DG  C N7    1 
ATOM   862 C  C5    . DG  C 2 11 ? -15.107 12.923  -4.356  1.00 16.10  ? 11  DG  C C5    1 
ATOM   863 C  C6    . DG  C 2 11 ? -15.972 12.003  -5.000  1.00 15.62  ? 11  DG  C C6    1 
ATOM   864 O  O6    . DG  C 2 11 ? -17.197 11.922  -4.923  1.00 17.93  ? 11  DG  C O6    1 
ATOM   865 N  N1    . DG  C 2 11 ? -15.282 11.058  -5.755  1.00 12.00  ? 11  DG  C N1    1 
ATOM   866 C  C2    . DG  C 2 11 ? -13.908 11.026  -5.857  1.00 12.64  ? 11  DG  C C2    1 
ATOM   867 N  N2    . DG  C 2 11 ? -13.391 10.065  -6.630  1.00 9.12   ? 11  DG  C N2    1 
ATOM   868 N  N3    . DG  C 2 11 ? -13.085 11.924  -5.327  1.00 12.90  ? 11  DG  C N3    1 
ATOM   869 C  C4    . DG  C 2 11 ? -13.749 12.815  -4.561  1.00 18.27  ? 11  DG  C C4    1 
ATOM   870 P  P     . DC  C 2 12 ? -8.483  16.654  -5.148  1.00 28.93  ? 12  DC  C P     1 
ATOM   871 O  OP1   . DC  C 2 12 ? -7.017  16.510  -5.274  1.00 28.31  ? 12  DC  C OP1   1 
ATOM   872 O  OP2   . DC  C 2 12 ? -9.090  17.982  -4.916  1.00 31.40  ? 12  DC  C OP2   1 
ATOM   873 O  "O5'" . DC  C 2 12 ? -9.127  16.050  -6.483  1.00 26.73  ? 12  DC  C "O5'" 1 
ATOM   874 C  "C5'" . DC  C 2 12 ? -8.703  14.769  -6.956  1.00 26.15  ? 12  DC  C "C5'" 1 
ATOM   875 C  "C4'" . DC  C 2 12 ? -9.695  14.238  -7.976  1.00 27.65  ? 12  DC  C "C4'" 1 
ATOM   876 O  "O4'" . DC  C 2 12 ? -10.969 13.985  -7.337  1.00 23.34  ? 12  DC  C "O4'" 1 
ATOM   877 C  "C3'" . DC  C 2 12 ? -10.084 15.225  -9.067  1.00 24.80  ? 12  DC  C "C3'" 1 
ATOM   878 O  "O3'" . DC  C 2 12 ? -9.115  15.176  -10.095 1.00 34.44  ? 12  DC  C "O3'" 1 
ATOM   879 C  "C2'" . DC  C 2 12 ? -11.419 14.667  -9.557  1.00 25.78  ? 12  DC  C "C2'" 1 
ATOM   880 C  "C1'" . DC  C 2 12 ? -11.926 13.858  -8.361  1.00 19.39  ? 12  DC  C "C1'" 1 
ATOM   881 N  N1    . DC  C 2 12 ? -13.239 14.320  -7.822  1.00 19.07  ? 12  DC  C N1    1 
ATOM   882 C  C2    . DC  C 2 12 ? -14.388 13.621  -8.191  1.00 11.82  ? 12  DC  C C2    1 
ATOM   883 O  O2    . DC  C 2 12 ? -14.271 12.638  -8.934  1.00 16.42  ? 12  DC  C O2    1 
ATOM   884 N  N3    . DC  C 2 12 ? -15.584 14.015  -7.692  1.00 16.60  ? 12  DC  C N3    1 
ATOM   885 C  C4    . DC  C 2 12 ? -15.651 15.069  -6.871  1.00 15.86  ? 12  DC  C C4    1 
ATOM   886 N  N4    . DC  C 2 12 ? -16.857 15.416  -6.413  1.00 21.14  ? 12  DC  C N4    1 
ATOM   887 C  C5    . DC  C 2 12 ? -14.493 15.818  -6.501  1.00 17.74  ? 12  DC  C C5    1 
ATOM   888 C  C6    . DC  C 2 12 ? -13.315 15.411  -7.003  1.00 17.96  ? 12  DC  C C6    1 
HETATM 889 ZN ZN    . ZN  D 3 .  ? 5.362   8.094   5.748   1.00 13.85  ? 300 ZN  A ZN    1 
HETATM 890 ZN ZN    . ZN  E 3 .  ? 2.236   -3.687  -3.866  1.00 13.56  ? 301 ZN  A ZN    1 
HETATM 891 C  C1    . PEG F 4 .  ? 8.766   -6.012  2.376   1.00 67.25  ? 1   PEG A C1    1 
HETATM 892 O  O1    . PEG F 4 .  ? 9.213   -6.677  1.190   1.00 66.71  ? 1   PEG A O1    1 
HETATM 893 C  C2    . PEG F 4 .  ? 7.387   -5.399  2.151   1.00 68.04  ? 1   PEG A C2    1 
HETATM 894 O  O2    . PEG F 4 .  ? 7.178   -4.351  3.100   1.00 69.88  ? 1   PEG A O2    1 
HETATM 895 C  C3    . PEG F 4 .  ? 6.372   -4.758  4.206   1.00 70.57  ? 1   PEG A C3    1 
HETATM 896 C  C4    . PEG F 4 .  ? 7.221   -4.827  5.473   1.00 70.96  ? 1   PEG A C4    1 
HETATM 897 O  O4    . PEG F 4 .  ? 7.405   -6.200  5.831   1.00 68.80  ? 1   PEG A O4    1 
HETATM 898 C  C1    . PEG G 4 .  ? -0.376  13.917  5.541   1.00 59.97  ? 2   PEG A C1    1 
HETATM 899 O  O1    . PEG G 4 .  ? 0.347   15.150  5.444   1.00 56.74  ? 2   PEG A O1    1 
HETATM 900 C  C2    . PEG G 4 .  ? -1.635  14.108  6.386   1.00 61.70  ? 2   PEG A C2    1 
HETATM 901 O  O2    . PEG G 4 .  ? -2.129  12.853  6.870   1.00 60.60  ? 2   PEG A O2    1 
HETATM 902 C  C3    . PEG G 4 .  ? -2.983  12.208  5.917   1.00 63.16  ? 2   PEG A C3    1 
HETATM 903 C  C4    . PEG G 4 .  ? -4.020  11.339  6.620   1.00 62.90  ? 2   PEG A C4    1 
HETATM 904 O  O4    . PEG G 4 .  ? -3.842  9.957   6.270   1.00 66.73  ? 2   PEG A O4    1 
HETATM 905 P  P     . PO4 H 5 .  ? -24.789 6.853   2.759   1.00 144.43 ? 13  PO4 C P     1 
HETATM 906 O  O1    . PO4 H 5 .  ? -26.034 6.418   2.078   1.00 144.90 ? 13  PO4 C O1    1 
HETATM 907 O  O2    . PO4 H 5 .  ? -24.863 8.351   2.882   1.00 143.77 ? 13  PO4 C O2    1 
HETATM 908 O  O3    . PO4 H 5 .  ? -24.527 6.150   4.029   1.00 142.34 ? 13  PO4 C O3    1 
HETATM 909 O  O4    . PO4 H 5 .  ? -23.634 6.470   1.867   1.00 143.52 ? 13  PO4 C O4    1 
HETATM 910 O  O     . HOH I 6 .  ? -7.102  0.922   6.488   1.00 15.69  ? 3   HOH A O     1 
HETATM 911 O  O     . HOH I 6 .  ? -1.554  1.679   -3.517  1.00 15.00  ? 4   HOH A O     1 
HETATM 912 O  O     . HOH I 6 .  ? -5.732  -3.690  -1.836  1.00 14.16  ? 5   HOH A O     1 
HETATM 913 O  O     . HOH I 6 .  ? 2.684   -9.706  0.577   1.00 23.40  ? 6   HOH A O     1 
HETATM 914 O  O     . HOH I 6 .  ? -11.458 -0.261  -3.225  1.00 23.35  ? 7   HOH A O     1 
HETATM 915 O  O     . HOH I 6 .  ? -8.252  -5.014  4.833   1.00 10.69  ? 8   HOH A O     1 
HETATM 916 O  O     . HOH I 6 .  ? 9.540   10.173  7.797   1.00 19.57  ? 9   HOH A O     1 
HETATM 917 O  O     . HOH I 6 .  ? -2.764  2.118   8.165   1.00 11.46  ? 10  HOH A O     1 
HETATM 918 O  O     . HOH I 6 .  ? -8.038  -3.188  -3.514  1.00 24.73  ? 13  HOH A O     1 
HETATM 919 O  O     . HOH I 6 .  ? -0.004  4.822   4.991   1.00 15.03  ? 15  HOH A O     1 
HETATM 920 O  O     . HOH I 6 .  ? 12.388  7.125   4.484   1.00 13.36  ? 16  HOH A O     1 
HETATM 921 O  O     . HOH I 6 .  ? -7.544  -0.873  -8.882  1.00 15.33  ? 18  HOH A O     1 
HETATM 922 O  O     . HOH I 6 .  ? 0.620   3.049   -9.271  1.00 24.83  ? 19  HOH A O     1 
HETATM 923 O  O     . HOH I 6 .  ? -9.642  -6.394  -13.141 1.00 8.99   ? 20  HOH A O     1 
HETATM 924 O  O     . HOH I 6 .  ? -9.525  -2.160  -6.676  1.00 17.21  ? 23  HOH A O     1 
HETATM 925 O  O     . HOH I 6 .  ? -4.783  -10.241 -9.063  1.00 16.62  ? 25  HOH A O     1 
HETATM 926 O  O     . HOH I 6 .  ? 10.097  6.424   -2.502  1.00 25.62  ? 28  HOH A O     1 
HETATM 927 O  O     . HOH I 6 .  ? 1.804   6.294   2.622   1.00 23.25  ? 29  HOH A O     1 
HETATM 928 O  O     . HOH I 6 .  ? -6.047  0.697   -2.121  1.00 21.81  ? 31  HOH A O     1 
HETATM 929 O  O     . HOH I 6 .  ? 8.798   1.679   0.472   1.00 24.74  ? 32  HOH A O     1 
HETATM 930 O  O     . HOH I 6 .  ? -18.396 -2.541  -1.273  1.00 18.31  ? 33  HOH A O     1 
HETATM 931 O  O     . HOH I 6 .  ? 2.820   6.593   -1.417  1.00 12.68  ? 223 HOH A O     1 
HETATM 932 O  O     . HOH J 6 .  ? -4.099  0.940   3.270   1.00 10.44  ? 13  HOH B O     1 
HETATM 933 O  O     . HOH J 6 .  ? -1.999  3.184   5.747   1.00 14.99  ? 14  HOH B O     1 
HETATM 934 O  O     . HOH J 6 .  ? -10.259 6.477   2.336   1.00 12.90  ? 24  HOH B O     1 
HETATM 935 O  O     . HOH J 6 .  ? -5.585  2.058   8.410   1.00 21.44  ? 27  HOH B O     1 
HETATM 936 O  O     . HOH J 6 .  ? -12.654 -14.934 10.598  1.00 19.84  ? 30  HOH B O     1 
HETATM 937 O  O     . HOH K 6 .  ? -6.941  -5.973  8.724   1.00 20.81  ? 15  HOH C O     1 
HETATM 938 O  O     . HOH K 6 .  ? -17.753 -2.536  6.309   1.00 13.70  ? 16  HOH C O     1 
HETATM 939 O  O     . HOH K 6 .  ? -19.555 10.345  -1.919  1.00 15.31  ? 17  HOH C O     1 
HETATM 940 O  O     . HOH K 6 .  ? -21.284 8.246   1.925   1.00 18.59  ? 21  HOH C O     1 
HETATM 941 O  O     . HOH K 6 .  ? -21.687 4.025   2.143   1.00 18.47  ? 22  HOH C O     1 
HETATM 942 O  O     . HOH K 6 .  ? -19.940 13.498  1.537   1.00 13.22  ? 26  HOH C O     1 
# 
loop_
_pdbx_poly_seq_scheme.asym_id 
_pdbx_poly_seq_scheme.entity_id 
_pdbx_poly_seq_scheme.seq_id 
_pdbx_poly_seq_scheme.mon_id 
_pdbx_poly_seq_scheme.ndb_seq_num 
_pdbx_poly_seq_scheme.pdb_seq_num 
_pdbx_poly_seq_scheme.auth_seq_num 
_pdbx_poly_seq_scheme.pdb_mon_id 
_pdbx_poly_seq_scheme.auth_mon_id 
_pdbx_poly_seq_scheme.pdb_strand_id 
_pdbx_poly_seq_scheme.pdb_ins_code 
_pdbx_poly_seq_scheme.hetero 
A 1 1  MET 1  144 ?   ?   ?   A . n 
A 1 2  HIS 2  145 ?   ?   ?   A . n 
A 1 3  HIS 3  146 ?   ?   ?   A . n 
A 1 4  HIS 4  147 ?   ?   ?   A . n 
A 1 5  HIS 5  148 ?   ?   ?   A . n 
A 1 6  HIS 6  149 ?   ?   ?   A . n 
A 1 7  HIS 7  150 ?   ?   ?   A . n 
A 1 8  SER 8  151 ?   ?   ?   A . n 
A 1 9  SER 9  152 ?   ?   ?   A . n 
A 1 10 ARG 10 153 ?   ?   ?   A . n 
A 1 11 GLU 11 154 ?   ?   ?   A . n 
A 1 12 ASN 12 155 ?   ?   ?   A . n 
A 1 13 LEU 13 156 ?   ?   ?   A . n 
A 1 14 TYR 14 157 ?   ?   ?   A . n 
A 1 15 PHE 15 158 ?   ?   ?   A . n 
A 1 16 GLN 16 159 ?   ?   ?   A . n 
A 1 17 GLY 17 160 ?   ?   ?   A . n 
A 1 18 GLN 18 161 ?   ?   ?   A . n 
A 1 19 ILE 19 162 ?   ?   ?   A . n 
A 1 20 LYS 20 163 ?   ?   ?   A . n 
A 1 21 ARG 21 164 ?   ?   ?   A . n 
A 1 22 SER 22 165 ?   ?   ?   A . n 
A 1 23 ALA 23 166 166 ALA ALA A . n 
A 1 24 ARG 24 167 167 ARG ARG A . n 
A 1 25 MET 25 168 168 MET MET A . n 
A 1 26 CYS 26 169 169 CYS CYS A . n 
A 1 27 GLY 27 170 170 GLY GLY A . n 
A 1 28 GLU 28 171 171 GLU GLU A . n 
A 1 29 CYS 29 172 172 CYS CYS A . n 
A 1 30 GLU 30 173 173 GLU GLU A . n 
A 1 31 ALA 31 174 174 ALA ALA A . n 
A 1 32 CYS 32 175 175 CYS CYS A . n 
A 1 33 ARG 33 176 176 ARG ARG A . n 
A 1 34 ARG 34 177 177 ARG ARG A . n 
A 1 35 THR 35 178 178 THR THR A . n 
A 1 36 GLU 36 179 179 GLU GLU A . n 
A 1 37 ASP 37 180 180 ASP ASP A . n 
A 1 38 CYS 38 181 181 CYS CYS A . n 
A 1 39 GLY 39 182 182 GLY GLY A . n 
A 1 40 HIS 40 183 183 HIS HIS A . n 
A 1 41 CYS 41 184 184 CYS CYS A . n 
A 1 42 ASP 42 185 185 ASP ASP A . n 
A 1 43 PHE 43 186 186 PHE PHE A . n 
A 1 44 CYS 44 187 187 CYS CYS A . n 
A 1 45 ARG 45 188 188 ARG ARG A . n 
A 1 46 ASP 46 189 189 ASP ASP A . n 
A 1 47 MET 47 190 190 MET MET A . n 
A 1 48 LYS 48 191 191 LYS LYS A . n 
A 1 49 LYS 49 192 192 LYS LYS A . n 
A 1 50 PHE 50 193 193 PHE PHE A . n 
A 1 51 GLY 51 194 194 GLY GLY A . n 
A 1 52 GLY 52 195 195 GLY GLY A . n 
A 1 53 PRO 53 196 196 PRO PRO A . n 
A 1 54 ASN 54 197 197 ASN ASN A . n 
A 1 55 LYS 55 198 198 LYS LYS A . n 
A 1 56 ILE 56 199 199 ILE ILE A . n 
A 1 57 ARG 57 200 200 ARG ARG A . n 
A 1 58 GLN 58 201 201 GLN GLN A . n 
A 1 59 LYS 59 202 202 LYS LYS A . n 
A 1 60 CYS 60 203 203 CYS CYS A . n 
A 1 61 ARG 61 204 204 ARG ARG A . n 
A 1 62 LEU 62 205 205 LEU LEU A . n 
A 1 63 ARG 63 206 206 ARG ARG A . n 
A 1 64 GLN 64 207 207 GLN GLN A . n 
A 1 65 CYS 65 208 208 CYS CYS A . n 
A 1 66 GLN 66 209 209 GLN GLN A . n 
A 1 67 LEU 67 210 210 LEU LEU A . n 
A 1 68 ARG 68 211 211 ARG ARG A . n 
A 1 69 ALA 69 212 212 ALA ALA A . n 
A 1 70 ARG 70 213 213 ARG ARG A . n 
A 1 71 GLU 71 214 214 GLU GLU A . n 
A 1 72 SER 72 215 215 SER SER A . n 
A 1 73 TYR 73 216 216 TYR TYR A . n 
A 1 74 LYS 74 217 217 LYS LYS A . n 
A 1 75 TYR 75 218 ?   ?   ?   A . n 
A 1 76 PHE 76 219 ?   ?   ?   A . n 
A 1 77 PRO 77 220 ?   ?   ?   A . n 
A 1 78 SER 78 221 ?   ?   ?   A . n 
A 1 79 SER 79 222 ?   ?   ?   A . n 
B 2 1  DG  1  1   1   DG  DG  B . n 
B 2 2  DC  2  2   2   DC  DC  B . n 
B 2 3  DC  3  3   3   DC  DC  B . n 
B 2 4  DA  4  4   4   DA  DA  B . n 
B 2 5  DA  5  5   5   DA  DA  B . n 
B 2 6  DC  6  6   6   DC  DC  B . n 
B 2 7  DG  7  7   7   DG  DG  B . n 
B 2 8  DT  8  8   8   DT  DT  B . n 
B 2 9  DT  9  9   9   DT  DT  B . n 
B 2 10 DG  10 10  10  DG  DG  B . n 
B 2 11 DG  11 11  11  DG  DG  B . n 
B 2 12 DC  12 12  12  DC  DC  B . n 
C 2 1  DG  1  1   1   DG  DG  C . n 
C 2 2  DC  2  2   2   DC  DC  C . n 
C 2 3  DC  3  3   3   DC  DC  C . n 
C 2 4  DA  4  4   4   DA  DA  C . n 
C 2 5  DA  5  5   5   DA  DA  C . n 
C 2 6  DC  6  6   6   DC  DC  C . n 
C 2 7  DG  7  7   7   DG  DG  C . n 
C 2 8  DT  8  8   8   DT  DT  C . n 
C 2 9  DT  9  9   9   DT  DT  C . n 
C 2 10 DG  10 10  10  DG  DG  C . n 
C 2 11 DG  11 11  11  DG  DG  C . n 
C 2 12 DC  12 12  12  DC  DC  C . n 
# 
_pdbx_SG_project.id                    1 
_pdbx_SG_project.project_name          ? 
_pdbx_SG_project.full_name_of_center   'Structural Genomics Consortium' 
_pdbx_SG_project.initial_of_center     SGC 
# 
loop_
_pdbx_nonpoly_scheme.asym_id 
_pdbx_nonpoly_scheme.entity_id 
_pdbx_nonpoly_scheme.mon_id 
_pdbx_nonpoly_scheme.ndb_seq_num 
_pdbx_nonpoly_scheme.pdb_seq_num 
_pdbx_nonpoly_scheme.auth_seq_num 
_pdbx_nonpoly_scheme.pdb_mon_id 
_pdbx_nonpoly_scheme.auth_mon_id 
_pdbx_nonpoly_scheme.pdb_strand_id 
_pdbx_nonpoly_scheme.pdb_ins_code 
D 3 ZN  1  300 300 ZN  ZN  A . 
E 3 ZN  1  301 301 ZN  ZN  A . 
F 4 PEG 1  1   1   PEG PEG A . 
G 4 PEG 1  2   2   PEG PEG A . 
H 5 PO4 1  13  13  PO4 PO4 C . 
I 6 HOH 1  3   3   HOH HOH A . 
I 6 HOH 2  4   4   HOH HOH A . 
I 6 HOH 3  5   5   HOH HOH A . 
I 6 HOH 4  6   6   HOH HOH A . 
I 6 HOH 5  7   7   HOH HOH A . 
I 6 HOH 6  8   8   HOH HOH A . 
I 6 HOH 7  9   9   HOH HOH A . 
I 6 HOH 8  10  10  HOH HOH A . 
I 6 HOH 9  13  13  HOH HOH A . 
I 6 HOH 10 15  15  HOH HOH A . 
I 6 HOH 11 16  16  HOH HOH A . 
I 6 HOH 12 18  18  HOH HOH A . 
I 6 HOH 13 19  19  HOH HOH A . 
I 6 HOH 14 20  20  HOH HOH A . 
I 6 HOH 15 23  23  HOH HOH A . 
I 6 HOH 16 25  25  HOH HOH A . 
I 6 HOH 17 28  28  HOH HOH A . 
I 6 HOH 18 29  29  HOH HOH A . 
I 6 HOH 19 31  31  HOH HOH A . 
I 6 HOH 20 32  32  HOH HOH A . 
I 6 HOH 21 33  33  HOH HOH A . 
I 6 HOH 22 223 223 HOH HOH A . 
J 6 HOH 1  13  13  HOH HOH B . 
J 6 HOH 2  14  14  HOH HOH B . 
J 6 HOH 3  24  24  HOH HOH B . 
J 6 HOH 4  27  27  HOH HOH B . 
J 6 HOH 5  30  30  HOH HOH B . 
K 6 HOH 1  15  15  HOH HOH C . 
K 6 HOH 2  16  16  HOH HOH C . 
K 6 HOH 3  17  17  HOH HOH C . 
K 6 HOH 4  21  21  HOH HOH C . 
K 6 HOH 5  22  22  HOH HOH C . 
K 6 HOH 6  26  26  HOH HOH C . 
# 
_pdbx_struct_assembly.id                   1 
_pdbx_struct_assembly.details              author_and_software_defined_assembly 
_pdbx_struct_assembly.method_details       PISA 
_pdbx_struct_assembly.oligomeric_details   trimeric 
_pdbx_struct_assembly.oligomeric_count     3 
# 
_pdbx_struct_assembly_gen.assembly_id       1 
_pdbx_struct_assembly_gen.oper_expression   1 
_pdbx_struct_assembly_gen.asym_id_list      A,B,C,D,E,F,G,H,I,J,K 
# 
loop_
_pdbx_struct_assembly_prop.biol_id 
_pdbx_struct_assembly_prop.type 
_pdbx_struct_assembly_prop.value 
_pdbx_struct_assembly_prop.details 
1 'ABSA (A^2)' 2900 ? 
1 MORE         -26  ? 
1 'SSA (A^2)'  7330 ? 
# 
_pdbx_struct_oper_list.id                   1 
_pdbx_struct_oper_list.type                 'identity operation' 
_pdbx_struct_oper_list.name                 1_555 
_pdbx_struct_oper_list.symmetry_operation   x,y,z 
_pdbx_struct_oper_list.matrix[1][1]         1.0000000000 
_pdbx_struct_oper_list.matrix[1][2]         0.0000000000 
_pdbx_struct_oper_list.matrix[1][3]         0.0000000000 
_pdbx_struct_oper_list.vector[1]            0.0000000000 
_pdbx_struct_oper_list.matrix[2][1]         0.0000000000 
_pdbx_struct_oper_list.matrix[2][2]         1.0000000000 
_pdbx_struct_oper_list.matrix[2][3]         0.0000000000 
_pdbx_struct_oper_list.vector[2]            0.0000000000 
_pdbx_struct_oper_list.matrix[3][1]         0.0000000000 
_pdbx_struct_oper_list.matrix[3][2]         0.0000000000 
_pdbx_struct_oper_list.matrix[3][3]         1.0000000000 
_pdbx_struct_oper_list.vector[3]            0.0000000000 
# 
loop_
_pdbx_struct_conn_angle.id 
_pdbx_struct_conn_angle.ptnr1_label_atom_id 
_pdbx_struct_conn_angle.ptnr1_label_alt_id 
_pdbx_struct_conn_angle.ptnr1_label_asym_id 
_pdbx_struct_conn_angle.ptnr1_label_comp_id 
_pdbx_struct_conn_angle.ptnr1_label_seq_id 
_pdbx_struct_conn_angle.ptnr1_auth_atom_id 
_pdbx_struct_conn_angle.ptnr1_auth_asym_id 
_pdbx_struct_conn_angle.ptnr1_auth_comp_id 
_pdbx_struct_conn_angle.ptnr1_auth_seq_id 
_pdbx_struct_conn_angle.ptnr1_PDB_ins_code 
_pdbx_struct_conn_angle.ptnr1_symmetry 
_pdbx_struct_conn_angle.ptnr2_label_atom_id 
_pdbx_struct_conn_angle.ptnr2_label_alt_id 
_pdbx_struct_conn_angle.ptnr2_label_asym_id 
_pdbx_struct_conn_angle.ptnr2_label_comp_id 
_pdbx_struct_conn_angle.ptnr2_label_seq_id 
_pdbx_struct_conn_angle.ptnr2_auth_atom_id 
_pdbx_struct_conn_angle.ptnr2_auth_asym_id 
_pdbx_struct_conn_angle.ptnr2_auth_comp_id 
_pdbx_struct_conn_angle.ptnr2_auth_seq_id 
_pdbx_struct_conn_angle.ptnr2_PDB_ins_code 
_pdbx_struct_conn_angle.ptnr2_symmetry 
_pdbx_struct_conn_angle.ptnr3_label_atom_id 
_pdbx_struct_conn_angle.ptnr3_label_alt_id 
_pdbx_struct_conn_angle.ptnr3_label_asym_id 
_pdbx_struct_conn_angle.ptnr3_label_comp_id 
_pdbx_struct_conn_angle.ptnr3_label_seq_id 
_pdbx_struct_conn_angle.ptnr3_auth_atom_id 
_pdbx_struct_conn_angle.ptnr3_auth_asym_id 
_pdbx_struct_conn_angle.ptnr3_auth_comp_id 
_pdbx_struct_conn_angle.ptnr3_auth_seq_id 
_pdbx_struct_conn_angle.ptnr3_PDB_ins_code 
_pdbx_struct_conn_angle.ptnr3_symmetry 
_pdbx_struct_conn_angle.value 
_pdbx_struct_conn_angle.value_esd 
1  SG ? A CYS 26 ? A CYS 169 ? 1_555 ZN ? D ZN . ? A ZN 300 ? 1_555 SG ? A CYS 29 ? A CYS 172 ? 1_555 109.3 ? 
2  SG ? A CYS 26 ? A CYS 169 ? 1_555 ZN ? D ZN . ? A ZN 300 ? 1_555 SG ? A CYS 32 ? A CYS 175 ? 1_555 116.7 ? 
3  SG ? A CYS 29 ? A CYS 172 ? 1_555 ZN ? D ZN . ? A ZN 300 ? 1_555 SG ? A CYS 32 ? A CYS 175 ? 1_555 107.0 ? 
4  SG ? A CYS 26 ? A CYS 169 ? 1_555 ZN ? D ZN . ? A ZN 300 ? 1_555 SG ? A CYS 65 ? A CYS 208 ? 1_555 102.7 ? 
5  SG ? A CYS 29 ? A CYS 172 ? 1_555 ZN ? D ZN . ? A ZN 300 ? 1_555 SG ? A CYS 65 ? A CYS 208 ? 1_555 118.7 ? 
6  SG ? A CYS 32 ? A CYS 175 ? 1_555 ZN ? D ZN . ? A ZN 300 ? 1_555 SG ? A CYS 65 ? A CYS 208 ? 1_555 102.8 ? 
7  SG ? A CYS 38 ? A CYS 181 ? 1_555 ZN ? E ZN . ? A ZN 301 ? 1_555 SG ? A CYS 41 ? A CYS 184 ? 1_555 108.1 ? 
8  SG ? A CYS 38 ? A CYS 181 ? 1_555 ZN ? E ZN . ? A ZN 301 ? 1_555 SG ? A CYS 44 ? A CYS 187 ? 1_555 118.2 ? 
9  SG ? A CYS 41 ? A CYS 184 ? 1_555 ZN ? E ZN . ? A ZN 301 ? 1_555 SG ? A CYS 44 ? A CYS 187 ? 1_555 103.5 ? 
10 SG ? A CYS 38 ? A CYS 181 ? 1_555 ZN ? E ZN . ? A ZN 301 ? 1_555 SG ? A CYS 60 ? A CYS 203 ? 1_555 106.4 ? 
11 SG ? A CYS 41 ? A CYS 184 ? 1_555 ZN ? E ZN . ? A ZN 301 ? 1_555 SG ? A CYS 60 ? A CYS 203 ? 1_555 119.9 ? 
12 SG ? A CYS 44 ? A CYS 187 ? 1_555 ZN ? E ZN . ? A ZN 301 ? 1_555 SG ? A CYS 60 ? A CYS 203 ? 1_555 101.3 ? 
# 
loop_
_pdbx_audit_revision_history.ordinal 
_pdbx_audit_revision_history.data_content_type 
_pdbx_audit_revision_history.major_revision 
_pdbx_audit_revision_history.minor_revision 
_pdbx_audit_revision_history.revision_date 
1 'Structure model' 1 0 2011-02-23 
2 'Structure model' 1 1 2011-07-13 
3 'Structure model' 1 2 2023-09-13 
# 
_pdbx_audit_revision_details.ordinal             1 
_pdbx_audit_revision_details.revision_ordinal    1 
_pdbx_audit_revision_details.data_content_type   'Structure model' 
_pdbx_audit_revision_details.provider            repository 
_pdbx_audit_revision_details.type                'Initial release' 
_pdbx_audit_revision_details.description         ? 
_pdbx_audit_revision_details.details             ? 
# 
loop_
_pdbx_audit_revision_group.ordinal 
_pdbx_audit_revision_group.revision_ordinal 
_pdbx_audit_revision_group.data_content_type 
_pdbx_audit_revision_group.group 
1 2 'Structure model' 'Version format compliance' 
2 3 'Structure model' 'Data collection'           
3 3 'Structure model' 'Database references'       
4 3 'Structure model' 'Derived calculations'      
5 3 'Structure model' 'Refinement description'    
# 
loop_
_pdbx_audit_revision_category.ordinal 
_pdbx_audit_revision_category.revision_ordinal 
_pdbx_audit_revision_category.data_content_type 
_pdbx_audit_revision_category.category 
1 3 'Structure model' chem_comp_atom                
2 3 'Structure model' chem_comp_bond                
3 3 'Structure model' database_2                    
4 3 'Structure model' pdbx_initial_refinement_model 
5 3 'Structure model' pdbx_struct_conn_angle        
6 3 'Structure model' struct_conn                   
7 3 'Structure model' struct_ref_seq_dif            
8 3 'Structure model' struct_site                   
# 
loop_
_pdbx_audit_revision_item.ordinal 
_pdbx_audit_revision_item.revision_ordinal 
_pdbx_audit_revision_item.data_content_type 
_pdbx_audit_revision_item.item 
1  3 'Structure model' '_database_2.pdbx_DOI'                        
2  3 'Structure model' '_database_2.pdbx_database_accession'         
3  3 'Structure model' '_pdbx_struct_conn_angle.ptnr1_auth_seq_id'   
4  3 'Structure model' '_pdbx_struct_conn_angle.ptnr1_label_seq_id'  
5  3 'Structure model' '_pdbx_struct_conn_angle.ptnr2_auth_seq_id'   
6  3 'Structure model' '_pdbx_struct_conn_angle.ptnr2_label_asym_id' 
7  3 'Structure model' '_pdbx_struct_conn_angle.ptnr3_auth_seq_id'   
8  3 'Structure model' '_pdbx_struct_conn_angle.ptnr3_label_seq_id'  
9  3 'Structure model' '_pdbx_struct_conn_angle.value'               
10 3 'Structure model' '_struct_conn.pdbx_dist_value'                
11 3 'Structure model' '_struct_conn.ptnr1_auth_seq_id'              
12 3 'Structure model' '_struct_conn.ptnr1_label_seq_id'             
13 3 'Structure model' '_struct_conn.ptnr2_auth_seq_id'              
14 3 'Structure model' '_struct_conn.ptnr2_label_asym_id'            
15 3 'Structure model' '_struct_ref_seq_dif.details'                 
16 3 'Structure model' '_struct_site.pdbx_auth_asym_id'              
17 3 'Structure model' '_struct_site.pdbx_auth_comp_id'              
18 3 'Structure model' '_struct_site.pdbx_auth_seq_id'               
# 
loop_
_pdbx_refine_tls.pdbx_refine_id 
_pdbx_refine_tls.id 
_pdbx_refine_tls.details 
_pdbx_refine_tls.method 
_pdbx_refine_tls.origin_x 
_pdbx_refine_tls.origin_y 
_pdbx_refine_tls.origin_z 
_pdbx_refine_tls.T[1][1] 
_pdbx_refine_tls.T[2][2] 
_pdbx_refine_tls.T[3][3] 
_pdbx_refine_tls.T[1][2] 
_pdbx_refine_tls.T[1][3] 
_pdbx_refine_tls.T[2][3] 
_pdbx_refine_tls.L[1][1] 
_pdbx_refine_tls.L[2][2] 
_pdbx_refine_tls.L[3][3] 
_pdbx_refine_tls.L[1][2] 
_pdbx_refine_tls.L[1][3] 
_pdbx_refine_tls.L[2][3] 
_pdbx_refine_tls.S[1][1] 
_pdbx_refine_tls.S[1][2] 
_pdbx_refine_tls.S[1][3] 
_pdbx_refine_tls.S[2][1] 
_pdbx_refine_tls.S[2][2] 
_pdbx_refine_tls.S[2][3] 
_pdbx_refine_tls.S[3][1] 
_pdbx_refine_tls.S[3][2] 
_pdbx_refine_tls.S[3][3] 
'X-RAY DIFFRACTION' 1 ? refined -0.1154  0.2219  0.3791 0.0582 0.2018 0.0338 0.0299 -0.0102 -0.0596 6.1558 1.5692 3.3756 0.7105  -0.8117 0.3524  -0.1998 -0.1067 -0.1689 0.0320 0.1698  -0.1115 0.0933 0.1651 0.0301  
'X-RAY DIFFRACTION' 2 ? refined -13.8577 -0.7898 4.2371 0.1377 0.2461 0.1958 0.0234 0.0291  0.0370  2.3658 3.5932 4.2993 -2.0544 1.9519  -2.2423 0.1792  -0.0379 -0.0110 0.0659 0.0714  0.5663  0.0927 0.2078 -0.2505 
'X-RAY DIFFRACTION' 3 ? refined -12.8842 0.2709  4.6042 0.0612 0.2314 0.0587 0.0336 0.0284  0.0546  1.4480 6.6090 3.5427 -0.8781 1.0926  -3.8225 0.0523  -0.0772 -0.0106 0.0973 -0.2052 0.1312  0.0109 0.2046 0.1529  
# 
loop_
_pdbx_refine_tls_group.pdbx_refine_id 
_pdbx_refine_tls_group.id 
_pdbx_refine_tls_group.refine_tls_id 
_pdbx_refine_tls_group.beg_auth_asym_id 
_pdbx_refine_tls_group.beg_auth_seq_id 
_pdbx_refine_tls_group.beg_label_asym_id 
_pdbx_refine_tls_group.beg_label_seq_id 
_pdbx_refine_tls_group.end_auth_asym_id 
_pdbx_refine_tls_group.end_auth_seq_id 
_pdbx_refine_tls_group.end_label_asym_id 
_pdbx_refine_tls_group.end_label_seq_id 
_pdbx_refine_tls_group.selection 
_pdbx_refine_tls_group.selection_details 
'X-RAY DIFFRACTION' 1 1 A -10 ? ? A 9999 ? ? ? ? 
'X-RAY DIFFRACTION' 2 2 B -10 ? ? B 9999 ? ? ? ? 
'X-RAY DIFFRACTION' 3 3 C -10 ? ? C 9999 ? ? ? ? 
# 
_software.name             REFMAC 
_software.classification   refinement 
_software.version          5.5.0110 
_software.citation_id      ? 
_software.pdbx_ordinal     1 
# 
loop_
_pdbx_validate_rmsd_angle.id 
_pdbx_validate_rmsd_angle.PDB_model_num 
_pdbx_validate_rmsd_angle.auth_atom_id_1 
_pdbx_validate_rmsd_angle.auth_asym_id_1 
_pdbx_validate_rmsd_angle.auth_comp_id_1 
_pdbx_validate_rmsd_angle.auth_seq_id_1 
_pdbx_validate_rmsd_angle.PDB_ins_code_1 
_pdbx_validate_rmsd_angle.label_alt_id_1 
_pdbx_validate_rmsd_angle.auth_atom_id_2 
_pdbx_validate_rmsd_angle.auth_asym_id_2 
_pdbx_validate_rmsd_angle.auth_comp_id_2 
_pdbx_validate_rmsd_angle.auth_seq_id_2 
_pdbx_validate_rmsd_angle.PDB_ins_code_2 
_pdbx_validate_rmsd_angle.label_alt_id_2 
_pdbx_validate_rmsd_angle.auth_atom_id_3 
_pdbx_validate_rmsd_angle.auth_asym_id_3 
_pdbx_validate_rmsd_angle.auth_comp_id_3 
_pdbx_validate_rmsd_angle.auth_seq_id_3 
_pdbx_validate_rmsd_angle.PDB_ins_code_3 
_pdbx_validate_rmsd_angle.label_alt_id_3 
_pdbx_validate_rmsd_angle.angle_value 
_pdbx_validate_rmsd_angle.angle_target_value 
_pdbx_validate_rmsd_angle.angle_deviation 
_pdbx_validate_rmsd_angle.angle_standard_deviation 
_pdbx_validate_rmsd_angle.linker_flag 
1 1 "O4'" B DA 5  ? ? "C1'" B DA 5  ? ? N9    B DA 5  ? ? 110.87 108.30 2.57  0.30 N 
2 1 N3    B DT 8  ? ? C4    B DT 8  ? ? O4    B DT 8  ? ? 123.56 119.90 3.66  0.60 N 
3 1 C5    B DT 8  ? ? C4    B DT 8  ? ? O4    B DT 8  ? ? 120.33 124.90 -4.57 0.70 N 
4 1 "C3'" C DC 3  ? ? "C2'" C DC 3  ? ? "C1'" C DC 3  ? ? 96.74  102.40 -5.66 0.80 N 
5 1 "O4'" C DC 3  ? ? "C1'" C DC 3  ? ? N1    C DC 3  ? ? 111.03 108.30 2.73  0.30 N 
6 1 "C3'" C DT 9  ? ? "C2'" C DT 9  ? ? "C1'" C DT 9  ? ? 97.05  102.40 -5.35 0.80 N 
7 1 "O4'" C DC 12 ? ? "C4'" C DC 12 ? ? "C3'" C DC 12 ? ? 101.84 104.50 -2.66 0.40 N 
# 
loop_
_pdbx_validate_torsion.id 
_pdbx_validate_torsion.PDB_model_num 
_pdbx_validate_torsion.auth_comp_id 
_pdbx_validate_torsion.auth_asym_id 
_pdbx_validate_torsion.auth_seq_id 
_pdbx_validate_torsion.PDB_ins_code 
_pdbx_validate_torsion.label_alt_id 
_pdbx_validate_torsion.phi 
_pdbx_validate_torsion.psi 
1 1 GLU A 171 ? ? -141.07 14.44  
2 1 CYS A 203 ? ? -33.56  135.53 
# 
loop_
_pdbx_unobs_or_zero_occ_atoms.id 
_pdbx_unobs_or_zero_occ_atoms.PDB_model_num 
_pdbx_unobs_or_zero_occ_atoms.polymer_flag 
_pdbx_unobs_or_zero_occ_atoms.occupancy_flag 
_pdbx_unobs_or_zero_occ_atoms.auth_asym_id 
_pdbx_unobs_or_zero_occ_atoms.auth_comp_id 
_pdbx_unobs_or_zero_occ_atoms.auth_seq_id 
_pdbx_unobs_or_zero_occ_atoms.PDB_ins_code 
_pdbx_unobs_or_zero_occ_atoms.auth_atom_id 
_pdbx_unobs_or_zero_occ_atoms.label_alt_id 
_pdbx_unobs_or_zero_occ_atoms.label_asym_id 
_pdbx_unobs_or_zero_occ_atoms.label_comp_id 
_pdbx_unobs_or_zero_occ_atoms.label_seq_id 
_pdbx_unobs_or_zero_occ_atoms.label_atom_id 
1  1 Y 1 A GLU 173 ? CG  ? A GLU 30 CG  
2  1 Y 1 A GLU 173 ? CD  ? A GLU 30 CD  
3  1 Y 1 A GLU 173 ? OE1 ? A GLU 30 OE1 
4  1 Y 1 A GLU 173 ? OE2 ? A GLU 30 OE2 
5  1 Y 1 A ARG 188 ? NE  ? A ARG 45 NE  
6  1 Y 1 A ARG 188 ? CZ  ? A ARG 45 CZ  
7  1 Y 1 A ARG 188 ? NH1 ? A ARG 45 NH1 
8  1 Y 1 A ARG 188 ? NH2 ? A ARG 45 NH2 
9  1 Y 1 A LYS 191 ? CG  ? A LYS 48 CG  
10 1 Y 1 A LYS 191 ? CD  ? A LYS 48 CD  
11 1 Y 1 A LYS 191 ? CE  ? A LYS 48 CE  
12 1 Y 1 A LYS 191 ? NZ  ? A LYS 48 NZ  
13 1 Y 1 A LYS 198 ? CG  ? A LYS 55 CG  
14 1 Y 1 A LYS 198 ? CD  ? A LYS 55 CD  
15 1 Y 1 A LYS 198 ? CE  ? A LYS 55 CE  
16 1 Y 1 A LYS 198 ? NZ  ? A LYS 55 NZ  
17 1 Y 1 A GLU 214 ? CG  ? A GLU 71 CG  
18 1 Y 1 A GLU 214 ? CD  ? A GLU 71 CD  
19 1 Y 1 A GLU 214 ? OE1 ? A GLU 71 OE1 
20 1 Y 1 A GLU 214 ? OE2 ? A GLU 71 OE2 
# 
loop_
_pdbx_unobs_or_zero_occ_residues.id 
_pdbx_unobs_or_zero_occ_residues.PDB_model_num 
_pdbx_unobs_or_zero_occ_residues.polymer_flag 
_pdbx_unobs_or_zero_occ_residues.occupancy_flag 
_pdbx_unobs_or_zero_occ_residues.auth_asym_id 
_pdbx_unobs_or_zero_occ_residues.auth_comp_id 
_pdbx_unobs_or_zero_occ_residues.auth_seq_id 
_pdbx_unobs_or_zero_occ_residues.PDB_ins_code 
_pdbx_unobs_or_zero_occ_residues.label_asym_id 
_pdbx_unobs_or_zero_occ_residues.label_comp_id 
_pdbx_unobs_or_zero_occ_residues.label_seq_id 
1  1 Y 1 A MET 144 ? A MET 1  
2  1 Y 1 A HIS 145 ? A HIS 2  
3  1 Y 1 A HIS 146 ? A HIS 3  
4  1 Y 1 A HIS 147 ? A HIS 4  
5  1 Y 1 A HIS 148 ? A HIS 5  
6  1 Y 1 A HIS 149 ? A HIS 6  
7  1 Y 1 A HIS 150 ? A HIS 7  
8  1 Y 1 A SER 151 ? A SER 8  
9  1 Y 1 A SER 152 ? A SER 9  
10 1 Y 1 A ARG 153 ? A ARG 10 
11 1 Y 1 A GLU 154 ? A GLU 11 
12 1 Y 1 A ASN 155 ? A ASN 12 
13 1 Y 1 A LEU 156 ? A LEU 13 
14 1 Y 1 A TYR 157 ? A TYR 14 
15 1 Y 1 A PHE 158 ? A PHE 15 
16 1 Y 1 A GLN 159 ? A GLN 16 
17 1 Y 1 A GLY 160 ? A GLY 17 
18 1 Y 1 A GLN 161 ? A GLN 18 
19 1 Y 1 A ILE 162 ? A ILE 19 
20 1 Y 1 A LYS 163 ? A LYS 20 
21 1 Y 1 A ARG 164 ? A ARG 21 
22 1 Y 1 A SER 165 ? A SER 22 
23 1 Y 1 A TYR 218 ? A TYR 75 
24 1 Y 1 A PHE 219 ? A PHE 76 
25 1 Y 1 A PRO 220 ? A PRO 77 
26 1 Y 1 A SER 221 ? A SER 78 
27 1 Y 1 A SER 222 ? A SER 79 
# 
loop_
_chem_comp_atom.comp_id 
_chem_comp_atom.atom_id 
_chem_comp_atom.type_symbol 
_chem_comp_atom.pdbx_aromatic_flag 
_chem_comp_atom.pdbx_stereo_config 
_chem_comp_atom.pdbx_ordinal 
ALA N      N  N N 1   
ALA CA     C  N S 2   
ALA C      C  N N 3   
ALA O      O  N N 4   
ALA CB     C  N N 5   
ALA OXT    O  N N 6   
ALA H      H  N N 7   
ALA H2     H  N N 8   
ALA HA     H  N N 9   
ALA HB1    H  N N 10  
ALA HB2    H  N N 11  
ALA HB3    H  N N 12  
ALA HXT    H  N N 13  
ARG N      N  N N 14  
ARG CA     C  N S 15  
ARG C      C  N N 16  
ARG O      O  N N 17  
ARG CB     C  N N 18  
ARG CG     C  N N 19  
ARG CD     C  N N 20  
ARG NE     N  N N 21  
ARG CZ     C  N N 22  
ARG NH1    N  N N 23  
ARG NH2    N  N N 24  
ARG OXT    O  N N 25  
ARG H      H  N N 26  
ARG H2     H  N N 27  
ARG HA     H  N N 28  
ARG HB2    H  N N 29  
ARG HB3    H  N N 30  
ARG HG2    H  N N 31  
ARG HG3    H  N N 32  
ARG HD2    H  N N 33  
ARG HD3    H  N N 34  
ARG HE     H  N N 35  
ARG HH11   H  N N 36  
ARG HH12   H  N N 37  
ARG HH21   H  N N 38  
ARG HH22   H  N N 39  
ARG HXT    H  N N 40  
ASN N      N  N N 41  
ASN CA     C  N S 42  
ASN C      C  N N 43  
ASN O      O  N N 44  
ASN CB     C  N N 45  
ASN CG     C  N N 46  
ASN OD1    O  N N 47  
ASN ND2    N  N N 48  
ASN OXT    O  N N 49  
ASN H      H  N N 50  
ASN H2     H  N N 51  
ASN HA     H  N N 52  
ASN HB2    H  N N 53  
ASN HB3    H  N N 54  
ASN HD21   H  N N 55  
ASN HD22   H  N N 56  
ASN HXT    H  N N 57  
ASP N      N  N N 58  
ASP CA     C  N S 59  
ASP C      C  N N 60  
ASP O      O  N N 61  
ASP CB     C  N N 62  
ASP CG     C  N N 63  
ASP OD1    O  N N 64  
ASP OD2    O  N N 65  
ASP OXT    O  N N 66  
ASP H      H  N N 67  
ASP H2     H  N N 68  
ASP HA     H  N N 69  
ASP HB2    H  N N 70  
ASP HB3    H  N N 71  
ASP HD2    H  N N 72  
ASP HXT    H  N N 73  
CYS N      N  N N 74  
CYS CA     C  N R 75  
CYS C      C  N N 76  
CYS O      O  N N 77  
CYS CB     C  N N 78  
CYS SG     S  N N 79  
CYS OXT    O  N N 80  
CYS H      H  N N 81  
CYS H2     H  N N 82  
CYS HA     H  N N 83  
CYS HB2    H  N N 84  
CYS HB3    H  N N 85  
CYS HG     H  N N 86  
CYS HXT    H  N N 87  
DA  OP3    O  N N 88  
DA  P      P  N N 89  
DA  OP1    O  N N 90  
DA  OP2    O  N N 91  
DA  "O5'"  O  N N 92  
DA  "C5'"  C  N N 93  
DA  "C4'"  C  N R 94  
DA  "O4'"  O  N N 95  
DA  "C3'"  C  N S 96  
DA  "O3'"  O  N N 97  
DA  "C2'"  C  N N 98  
DA  "C1'"  C  N R 99  
DA  N9     N  Y N 100 
DA  C8     C  Y N 101 
DA  N7     N  Y N 102 
DA  C5     C  Y N 103 
DA  C6     C  Y N 104 
DA  N6     N  N N 105 
DA  N1     N  Y N 106 
DA  C2     C  Y N 107 
DA  N3     N  Y N 108 
DA  C4     C  Y N 109 
DA  HOP3   H  N N 110 
DA  HOP2   H  N N 111 
DA  "H5'"  H  N N 112 
DA  "H5''" H  N N 113 
DA  "H4'"  H  N N 114 
DA  "H3'"  H  N N 115 
DA  "HO3'" H  N N 116 
DA  "H2'"  H  N N 117 
DA  "H2''" H  N N 118 
DA  "H1'"  H  N N 119 
DA  H8     H  N N 120 
DA  H61    H  N N 121 
DA  H62    H  N N 122 
DA  H2     H  N N 123 
DC  OP3    O  N N 124 
DC  P      P  N N 125 
DC  OP1    O  N N 126 
DC  OP2    O  N N 127 
DC  "O5'"  O  N N 128 
DC  "C5'"  C  N N 129 
DC  "C4'"  C  N R 130 
DC  "O4'"  O  N N 131 
DC  "C3'"  C  N S 132 
DC  "O3'"  O  N N 133 
DC  "C2'"  C  N N 134 
DC  "C1'"  C  N R 135 
DC  N1     N  N N 136 
DC  C2     C  N N 137 
DC  O2     O  N N 138 
DC  N3     N  N N 139 
DC  C4     C  N N 140 
DC  N4     N  N N 141 
DC  C5     C  N N 142 
DC  C6     C  N N 143 
DC  HOP3   H  N N 144 
DC  HOP2   H  N N 145 
DC  "H5'"  H  N N 146 
DC  "H5''" H  N N 147 
DC  "H4'"  H  N N 148 
DC  "H3'"  H  N N 149 
DC  "HO3'" H  N N 150 
DC  "H2'"  H  N N 151 
DC  "H2''" H  N N 152 
DC  "H1'"  H  N N 153 
DC  H41    H  N N 154 
DC  H42    H  N N 155 
DC  H5     H  N N 156 
DC  H6     H  N N 157 
DG  OP3    O  N N 158 
DG  P      P  N N 159 
DG  OP1    O  N N 160 
DG  OP2    O  N N 161 
DG  "O5'"  O  N N 162 
DG  "C5'"  C  N N 163 
DG  "C4'"  C  N R 164 
DG  "O4'"  O  N N 165 
DG  "C3'"  C  N S 166 
DG  "O3'"  O  N N 167 
DG  "C2'"  C  N N 168 
DG  "C1'"  C  N R 169 
DG  N9     N  Y N 170 
DG  C8     C  Y N 171 
DG  N7     N  Y N 172 
DG  C5     C  Y N 173 
DG  C6     C  N N 174 
DG  O6     O  N N 175 
DG  N1     N  N N 176 
DG  C2     C  N N 177 
DG  N2     N  N N 178 
DG  N3     N  N N 179 
DG  C4     C  Y N 180 
DG  HOP3   H  N N 181 
DG  HOP2   H  N N 182 
DG  "H5'"  H  N N 183 
DG  "H5''" H  N N 184 
DG  "H4'"  H  N N 185 
DG  "H3'"  H  N N 186 
DG  "HO3'" H  N N 187 
DG  "H2'"  H  N N 188 
DG  "H2''" H  N N 189 
DG  "H1'"  H  N N 190 
DG  H8     H  N N 191 
DG  H1     H  N N 192 
DG  H21    H  N N 193 
DG  H22    H  N N 194 
DT  OP3    O  N N 195 
DT  P      P  N N 196 
DT  OP1    O  N N 197 
DT  OP2    O  N N 198 
DT  "O5'"  O  N N 199 
DT  "C5'"  C  N N 200 
DT  "C4'"  C  N R 201 
DT  "O4'"  O  N N 202 
DT  "C3'"  C  N S 203 
DT  "O3'"  O  N N 204 
DT  "C2'"  C  N N 205 
DT  "C1'"  C  N R 206 
DT  N1     N  N N 207 
DT  C2     C  N N 208 
DT  O2     O  N N 209 
DT  N3     N  N N 210 
DT  C4     C  N N 211 
DT  O4     O  N N 212 
DT  C5     C  N N 213 
DT  C7     C  N N 214 
DT  C6     C  N N 215 
DT  HOP3   H  N N 216 
DT  HOP2   H  N N 217 
DT  "H5'"  H  N N 218 
DT  "H5''" H  N N 219 
DT  "H4'"  H  N N 220 
DT  "H3'"  H  N N 221 
DT  "HO3'" H  N N 222 
DT  "H2'"  H  N N 223 
DT  "H2''" H  N N 224 
DT  "H1'"  H  N N 225 
DT  H3     H  N N 226 
DT  H71    H  N N 227 
DT  H72    H  N N 228 
DT  H73    H  N N 229 
DT  H6     H  N N 230 
GLN N      N  N N 231 
GLN CA     C  N S 232 
GLN C      C  N N 233 
GLN O      O  N N 234 
GLN CB     C  N N 235 
GLN CG     C  N N 236 
GLN CD     C  N N 237 
GLN OE1    O  N N 238 
GLN NE2    N  N N 239 
GLN OXT    O  N N 240 
GLN H      H  N N 241 
GLN H2     H  N N 242 
GLN HA     H  N N 243 
GLN HB2    H  N N 244 
GLN HB3    H  N N 245 
GLN HG2    H  N N 246 
GLN HG3    H  N N 247 
GLN HE21   H  N N 248 
GLN HE22   H  N N 249 
GLN HXT    H  N N 250 
GLU N      N  N N 251 
GLU CA     C  N S 252 
GLU C      C  N N 253 
GLU O      O  N N 254 
GLU CB     C  N N 255 
GLU CG     C  N N 256 
GLU CD     C  N N 257 
GLU OE1    O  N N 258 
GLU OE2    O  N N 259 
GLU OXT    O  N N 260 
GLU H      H  N N 261 
GLU H2     H  N N 262 
GLU HA     H  N N 263 
GLU HB2    H  N N 264 
GLU HB3    H  N N 265 
GLU HG2    H  N N 266 
GLU HG3    H  N N 267 
GLU HE2    H  N N 268 
GLU HXT    H  N N 269 
GLY N      N  N N 270 
GLY CA     C  N N 271 
GLY C      C  N N 272 
GLY O      O  N N 273 
GLY OXT    O  N N 274 
GLY H      H  N N 275 
GLY H2     H  N N 276 
GLY HA2    H  N N 277 
GLY HA3    H  N N 278 
GLY HXT    H  N N 279 
HIS N      N  N N 280 
HIS CA     C  N S 281 
HIS C      C  N N 282 
HIS O      O  N N 283 
HIS CB     C  N N 284 
HIS CG     C  Y N 285 
HIS ND1    N  Y N 286 
HIS CD2    C  Y N 287 
HIS CE1    C  Y N 288 
HIS NE2    N  Y N 289 
HIS OXT    O  N N 290 
HIS H      H  N N 291 
HIS H2     H  N N 292 
HIS HA     H  N N 293 
HIS HB2    H  N N 294 
HIS HB3    H  N N 295 
HIS HD1    H  N N 296 
HIS HD2    H  N N 297 
HIS HE1    H  N N 298 
HIS HE2    H  N N 299 
HIS HXT    H  N N 300 
HOH O      O  N N 301 
HOH H1     H  N N 302 
HOH H2     H  N N 303 
ILE N      N  N N 304 
ILE CA     C  N S 305 
ILE C      C  N N 306 
ILE O      O  N N 307 
ILE CB     C  N S 308 
ILE CG1    C  N N 309 
ILE CG2    C  N N 310 
ILE CD1    C  N N 311 
ILE OXT    O  N N 312 
ILE H      H  N N 313 
ILE H2     H  N N 314 
ILE HA     H  N N 315 
ILE HB     H  N N 316 
ILE HG12   H  N N 317 
ILE HG13   H  N N 318 
ILE HG21   H  N N 319 
ILE HG22   H  N N 320 
ILE HG23   H  N N 321 
ILE HD11   H  N N 322 
ILE HD12   H  N N 323 
ILE HD13   H  N N 324 
ILE HXT    H  N N 325 
LEU N      N  N N 326 
LEU CA     C  N S 327 
LEU C      C  N N 328 
LEU O      O  N N 329 
LEU CB     C  N N 330 
LEU CG     C  N N 331 
LEU CD1    C  N N 332 
LEU CD2    C  N N 333 
LEU OXT    O  N N 334 
LEU H      H  N N 335 
LEU H2     H  N N 336 
LEU HA     H  N N 337 
LEU HB2    H  N N 338 
LEU HB3    H  N N 339 
LEU HG     H  N N 340 
LEU HD11   H  N N 341 
LEU HD12   H  N N 342 
LEU HD13   H  N N 343 
LEU HD21   H  N N 344 
LEU HD22   H  N N 345 
LEU HD23   H  N N 346 
LEU HXT    H  N N 347 
LYS N      N  N N 348 
LYS CA     C  N S 349 
LYS C      C  N N 350 
LYS O      O  N N 351 
LYS CB     C  N N 352 
LYS CG     C  N N 353 
LYS CD     C  N N 354 
LYS CE     C  N N 355 
LYS NZ     N  N N 356 
LYS OXT    O  N N 357 
LYS H      H  N N 358 
LYS H2     H  N N 359 
LYS HA     H  N N 360 
LYS HB2    H  N N 361 
LYS HB3    H  N N 362 
LYS HG2    H  N N 363 
LYS HG3    H  N N 364 
LYS HD2    H  N N 365 
LYS HD3    H  N N 366 
LYS HE2    H  N N 367 
LYS HE3    H  N N 368 
LYS HZ1    H  N N 369 
LYS HZ2    H  N N 370 
LYS HZ3    H  N N 371 
LYS HXT    H  N N 372 
MET N      N  N N 373 
MET CA     C  N S 374 
MET C      C  N N 375 
MET O      O  N N 376 
MET CB     C  N N 377 
MET CG     C  N N 378 
MET SD     S  N N 379 
MET CE     C  N N 380 
MET OXT    O  N N 381 
MET H      H  N N 382 
MET H2     H  N N 383 
MET HA     H  N N 384 
MET HB2    H  N N 385 
MET HB3    H  N N 386 
MET HG2    H  N N 387 
MET HG3    H  N N 388 
MET HE1    H  N N 389 
MET HE2    H  N N 390 
MET HE3    H  N N 391 
MET HXT    H  N N 392 
PEG C1     C  N N 393 
PEG O1     O  N N 394 
PEG C2     C  N N 395 
PEG O2     O  N N 396 
PEG C3     C  N N 397 
PEG C4     C  N N 398 
PEG O4     O  N N 399 
PEG H11    H  N N 400 
PEG H12    H  N N 401 
PEG HO1    H  N N 402 
PEG H21    H  N N 403 
PEG H22    H  N N 404 
PEG H31    H  N N 405 
PEG H32    H  N N 406 
PEG H41    H  N N 407 
PEG H42    H  N N 408 
PEG HO4    H  N N 409 
PHE N      N  N N 410 
PHE CA     C  N S 411 
PHE C      C  N N 412 
PHE O      O  N N 413 
PHE CB     C  N N 414 
PHE CG     C  Y N 415 
PHE CD1    C  Y N 416 
PHE CD2    C  Y N 417 
PHE CE1    C  Y N 418 
PHE CE2    C  Y N 419 
PHE CZ     C  Y N 420 
PHE OXT    O  N N 421 
PHE H      H  N N 422 
PHE H2     H  N N 423 
PHE HA     H  N N 424 
PHE HB2    H  N N 425 
PHE HB3    H  N N 426 
PHE HD1    H  N N 427 
PHE HD2    H  N N 428 
PHE HE1    H  N N 429 
PHE HE2    H  N N 430 
PHE HZ     H  N N 431 
PHE HXT    H  N N 432 
PO4 P      P  N N 433 
PO4 O1     O  N N 434 
PO4 O2     O  N N 435 
PO4 O3     O  N N 436 
PO4 O4     O  N N 437 
PRO N      N  N N 438 
PRO CA     C  N S 439 
PRO C      C  N N 440 
PRO O      O  N N 441 
PRO CB     C  N N 442 
PRO CG     C  N N 443 
PRO CD     C  N N 444 
PRO OXT    O  N N 445 
PRO H      H  N N 446 
PRO HA     H  N N 447 
PRO HB2    H  N N 448 
PRO HB3    H  N N 449 
PRO HG2    H  N N 450 
PRO HG3    H  N N 451 
PRO HD2    H  N N 452 
PRO HD3    H  N N 453 
PRO HXT    H  N N 454 
SER N      N  N N 455 
SER CA     C  N S 456 
SER C      C  N N 457 
SER O      O  N N 458 
SER CB     C  N N 459 
SER OG     O  N N 460 
SER OXT    O  N N 461 
SER H      H  N N 462 
SER H2     H  N N 463 
SER HA     H  N N 464 
SER HB2    H  N N 465 
SER HB3    H  N N 466 
SER HG     H  N N 467 
SER HXT    H  N N 468 
THR N      N  N N 469 
THR CA     C  N S 470 
THR C      C  N N 471 
THR O      O  N N 472 
THR CB     C  N R 473 
THR OG1    O  N N 474 
THR CG2    C  N N 475 
THR OXT    O  N N 476 
THR H      H  N N 477 
THR H2     H  N N 478 
THR HA     H  N N 479 
THR HB     H  N N 480 
THR HG1    H  N N 481 
THR HG21   H  N N 482 
THR HG22   H  N N 483 
THR HG23   H  N N 484 
THR HXT    H  N N 485 
TYR N      N  N N 486 
TYR CA     C  N S 487 
TYR C      C  N N 488 
TYR O      O  N N 489 
TYR CB     C  N N 490 
TYR CG     C  Y N 491 
TYR CD1    C  Y N 492 
TYR CD2    C  Y N 493 
TYR CE1    C  Y N 494 
TYR CE2    C  Y N 495 
TYR CZ     C  Y N 496 
TYR OH     O  N N 497 
TYR OXT    O  N N 498 
TYR H      H  N N 499 
TYR H2     H  N N 500 
TYR HA     H  N N 501 
TYR HB2    H  N N 502 
TYR HB3    H  N N 503 
TYR HD1    H  N N 504 
TYR HD2    H  N N 505 
TYR HE1    H  N N 506 
TYR HE2    H  N N 507 
TYR HH     H  N N 508 
TYR HXT    H  N N 509 
ZN  ZN     ZN N N 510 
# 
loop_
_chem_comp_bond.comp_id 
_chem_comp_bond.atom_id_1 
_chem_comp_bond.atom_id_2 
_chem_comp_bond.value_order 
_chem_comp_bond.pdbx_aromatic_flag 
_chem_comp_bond.pdbx_stereo_config 
_chem_comp_bond.pdbx_ordinal 
ALA N     CA     sing N N 1   
ALA N     H      sing N N 2   
ALA N     H2     sing N N 3   
ALA CA    C      sing N N 4   
ALA CA    CB     sing N N 5   
ALA CA    HA     sing N N 6   
ALA C     O      doub N N 7   
ALA C     OXT    sing N N 8   
ALA CB    HB1    sing N N 9   
ALA CB    HB2    sing N N 10  
ALA CB    HB3    sing N N 11  
ALA OXT   HXT    sing N N 12  
ARG N     CA     sing N N 13  
ARG N     H      sing N N 14  
ARG N     H2     sing N N 15  
ARG CA    C      sing N N 16  
ARG CA    CB     sing N N 17  
ARG CA    HA     sing N N 18  
ARG C     O      doub N N 19  
ARG C     OXT    sing N N 20  
ARG CB    CG     sing N N 21  
ARG CB    HB2    sing N N 22  
ARG CB    HB3    sing N N 23  
ARG CG    CD     sing N N 24  
ARG CG    HG2    sing N N 25  
ARG CG    HG3    sing N N 26  
ARG CD    NE     sing N N 27  
ARG CD    HD2    sing N N 28  
ARG CD    HD3    sing N N 29  
ARG NE    CZ     sing N N 30  
ARG NE    HE     sing N N 31  
ARG CZ    NH1    sing N N 32  
ARG CZ    NH2    doub N N 33  
ARG NH1   HH11   sing N N 34  
ARG NH1   HH12   sing N N 35  
ARG NH2   HH21   sing N N 36  
ARG NH2   HH22   sing N N 37  
ARG OXT   HXT    sing N N 38  
ASN N     CA     sing N N 39  
ASN N     H      sing N N 40  
ASN N     H2     sing N N 41  
ASN CA    C      sing N N 42  
ASN CA    CB     sing N N 43  
ASN CA    HA     sing N N 44  
ASN C     O      doub N N 45  
ASN C     OXT    sing N N 46  
ASN CB    CG     sing N N 47  
ASN CB    HB2    sing N N 48  
ASN CB    HB3    sing N N 49  
ASN CG    OD1    doub N N 50  
ASN CG    ND2    sing N N 51  
ASN ND2   HD21   sing N N 52  
ASN ND2   HD22   sing N N 53  
ASN OXT   HXT    sing N N 54  
ASP N     CA     sing N N 55  
ASP N     H      sing N N 56  
ASP N     H2     sing N N 57  
ASP CA    C      sing N N 58  
ASP CA    CB     sing N N 59  
ASP CA    HA     sing N N 60  
ASP C     O      doub N N 61  
ASP C     OXT    sing N N 62  
ASP CB    CG     sing N N 63  
ASP CB    HB2    sing N N 64  
ASP CB    HB3    sing N N 65  
ASP CG    OD1    doub N N 66  
ASP CG    OD2    sing N N 67  
ASP OD2   HD2    sing N N 68  
ASP OXT   HXT    sing N N 69  
CYS N     CA     sing N N 70  
CYS N     H      sing N N 71  
CYS N     H2     sing N N 72  
CYS CA    C      sing N N 73  
CYS CA    CB     sing N N 74  
CYS CA    HA     sing N N 75  
CYS C     O      doub N N 76  
CYS C     OXT    sing N N 77  
CYS CB    SG     sing N N 78  
CYS CB    HB2    sing N N 79  
CYS CB    HB3    sing N N 80  
CYS SG    HG     sing N N 81  
CYS OXT   HXT    sing N N 82  
DA  OP3   P      sing N N 83  
DA  OP3   HOP3   sing N N 84  
DA  P     OP1    doub N N 85  
DA  P     OP2    sing N N 86  
DA  P     "O5'"  sing N N 87  
DA  OP2   HOP2   sing N N 88  
DA  "O5'" "C5'"  sing N N 89  
DA  "C5'" "C4'"  sing N N 90  
DA  "C5'" "H5'"  sing N N 91  
DA  "C5'" "H5''" sing N N 92  
DA  "C4'" "O4'"  sing N N 93  
DA  "C4'" "C3'"  sing N N 94  
DA  "C4'" "H4'"  sing N N 95  
DA  "O4'" "C1'"  sing N N 96  
DA  "C3'" "O3'"  sing N N 97  
DA  "C3'" "C2'"  sing N N 98  
DA  "C3'" "H3'"  sing N N 99  
DA  "O3'" "HO3'" sing N N 100 
DA  "C2'" "C1'"  sing N N 101 
DA  "C2'" "H2'"  sing N N 102 
DA  "C2'" "H2''" sing N N 103 
DA  "C1'" N9     sing N N 104 
DA  "C1'" "H1'"  sing N N 105 
DA  N9    C8     sing Y N 106 
DA  N9    C4     sing Y N 107 
DA  C8    N7     doub Y N 108 
DA  C8    H8     sing N N 109 
DA  N7    C5     sing Y N 110 
DA  C5    C6     sing Y N 111 
DA  C5    C4     doub Y N 112 
DA  C6    N6     sing N N 113 
DA  C6    N1     doub Y N 114 
DA  N6    H61    sing N N 115 
DA  N6    H62    sing N N 116 
DA  N1    C2     sing Y N 117 
DA  C2    N3     doub Y N 118 
DA  C2    H2     sing N N 119 
DA  N3    C4     sing Y N 120 
DC  OP3   P      sing N N 121 
DC  OP3   HOP3   sing N N 122 
DC  P     OP1    doub N N 123 
DC  P     OP2    sing N N 124 
DC  P     "O5'"  sing N N 125 
DC  OP2   HOP2   sing N N 126 
DC  "O5'" "C5'"  sing N N 127 
DC  "C5'" "C4'"  sing N N 128 
DC  "C5'" "H5'"  sing N N 129 
DC  "C5'" "H5''" sing N N 130 
DC  "C4'" "O4'"  sing N N 131 
DC  "C4'" "C3'"  sing N N 132 
DC  "C4'" "H4'"  sing N N 133 
DC  "O4'" "C1'"  sing N N 134 
DC  "C3'" "O3'"  sing N N 135 
DC  "C3'" "C2'"  sing N N 136 
DC  "C3'" "H3'"  sing N N 137 
DC  "O3'" "HO3'" sing N N 138 
DC  "C2'" "C1'"  sing N N 139 
DC  "C2'" "H2'"  sing N N 140 
DC  "C2'" "H2''" sing N N 141 
DC  "C1'" N1     sing N N 142 
DC  "C1'" "H1'"  sing N N 143 
DC  N1    C2     sing N N 144 
DC  N1    C6     sing N N 145 
DC  C2    O2     doub N N 146 
DC  C2    N3     sing N N 147 
DC  N3    C4     doub N N 148 
DC  C4    N4     sing N N 149 
DC  C4    C5     sing N N 150 
DC  N4    H41    sing N N 151 
DC  N4    H42    sing N N 152 
DC  C5    C6     doub N N 153 
DC  C5    H5     sing N N 154 
DC  C6    H6     sing N N 155 
DG  OP3   P      sing N N 156 
DG  OP3   HOP3   sing N N 157 
DG  P     OP1    doub N N 158 
DG  P     OP2    sing N N 159 
DG  P     "O5'"  sing N N 160 
DG  OP2   HOP2   sing N N 161 
DG  "O5'" "C5'"  sing N N 162 
DG  "C5'" "C4'"  sing N N 163 
DG  "C5'" "H5'"  sing N N 164 
DG  "C5'" "H5''" sing N N 165 
DG  "C4'" "O4'"  sing N N 166 
DG  "C4'" "C3'"  sing N N 167 
DG  "C4'" "H4'"  sing N N 168 
DG  "O4'" "C1'"  sing N N 169 
DG  "C3'" "O3'"  sing N N 170 
DG  "C3'" "C2'"  sing N N 171 
DG  "C3'" "H3'"  sing N N 172 
DG  "O3'" "HO3'" sing N N 173 
DG  "C2'" "C1'"  sing N N 174 
DG  "C2'" "H2'"  sing N N 175 
DG  "C2'" "H2''" sing N N 176 
DG  "C1'" N9     sing N N 177 
DG  "C1'" "H1'"  sing N N 178 
DG  N9    C8     sing Y N 179 
DG  N9    C4     sing Y N 180 
DG  C8    N7     doub Y N 181 
DG  C8    H8     sing N N 182 
DG  N7    C5     sing Y N 183 
DG  C5    C6     sing N N 184 
DG  C5    C4     doub Y N 185 
DG  C6    O6     doub N N 186 
DG  C6    N1     sing N N 187 
DG  N1    C2     sing N N 188 
DG  N1    H1     sing N N 189 
DG  C2    N2     sing N N 190 
DG  C2    N3     doub N N 191 
DG  N2    H21    sing N N 192 
DG  N2    H22    sing N N 193 
DG  N3    C4     sing N N 194 
DT  OP3   P      sing N N 195 
DT  OP3   HOP3   sing N N 196 
DT  P     OP1    doub N N 197 
DT  P     OP2    sing N N 198 
DT  P     "O5'"  sing N N 199 
DT  OP2   HOP2   sing N N 200 
DT  "O5'" "C5'"  sing N N 201 
DT  "C5'" "C4'"  sing N N 202 
DT  "C5'" "H5'"  sing N N 203 
DT  "C5'" "H5''" sing N N 204 
DT  "C4'" "O4'"  sing N N 205 
DT  "C4'" "C3'"  sing N N 206 
DT  "C4'" "H4'"  sing N N 207 
DT  "O4'" "C1'"  sing N N 208 
DT  "C3'" "O3'"  sing N N 209 
DT  "C3'" "C2'"  sing N N 210 
DT  "C3'" "H3'"  sing N N 211 
DT  "O3'" "HO3'" sing N N 212 
DT  "C2'" "C1'"  sing N N 213 
DT  "C2'" "H2'"  sing N N 214 
DT  "C2'" "H2''" sing N N 215 
DT  "C1'" N1     sing N N 216 
DT  "C1'" "H1'"  sing N N 217 
DT  N1    C2     sing N N 218 
DT  N1    C6     sing N N 219 
DT  C2    O2     doub N N 220 
DT  C2    N3     sing N N 221 
DT  N3    C4     sing N N 222 
DT  N3    H3     sing N N 223 
DT  C4    O4     doub N N 224 
DT  C4    C5     sing N N 225 
DT  C5    C7     sing N N 226 
DT  C5    C6     doub N N 227 
DT  C7    H71    sing N N 228 
DT  C7    H72    sing N N 229 
DT  C7    H73    sing N N 230 
DT  C6    H6     sing N N 231 
GLN N     CA     sing N N 232 
GLN N     H      sing N N 233 
GLN N     H2     sing N N 234 
GLN CA    C      sing N N 235 
GLN CA    CB     sing N N 236 
GLN CA    HA     sing N N 237 
GLN C     O      doub N N 238 
GLN C     OXT    sing N N 239 
GLN CB    CG     sing N N 240 
GLN CB    HB2    sing N N 241 
GLN CB    HB3    sing N N 242 
GLN CG    CD     sing N N 243 
GLN CG    HG2    sing N N 244 
GLN CG    HG3    sing N N 245 
GLN CD    OE1    doub N N 246 
GLN CD    NE2    sing N N 247 
GLN NE2   HE21   sing N N 248 
GLN NE2   HE22   sing N N 249 
GLN OXT   HXT    sing N N 250 
GLU N     CA     sing N N 251 
GLU N     H      sing N N 252 
GLU N     H2     sing N N 253 
GLU CA    C      sing N N 254 
GLU CA    CB     sing N N 255 
GLU CA    HA     sing N N 256 
GLU C     O      doub N N 257 
GLU C     OXT    sing N N 258 
GLU CB    CG     sing N N 259 
GLU CB    HB2    sing N N 260 
GLU CB    HB3    sing N N 261 
GLU CG    CD     sing N N 262 
GLU CG    HG2    sing N N 263 
GLU CG    HG3    sing N N 264 
GLU CD    OE1    doub N N 265 
GLU CD    OE2    sing N N 266 
GLU OE2   HE2    sing N N 267 
GLU OXT   HXT    sing N N 268 
GLY N     CA     sing N N 269 
GLY N     H      sing N N 270 
GLY N     H2     sing N N 271 
GLY CA    C      sing N N 272 
GLY CA    HA2    sing N N 273 
GLY CA    HA3    sing N N 274 
GLY C     O      doub N N 275 
GLY C     OXT    sing N N 276 
GLY OXT   HXT    sing N N 277 
HIS N     CA     sing N N 278 
HIS N     H      sing N N 279 
HIS N     H2     sing N N 280 
HIS CA    C      sing N N 281 
HIS CA    CB     sing N N 282 
HIS CA    HA     sing N N 283 
HIS C     O      doub N N 284 
HIS C     OXT    sing N N 285 
HIS CB    CG     sing N N 286 
HIS CB    HB2    sing N N 287 
HIS CB    HB3    sing N N 288 
HIS CG    ND1    sing Y N 289 
HIS CG    CD2    doub Y N 290 
HIS ND1   CE1    doub Y N 291 
HIS ND1   HD1    sing N N 292 
HIS CD2   NE2    sing Y N 293 
HIS CD2   HD2    sing N N 294 
HIS CE1   NE2    sing Y N 295 
HIS CE1   HE1    sing N N 296 
HIS NE2   HE2    sing N N 297 
HIS OXT   HXT    sing N N 298 
HOH O     H1     sing N N 299 
HOH O     H2     sing N N 300 
ILE N     CA     sing N N 301 
ILE N     H      sing N N 302 
ILE N     H2     sing N N 303 
ILE CA    C      sing N N 304 
ILE CA    CB     sing N N 305 
ILE CA    HA     sing N N 306 
ILE C     O      doub N N 307 
ILE C     OXT    sing N N 308 
ILE CB    CG1    sing N N 309 
ILE CB    CG2    sing N N 310 
ILE CB    HB     sing N N 311 
ILE CG1   CD1    sing N N 312 
ILE CG1   HG12   sing N N 313 
ILE CG1   HG13   sing N N 314 
ILE CG2   HG21   sing N N 315 
ILE CG2   HG22   sing N N 316 
ILE CG2   HG23   sing N N 317 
ILE CD1   HD11   sing N N 318 
ILE CD1   HD12   sing N N 319 
ILE CD1   HD13   sing N N 320 
ILE OXT   HXT    sing N N 321 
LEU N     CA     sing N N 322 
LEU N     H      sing N N 323 
LEU N     H2     sing N N 324 
LEU CA    C      sing N N 325 
LEU CA    CB     sing N N 326 
LEU CA    HA     sing N N 327 
LEU C     O      doub N N 328 
LEU C     OXT    sing N N 329 
LEU CB    CG     sing N N 330 
LEU CB    HB2    sing N N 331 
LEU CB    HB3    sing N N 332 
LEU CG    CD1    sing N N 333 
LEU CG    CD2    sing N N 334 
LEU CG    HG     sing N N 335 
LEU CD1   HD11   sing N N 336 
LEU CD1   HD12   sing N N 337 
LEU CD1   HD13   sing N N 338 
LEU CD2   HD21   sing N N 339 
LEU CD2   HD22   sing N N 340 
LEU CD2   HD23   sing N N 341 
LEU OXT   HXT    sing N N 342 
LYS N     CA     sing N N 343 
LYS N     H      sing N N 344 
LYS N     H2     sing N N 345 
LYS CA    C      sing N N 346 
LYS CA    CB     sing N N 347 
LYS CA    HA     sing N N 348 
LYS C     O      doub N N 349 
LYS C     OXT    sing N N 350 
LYS CB    CG     sing N N 351 
LYS CB    HB2    sing N N 352 
LYS CB    HB3    sing N N 353 
LYS CG    CD     sing N N 354 
LYS CG    HG2    sing N N 355 
LYS CG    HG3    sing N N 356 
LYS CD    CE     sing N N 357 
LYS CD    HD2    sing N N 358 
LYS CD    HD3    sing N N 359 
LYS CE    NZ     sing N N 360 
LYS CE    HE2    sing N N 361 
LYS CE    HE3    sing N N 362 
LYS NZ    HZ1    sing N N 363 
LYS NZ    HZ2    sing N N 364 
LYS NZ    HZ3    sing N N 365 
LYS OXT   HXT    sing N N 366 
MET N     CA     sing N N 367 
MET N     H      sing N N 368 
MET N     H2     sing N N 369 
MET CA    C      sing N N 370 
MET CA    CB     sing N N 371 
MET CA    HA     sing N N 372 
MET C     O      doub N N 373 
MET C     OXT    sing N N 374 
MET CB    CG     sing N N 375 
MET CB    HB2    sing N N 376 
MET CB    HB3    sing N N 377 
MET CG    SD     sing N N 378 
MET CG    HG2    sing N N 379 
MET CG    HG3    sing N N 380 
MET SD    CE     sing N N 381 
MET CE    HE1    sing N N 382 
MET CE    HE2    sing N N 383 
MET CE    HE3    sing N N 384 
MET OXT   HXT    sing N N 385 
PEG C1    O1     sing N N 386 
PEG C1    C2     sing N N 387 
PEG C1    H11    sing N N 388 
PEG C1    H12    sing N N 389 
PEG O1    HO1    sing N N 390 
PEG C2    O2     sing N N 391 
PEG C2    H21    sing N N 392 
PEG C2    H22    sing N N 393 
PEG O2    C3     sing N N 394 
PEG C3    C4     sing N N 395 
PEG C3    H31    sing N N 396 
PEG C3    H32    sing N N 397 
PEG C4    O4     sing N N 398 
PEG C4    H41    sing N N 399 
PEG C4    H42    sing N N 400 
PEG O4    HO4    sing N N 401 
PHE N     CA     sing N N 402 
PHE N     H      sing N N 403 
PHE N     H2     sing N N 404 
PHE CA    C      sing N N 405 
PHE CA    CB     sing N N 406 
PHE CA    HA     sing N N 407 
PHE C     O      doub N N 408 
PHE C     OXT    sing N N 409 
PHE CB    CG     sing N N 410 
PHE CB    HB2    sing N N 411 
PHE CB    HB3    sing N N 412 
PHE CG    CD1    doub Y N 413 
PHE CG    CD2    sing Y N 414 
PHE CD1   CE1    sing Y N 415 
PHE CD1   HD1    sing N N 416 
PHE CD2   CE2    doub Y N 417 
PHE CD2   HD2    sing N N 418 
PHE CE1   CZ     doub Y N 419 
PHE CE1   HE1    sing N N 420 
PHE CE2   CZ     sing Y N 421 
PHE CE2   HE2    sing N N 422 
PHE CZ    HZ     sing N N 423 
PHE OXT   HXT    sing N N 424 
PO4 P     O1     doub N N 425 
PO4 P     O2     sing N N 426 
PO4 P     O3     sing N N 427 
PO4 P     O4     sing N N 428 
PRO N     CA     sing N N 429 
PRO N     CD     sing N N 430 
PRO N     H      sing N N 431 
PRO CA    C      sing N N 432 
PRO CA    CB     sing N N 433 
PRO CA    HA     sing N N 434 
PRO C     O      doub N N 435 
PRO C     OXT    sing N N 436 
PRO CB    CG     sing N N 437 
PRO CB    HB2    sing N N 438 
PRO CB    HB3    sing N N 439 
PRO CG    CD     sing N N 440 
PRO CG    HG2    sing N N 441 
PRO CG    HG3    sing N N 442 
PRO CD    HD2    sing N N 443 
PRO CD    HD3    sing N N 444 
PRO OXT   HXT    sing N N 445 
SER N     CA     sing N N 446 
SER N     H      sing N N 447 
SER N     H2     sing N N 448 
SER CA    C      sing N N 449 
SER CA    CB     sing N N 450 
SER CA    HA     sing N N 451 
SER C     O      doub N N 452 
SER C     OXT    sing N N 453 
SER CB    OG     sing N N 454 
SER CB    HB2    sing N N 455 
SER CB    HB3    sing N N 456 
SER OG    HG     sing N N 457 
SER OXT   HXT    sing N N 458 
THR N     CA     sing N N 459 
THR N     H      sing N N 460 
THR N     H2     sing N N 461 
THR CA    C      sing N N 462 
THR CA    CB     sing N N 463 
THR CA    HA     sing N N 464 
THR C     O      doub N N 465 
THR C     OXT    sing N N 466 
THR CB    OG1    sing N N 467 
THR CB    CG2    sing N N 468 
THR CB    HB     sing N N 469 
THR OG1   HG1    sing N N 470 
THR CG2   HG21   sing N N 471 
THR CG2   HG22   sing N N 472 
THR CG2   HG23   sing N N 473 
THR OXT   HXT    sing N N 474 
TYR N     CA     sing N N 475 
TYR N     H      sing N N 476 
TYR N     H2     sing N N 477 
TYR CA    C      sing N N 478 
TYR CA    CB     sing N N 479 
TYR CA    HA     sing N N 480 
TYR C     O      doub N N 481 
TYR C     OXT    sing N N 482 
TYR CB    CG     sing N N 483 
TYR CB    HB2    sing N N 484 
TYR CB    HB3    sing N N 485 
TYR CG    CD1    doub Y N 486 
TYR CG    CD2    sing Y N 487 
TYR CD1   CE1    sing Y N 488 
TYR CD1   HD1    sing N N 489 
TYR CD2   CE2    doub Y N 490 
TYR CD2   HD2    sing N N 491 
TYR CE1   CZ     doub Y N 492 
TYR CE1   HE1    sing N N 493 
TYR CE2   CZ     sing Y N 494 
TYR CE2   HE2    sing N N 495 
TYR CZ    OH     sing N N 496 
TYR OH    HH     sing N N 497 
TYR OXT   HXT    sing N N 498 
# 
_ndb_struct_conf_na.entry_id   3QMI 
_ndb_struct_conf_na.feature    'b-form double helix' 
# 
loop_
_ndb_struct_na_base_pair.model_number 
_ndb_struct_na_base_pair.i_label_asym_id 
_ndb_struct_na_base_pair.i_label_comp_id 
_ndb_struct_na_base_pair.i_label_seq_id 
_ndb_struct_na_base_pair.i_symmetry 
_ndb_struct_na_base_pair.j_label_asym_id 
_ndb_struct_na_base_pair.j_label_comp_id 
_ndb_struct_na_base_pair.j_label_seq_id 
_ndb_struct_na_base_pair.j_symmetry 
_ndb_struct_na_base_pair.shear 
_ndb_struct_na_base_pair.stretch 
_ndb_struct_na_base_pair.stagger 
_ndb_struct_na_base_pair.buckle 
_ndb_struct_na_base_pair.propeller 
_ndb_struct_na_base_pair.opening 
_ndb_struct_na_base_pair.pair_number 
_ndb_struct_na_base_pair.pair_name 
_ndb_struct_na_base_pair.i_auth_asym_id 
_ndb_struct_na_base_pair.i_auth_seq_id 
_ndb_struct_na_base_pair.i_PDB_ins_code 
_ndb_struct_na_base_pair.j_auth_asym_id 
_ndb_struct_na_base_pair.j_auth_seq_id 
_ndb_struct_na_base_pair.j_PDB_ins_code 
_ndb_struct_na_base_pair.hbond_type_28 
_ndb_struct_na_base_pair.hbond_type_12 
1 B DG 1  1_555 C DC 12 1_555 -0.595 -0.209 0.053  3.735  -3.750  0.747  1  B_DG1:DC12_C B 1  ? C 12 ? 19 1 
1 B DC 2  1_555 C DG 11 1_555 0.367  -0.246 0.204  -2.586 -10.144 -2.759 2  B_DC2:DG11_C B 2  ? C 11 ? 19 1 
1 B DC 3  1_555 C DG 10 1_555 0.448  -0.171 0.019  -3.831 -6.543  3.179  3  B_DC3:DG10_C B 3  ? C 10 ? 19 1 
1 B DA 4  1_555 C DT 9  1_555 0.013  -0.123 0.076  -0.422 -1.399  1.017  4  B_DA4:DT9_C  B 4  ? C 9  ? 20 1 
1 B DA 5  1_555 C DT 8  1_555 0.133  -0.156 0.247  6.609  -6.082  5.079  5  B_DA5:DT8_C  B 5  ? C 8  ? 20 1 
1 B DC 6  1_555 C DG 7  1_555 0.410  -0.122 0.196  -2.281 -19.304 2.438  6  B_DC6:DG7_C  B 6  ? C 7  ? 19 1 
1 B DG 7  1_555 C DC 6  1_555 -0.199 -0.146 -0.109 -4.085 0.578   -1.857 7  B_DG7:DC6_C  B 7  ? C 6  ? 19 1 
1 B DT 8  1_555 C DA 5  1_555 -0.117 -0.191 0.036  1.649  -10.604 -0.423 8  B_DT8:DA5_C  B 8  ? C 5  ? 20 1 
1 B DT 9  1_555 C DA 4  1_555 -0.163 -0.228 -0.155 1.415  -13.804 5.043  9  B_DT9:DA4_C  B 9  ? C 4  ? 20 1 
1 B DG 10 1_555 C DC 3  1_555 -0.351 -0.133 0.135  0.407  -2.786  2.145  10 B_DG10:DC3_C B 10 ? C 3  ? 19 1 
1 B DG 11 1_555 C DC 2  1_555 -0.263 -0.140 0.198  5.382  -5.717  0.369  11 B_DG11:DC2_C B 11 ? C 2  ? 19 1 
1 B DC 12 1_555 C DG 1  1_555 0.287  -0.170 -0.073 -3.340 -4.164  2.390  12 B_DC12:DG1_C B 12 ? C 1  ? 19 1 
# 
loop_
_ndb_struct_na_base_pair_step.model_number 
_ndb_struct_na_base_pair_step.i_label_asym_id_1 
_ndb_struct_na_base_pair_step.i_label_comp_id_1 
_ndb_struct_na_base_pair_step.i_label_seq_id_1 
_ndb_struct_na_base_pair_step.i_symmetry_1 
_ndb_struct_na_base_pair_step.j_label_asym_id_1 
_ndb_struct_na_base_pair_step.j_label_comp_id_1 
_ndb_struct_na_base_pair_step.j_label_seq_id_1 
_ndb_struct_na_base_pair_step.j_symmetry_1 
_ndb_struct_na_base_pair_step.i_label_asym_id_2 
_ndb_struct_na_base_pair_step.i_label_comp_id_2 
_ndb_struct_na_base_pair_step.i_label_seq_id_2 
_ndb_struct_na_base_pair_step.i_symmetry_2 
_ndb_struct_na_base_pair_step.j_label_asym_id_2 
_ndb_struct_na_base_pair_step.j_label_comp_id_2 
_ndb_struct_na_base_pair_step.j_label_seq_id_2 
_ndb_struct_na_base_pair_step.j_symmetry_2 
_ndb_struct_na_base_pair_step.shift 
_ndb_struct_na_base_pair_step.slide 
_ndb_struct_na_base_pair_step.rise 
_ndb_struct_na_base_pair_step.tilt 
_ndb_struct_na_base_pair_step.roll 
_ndb_struct_na_base_pair_step.twist 
_ndb_struct_na_base_pair_step.x_displacement 
_ndb_struct_na_base_pair_step.y_displacement 
_ndb_struct_na_base_pair_step.helical_rise 
_ndb_struct_na_base_pair_step.inclination 
_ndb_struct_na_base_pair_step.tip 
_ndb_struct_na_base_pair_step.helical_twist 
_ndb_struct_na_base_pair_step.step_number 
_ndb_struct_na_base_pair_step.step_name 
_ndb_struct_na_base_pair_step.i_auth_asym_id_1 
_ndb_struct_na_base_pair_step.i_auth_seq_id_1 
_ndb_struct_na_base_pair_step.i_PDB_ins_code_1 
_ndb_struct_na_base_pair_step.j_auth_asym_id_1 
_ndb_struct_na_base_pair_step.j_auth_seq_id_1 
_ndb_struct_na_base_pair_step.j_PDB_ins_code_1 
_ndb_struct_na_base_pair_step.i_auth_asym_id_2 
_ndb_struct_na_base_pair_step.i_auth_seq_id_2 
_ndb_struct_na_base_pair_step.i_PDB_ins_code_2 
_ndb_struct_na_base_pair_step.j_auth_asym_id_2 
_ndb_struct_na_base_pair_step.j_auth_seq_id_2 
_ndb_struct_na_base_pair_step.j_PDB_ins_code_2 
1 B DG 1  1_555 C DC 12 1_555 B DC 2  1_555 C DG 11 1_555 -0.794 -0.368 3.440 -2.524 -0.208 38.814 -0.526 0.868  3.484 -0.312 
3.792  38.894 1  BB_DG1DC2:DG11DC12_CC B 1  ? C 12 ? B 2  ? C 11 ? 
1 B DC 2  1_555 C DG 11 1_555 B DC 3  1_555 C DG 10 1_555 -0.127 -0.149 3.268 1.926  6.462  29.897 -1.550 0.618  3.153 12.330 
-3.674 30.631 2  BB_DC2DC3:DG10DG11_CC B 2  ? C 11 ? B 3  ? C 10 ? 
1 B DC 3  1_555 C DG 10 1_555 B DA 4  1_555 C DT 9  1_555 -0.089 2.362  3.270 -2.476 -4.771 46.848 3.330  -0.084 3.030 -5.977 
3.102  47.138 3  BB_DC3DA4:DT9DG10_CC  B 3  ? C 10 ? B 4  ? C 9  ? 
1 B DA 4  1_555 C DT 9  1_555 B DA 5  1_555 C DT 8  1_555 0.625  0.628  3.329 -2.875 9.466  23.824 -1.361 -2.243 3.240 21.767 
6.611  25.769 4  BB_DA4DA5:DT8DT9_CC   B 4  ? C 9  ? B 5  ? C 8  ? 
1 B DA 5  1_555 C DT 8  1_555 B DC 6  1_555 C DG 7  1_555 -0.916 -0.050 3.499 -1.318 -3.177 38.350 0.348  1.214  3.520 -4.825 
2.002  38.499 5  BB_DA5DC6:DG7DT8_CC   B 5  ? C 8  ? B 6  ? C 7  ? 
1 B DC 6  1_555 C DG 7  1_555 B DG 7  1_555 C DC 6  1_555 0.438  0.862  3.438 3.254  2.610  40.715 0.929  -0.248 3.507 3.739  
-4.662 40.919 6  BB_DC6DG7:DC6DG7_CC   B 6  ? C 7  ? B 7  ? C 6  ? 
1 B DG 7  1_555 C DC 6  1_555 B DT 8  1_555 C DA 5  1_555 -0.385 -0.440 3.278 -1.543 3.080  30.587 -1.431 0.424  3.235 5.816  
2.913  30.776 7  BB_DG7DT8:DA5DC6_CC   B 7  ? C 6  ? B 8  ? C 5  ? 
1 B DT 8  1_555 C DA 5  1_555 B DT 9  1_555 C DA 4  1_555 -0.187 -0.337 3.292 1.909  3.461  29.593 -1.373 0.759  3.215 6.739  
-3.717 29.850 8  BB_DT8DT9:DA4DA5_CC   B 8  ? C 5  ? B 9  ? C 4  ? 
1 B DT 9  1_555 C DA 4  1_555 B DG 10 1_555 C DC 3  1_555 0.206  1.700  3.343 -2.277 -0.268 45.613 2.215  -0.468 3.320 -0.345 
2.935  45.667 9  BB_DT9DG10:DC3DA4_CC  B 9  ? C 4  ? B 10 ? C 3  ? 
1 B DG 10 1_555 C DC 3  1_555 B DG 11 1_555 C DC 2  1_555 -0.269 0.233  3.194 -2.230 5.282  29.618 -0.613 0.070  3.198 10.212 
4.311  30.156 10 BB_DG10DG11:DC2DC3_CC B 10 ? C 3  ? B 11 ? C 2  ? 
1 B DG 11 1_555 C DC 2  1_555 B DC 12 1_555 C DG 1  1_555 0.737  -0.566 3.495 4.236  -0.431 35.379 -0.858 -0.539 3.563 -0.706 
-6.940 35.626 11 BB_DG11DC12:DG1DC2_CC B 11 ? C 2  ? B 12 ? C 1  ? 
# 
loop_
_pdbx_entity_nonpoly.entity_id 
_pdbx_entity_nonpoly.name 
_pdbx_entity_nonpoly.comp_id 
3 'ZINC ION'              ZN  
4 'DI(HYDROXYETHYL)ETHER' PEG 
5 'PHOSPHATE ION'         PO4 
6 water                   HOH 
# 
_pdbx_initial_refinement_model.id               1 
_pdbx_initial_refinement_model.entity_id_list   ? 
_pdbx_initial_refinement_model.type             'experimental model' 
_pdbx_initial_refinement_model.source_name      PDB 
_pdbx_initial_refinement_model.accession_code   3QMB 
_pdbx_initial_refinement_model.details          ? 
# 
